data_5X7R
#
_entry.id   5X7R
#
_cell.length_a   184.333
_cell.length_b   271.260
_cell.length_c   133.928
_cell.angle_alpha   90.00
_cell.angle_beta   90.00
_cell.angle_gamma   90.00
#
_symmetry.space_group_name_H-M   'C 2 2 21'
#
loop_
_entity.id
_entity.type
_entity.pdbx_description
1 polymer 'Glycoside hydrolase family 31 alpha-glucosidase'
2 branched alpha-D-glucopyranose-(1-6)-alpha-D-glucopyranose-(1-6)-alpha-D-glucopyranose-(1-6)-alpha-D-glucopyranose-(1-6)-beta-D-glucopyranose
3 branched alpha-D-glucopyranose-(1-6)-alpha-D-glucopyranose-(1-6)-alpha-D-glucopyranose
4 branched alpha-D-glucopyranose-(1-4)-alpha-D-glucopyranose
5 branched 4,6-dideoxy-4-{[(1S,4R,5S,6S)-4,5,6-trihydroxy-3-(hydroxymethyl)cyclohex-2-en-1-yl]amino}-alpha-D-glucopyranose-(1-4)-alpha-D-glucopyranose
6 non-polymer 'CALCIUM ION'
7 non-polymer beta-D-glucopyranose
8 non-polymer alpha-D-glucopyranose
9 non-polymer 'NICKEL (II) ION'
10 non-polymer 'MAGNESIUM ION'
11 non-polymer 'SULFATE ION'
12 non-polymer '2-(N-MORPHOLINO)-ETHANESULFONIC ACID'
13 non-polymer 1,2-ETHANEDIOL
14 water water
#
_entity_poly.entity_id   1
_entity_poly.type   'polypeptide(L)'
_entity_poly.pdbx_seq_one_letter_code
;HHHHHHSSGLVPRGSHMAGLGNVTGAVASGDSLTLTLDNGTSASDILELDVLSEELLRVDYRPSGAAPSPSTPMIDPDAS
WDAVGATIDTSGDPIVVTTPRMRIEIARTPARMTIKKADGTTLLWEPASGGVFEDGVRFQRGSTDNIYGIRSFNAQEDVG
GLLRNSSDHPAHAGQQGDAGGPFMWSTAGYGVLVDSDGGYPYTDTTGKLEFYYGGTPTEGRRYTKTNVEYYIMVGEPKEI
MASYAQVTGTAPMLPKWSLGFMNFEWGIDQDELEAHVDGYRARNIPIDAFALDYDWMDYGEDNYGEFRWNTDNFPDAATT
QLKEDMEAEGIRLIGIRKPRIITRDFANQRTQQYYDADSNGYFYPGHNEYTDYFIPVTVRSFDPYQQASRDWWWQHSIDA
FDKGIVGWWNDETDKVDSGSAQYWFGNFSTGFTSQAMYDGQRDYTNDGVRVWQTARSYYPGAQRYATTLWSGDIGTQFYK
GELFNWAPGMQEQPRIMLSSANLGQPKWGMDTGGFNSLGGASGPNPSPELYTRWMQFGAFTPVFRVHGNYNQQRQPWLYG
ATAEEASKAVMHTRYSLLPYMYAYEREASETGLGLIKPLLFDYPNDPQAADYTEAWMFGDWLLVSPVLGEAQHSKQIYLP
AGTWIDYHRGQTYSGGQTIHYPVNADTWTDVPLFVKQGAIIPNQQVLDYVDQQSVTTVNVDIFPSASETSFTYYEDDGSS
YDYESGSSFEQRLAAQDLSSSVRVEVGAGSGSYTPDVQHYVLKIHGRAGSAVTAGGSALTGYGDLQALQAASGSGWASGR
DIYGDVTYVKLPAASGSATVVEVSGSAPSAATHAIYEVEDASRSGATPTTRAGINTNHSGYSGSGFVDKLDVPGAAVTVY
ANAPVSGDYPVELRYANGSGSAKTLSVYVNAARVQQLSLADTGAWSQWGTQTTTLPLTAGQNIITYKYDSDAGDTGGVNL
DYIRVPFAPTQAEYAAESAKLWGGAGTSQDHWFYKGAAFVDNLTGVGAEASFDVYAPSAGTYNLSLRYANGTGSTKTLSA
IVNGGAASTVTLTSPGMNWNLWNEHTMTATLTAGRNTISFRRNSGNSGNVNLDRLAVSASAITTLASERNLLDNGDFERD
TTYNSNWTQWQPSGQPSAFGIDSGNALHPPEGPARRNQRAYFHSDNAYQQSIHQVVDVPVNNATYRLEAKVRMKNTTPTT
ARAEVQGHGGSPIYANISNDGVWKTIVIDNINVTSGSVDVGFYVDSPGYTTLHIDEVTLTRAP
;
_entity_poly.pdbx_strand_id   A,B
#
# COMPACT_ATOMS: atom_id res chain seq x y z
N MET A 17 26.56 30.39 -17.42
CA MET A 17 25.79 31.33 -16.55
C MET A 17 25.90 32.82 -16.92
N ALA A 18 26.66 33.16 -17.97
CA ALA A 18 26.84 34.55 -18.40
C ALA A 18 25.71 35.01 -19.32
N GLY A 19 25.57 36.33 -19.44
CA GLY A 19 24.57 36.94 -20.32
C GLY A 19 25.03 37.02 -21.75
N LEU A 20 24.14 37.45 -22.64
CA LEU A 20 24.47 37.63 -24.06
C LEU A 20 25.54 38.69 -24.27
N GLY A 21 26.25 38.57 -25.39
CA GLY A 21 27.27 39.54 -25.76
C GLY A 21 26.67 40.62 -26.63
N ASN A 22 27.55 41.35 -27.30
CA ASN A 22 27.15 42.55 -28.03
C ASN A 22 26.38 42.17 -29.29
N VAL A 23 25.40 42.99 -29.65
CA VAL A 23 24.76 42.89 -30.96
C VAL A 23 25.84 43.29 -31.98
N THR A 24 26.07 42.41 -32.97
CA THR A 24 26.94 42.70 -34.11
C THR A 24 26.16 42.77 -35.43
N GLY A 25 24.86 42.44 -35.39
CA GLY A 25 24.00 42.50 -36.58
C GLY A 25 22.52 42.43 -36.21
N ALA A 26 21.69 43.14 -36.97
CA ALA A 26 20.25 43.24 -36.72
C ALA A 26 19.50 43.36 -38.04
N VAL A 27 18.77 42.30 -38.39
CA VAL A 27 18.01 42.25 -39.63
C VAL A 27 16.52 42.26 -39.32
N ALA A 28 15.86 43.37 -39.66
CA ALA A 28 14.42 43.50 -39.52
C ALA A 28 13.75 43.02 -40.79
N SER A 29 12.63 42.31 -40.64
CA SER A 29 11.80 41.91 -41.78
C SER A 29 10.38 41.63 -41.28
N GLY A 30 9.40 42.34 -41.84
CA GLY A 30 8.02 42.32 -41.34
C GLY A 30 7.95 42.47 -39.82
N ASP A 31 7.32 41.49 -39.18
CA ASP A 31 7.19 41.43 -37.72
C ASP A 31 8.34 40.67 -37.01
N SER A 32 9.38 40.29 -37.73
CA SER A 32 10.54 39.58 -37.15
C SER A 32 11.79 40.47 -37.11
N LEU A 33 12.58 40.25 -36.07
CA LEU A 33 13.88 40.87 -35.89
C LEU A 33 14.88 39.77 -35.54
N THR A 34 15.92 39.60 -36.35
CA THR A 34 16.97 38.60 -36.11
C THR A 34 18.26 39.30 -35.69
N LEU A 35 18.70 39.03 -34.47
CA LEU A 35 19.93 39.60 -33.95
C LEU A 35 21.05 38.56 -33.94
N THR A 36 22.23 39.01 -34.32
CA THR A 36 23.44 38.21 -34.24
C THR A 36 24.24 38.78 -33.08
N LEU A 37 24.66 37.92 -32.15
CA LEU A 37 25.34 38.35 -30.93
C LEU A 37 26.74 37.76 -30.86
N ASP A 38 27.68 38.58 -30.41
CA ASP A 38 29.07 38.16 -30.28
C ASP A 38 29.21 37.17 -29.14
N ASN A 39 29.87 36.05 -29.39
CA ASN A 39 30.25 35.10 -28.34
C ASN A 39 31.74 34.70 -28.39
N GLY A 40 32.56 35.46 -29.12
CA GLY A 40 33.97 35.13 -29.33
C GLY A 40 34.27 34.33 -30.61
N THR A 41 33.36 33.45 -31.00
CA THR A 41 33.65 32.43 -32.02
C THR A 41 33.14 32.85 -33.37
N SER A 42 33.48 32.06 -34.38
CA SER A 42 32.97 32.27 -35.75
C SER A 42 31.48 31.91 -35.88
N ALA A 43 30.98 31.06 -34.97
CA ALA A 43 29.55 30.70 -34.92
C ALA A 43 28.84 31.55 -33.86
N SER A 44 28.40 32.73 -34.29
CA SER A 44 27.74 33.70 -33.40
C SER A 44 26.36 33.22 -32.93
N ASP A 45 25.96 33.71 -31.75
CA ASP A 45 24.62 33.45 -31.21
C ASP A 45 23.56 34.14 -32.09
N ILE A 46 22.36 33.55 -32.13
CA ILE A 46 21.21 34.11 -32.83
C ILE A 46 20.08 34.30 -31.82
N LEU A 47 19.42 35.46 -31.88
CA LEU A 47 18.22 35.75 -31.08
C LEU A 47 17.13 36.23 -32.05
N GLU A 48 16.14 35.37 -32.32
CA GLU A 48 15.03 35.72 -33.19
C GLU A 48 13.84 36.23 -32.38
N LEU A 49 13.41 37.46 -32.64
CA LEU A 49 12.20 38.03 -32.07
C LEU A 49 11.11 38.00 -33.13
N ASP A 50 9.92 37.54 -32.77
CA ASP A 50 8.75 37.59 -33.65
C ASP A 50 7.58 38.20 -32.90
N VAL A 51 7.06 39.31 -33.44
CA VAL A 51 5.86 39.95 -32.90
C VAL A 51 4.66 39.20 -33.47
N LEU A 52 4.00 38.44 -32.59
CA LEU A 52 2.90 37.56 -33.00
C LEU A 52 1.58 38.30 -33.04
N SER A 53 1.36 39.15 -32.03
CA SER A 53 0.19 40.00 -31.95
C SER A 53 0.70 41.30 -31.38
N GLU A 54 -0.16 42.31 -31.34
CA GLU A 54 0.20 43.59 -30.71
C GLU A 54 0.69 43.47 -29.26
N GLU A 55 0.29 42.42 -28.56
CA GLU A 55 0.69 42.24 -27.15
C GLU A 55 1.36 40.88 -26.81
N LEU A 56 1.94 40.23 -27.82
CA LEU A 56 2.57 38.91 -27.66
C LEU A 56 3.85 38.87 -28.52
N LEU A 57 4.98 38.68 -27.84
CA LEU A 57 6.31 38.56 -28.45
C LEU A 57 6.85 37.16 -28.23
N ARG A 58 7.28 36.50 -29.32
CA ARG A 58 8.05 35.26 -29.26
C ARG A 58 9.55 35.57 -29.33
N VAL A 59 10.34 34.94 -28.47
CA VAL A 59 11.80 35.07 -28.48
C VAL A 59 12.39 33.67 -28.60
N ASP A 60 13.35 33.51 -29.51
CA ASP A 60 14.03 32.23 -29.72
C ASP A 60 15.55 32.46 -29.69
N TYR A 61 16.18 32.05 -28.59
CA TYR A 61 17.62 32.15 -28.43
C TYR A 61 18.26 30.84 -28.90
N ARG A 62 19.16 30.94 -29.87
CA ARG A 62 19.83 29.80 -30.47
C ARG A 62 21.33 29.95 -30.26
N PRO A 63 21.89 29.30 -29.21
CA PRO A 63 23.33 29.38 -28.97
C PRO A 63 24.14 28.95 -30.20
N SER A 64 25.14 29.76 -30.57
CA SER A 64 26.00 29.51 -31.73
C SER A 64 25.24 29.36 -33.04
N GLY A 65 24.04 29.95 -33.12
CA GLY A 65 23.22 29.85 -34.32
C GLY A 65 22.73 28.48 -34.73
N ALA A 66 22.84 27.49 -33.85
CA ALA A 66 22.41 26.12 -34.18
C ALA A 66 20.90 26.10 -34.43
N ALA A 67 20.45 25.12 -35.23
CA ALA A 67 19.02 24.97 -35.51
C ALA A 67 18.26 24.71 -34.19
N PRO A 68 17.03 25.24 -34.09
CA PRO A 68 16.27 24.99 -32.85
C PRO A 68 15.80 23.54 -32.75
N SER A 69 15.71 23.02 -31.53
CA SER A 69 15.11 21.70 -31.29
C SER A 69 13.61 21.79 -31.57
N PRO A 70 12.94 20.64 -31.74
CA PRO A 70 11.48 20.71 -31.85
C PRO A 70 10.84 21.29 -30.57
N SER A 71 9.77 22.06 -30.75
CA SER A 71 9.00 22.58 -29.64
C SER A 71 8.33 21.42 -28.90
N THR A 72 8.17 21.56 -27.57
CA THR A 72 7.48 20.50 -26.78
C THR A 72 5.99 20.51 -27.11
N PRO A 73 5.24 19.50 -26.60
CA PRO A 73 3.80 19.54 -26.76
C PRO A 73 3.06 20.67 -26.04
N MET A 74 3.75 21.53 -25.28
CA MET A 74 3.16 22.75 -24.77
C MET A 74 2.57 23.61 -25.86
N ILE A 75 3.29 23.69 -26.98
CA ILE A 75 2.98 24.64 -28.03
C ILE A 75 1.93 24.06 -28.94
N ASP A 76 0.93 24.87 -29.28
CA ASP A 76 -0.10 24.43 -30.22
C ASP A 76 0.58 24.33 -31.58
N PRO A 77 0.65 23.10 -32.16
CA PRO A 77 1.36 23.01 -33.43
C PRO A 77 0.66 23.74 -34.57
N ASP A 78 -0.64 24.02 -34.42
CA ASP A 78 -1.42 24.76 -35.42
C ASP A 78 -1.59 26.26 -35.14
N ALA A 79 -0.88 26.80 -34.14
CA ALA A 79 -1.06 28.21 -33.78
C ALA A 79 -0.76 29.14 -34.97
N SER A 80 -1.52 30.23 -35.06
CA SER A 80 -1.54 31.08 -36.23
C SER A 80 -2.01 32.48 -35.86
N TRP A 81 -1.26 33.49 -36.32
CA TRP A 81 -1.59 34.89 -36.06
C TRP A 81 -1.61 35.71 -37.36
N ASP A 82 -2.52 36.69 -37.40
CA ASP A 82 -2.54 37.72 -38.45
C ASP A 82 -1.27 38.57 -38.34
N ALA A 83 -0.87 39.19 -39.45
CA ALA A 83 0.24 40.14 -39.45
C ALA A 83 -0.07 41.32 -38.54
N VAL A 84 0.93 41.78 -37.82
CA VAL A 84 0.78 42.87 -36.85
C VAL A 84 1.14 44.23 -37.47
N GLY A 85 2.18 44.27 -38.31
CA GLY A 85 2.71 45.52 -38.83
C GLY A 85 3.44 46.33 -37.76
N ALA A 86 4.28 45.66 -37.00
CA ALA A 86 5.06 46.30 -35.94
C ALA A 86 6.18 47.13 -36.54
N THR A 87 6.58 48.18 -35.83
CA THR A 87 7.65 49.07 -36.25
C THR A 87 8.93 48.61 -35.59
N ILE A 88 9.96 48.34 -36.39
CA ILE A 88 11.26 47.89 -35.91
C ILE A 88 12.30 48.91 -36.34
N ASP A 89 12.90 49.57 -35.36
CA ASP A 89 13.90 50.61 -35.59
C ASP A 89 15.27 50.09 -35.13
N THR A 90 16.08 49.67 -36.10
CA THR A 90 17.46 49.23 -35.86
C THR A 90 18.51 50.35 -36.00
N SER A 91 18.09 51.56 -36.37
CA SER A 91 19.02 52.66 -36.65
C SER A 91 19.84 53.17 -35.44
N GLY A 92 19.40 52.89 -34.21
CA GLY A 92 20.09 53.39 -33.01
C GLY A 92 20.34 52.37 -31.91
N ASP A 93 20.70 52.87 -30.73
CA ASP A 93 20.89 52.08 -29.52
C ASP A 93 20.03 52.70 -28.41
N PRO A 94 19.01 51.96 -27.92
CA PRO A 94 18.62 50.58 -28.25
C PRO A 94 17.92 50.44 -29.58
N ILE A 95 17.91 49.21 -30.10
CA ILE A 95 16.99 48.80 -31.16
C ILE A 95 15.59 48.85 -30.54
N VAL A 96 14.55 49.18 -31.34
CA VAL A 96 13.20 49.40 -30.79
C VAL A 96 12.13 48.72 -31.65
N VAL A 97 11.34 47.85 -31.04
CA VAL A 97 10.16 47.24 -31.69
C VAL A 97 8.93 47.84 -31.02
N THR A 98 8.02 48.46 -31.77
CA THR A 98 6.80 49.01 -31.18
C THR A 98 5.56 48.46 -31.81
N THR A 99 4.50 48.40 -31.00
CA THR A 99 3.15 48.12 -31.43
C THR A 99 2.29 49.14 -30.70
N PRO A 100 0.98 49.17 -30.99
CA PRO A 100 0.09 50.02 -30.19
C PRO A 100 -0.01 49.62 -28.70
N ARG A 101 0.38 48.40 -28.35
CA ARG A 101 0.29 47.92 -26.95
C ARG A 101 1.62 47.72 -26.22
N MET A 102 2.73 47.58 -26.94
CA MET A 102 4.02 47.42 -26.25
C MET A 102 5.19 48.04 -27.01
N ARG A 103 6.26 48.27 -26.25
CA ARG A 103 7.52 48.79 -26.76
C ARG A 103 8.64 47.88 -26.24
N ILE A 104 9.32 47.18 -27.15
CA ILE A 104 10.44 46.30 -26.78
C ILE A 104 11.74 47.02 -27.13
N GLU A 105 12.65 47.16 -26.15
CA GLU A 105 13.96 47.76 -26.39
C GLU A 105 15.03 46.69 -26.23
N ILE A 106 15.98 46.63 -27.17
CA ILE A 106 17.16 45.78 -27.02
C ILE A 106 18.39 46.68 -27.08
N ALA A 107 19.06 46.85 -25.94
CA ALA A 107 20.35 47.51 -25.87
C ALA A 107 21.37 46.68 -26.66
N ARG A 108 22.38 47.33 -27.21
CA ARG A 108 23.31 46.66 -28.14
C ARG A 108 24.54 46.09 -27.44
N THR A 109 24.98 46.71 -26.35
CA THR A 109 26.29 46.44 -25.78
C THR A 109 26.30 46.40 -24.24
N PRO A 110 26.09 45.21 -23.64
CA PRO A 110 25.73 43.92 -24.23
C PRO A 110 24.23 43.87 -24.52
N ALA A 111 23.79 42.82 -25.22
CA ALA A 111 22.39 42.71 -25.63
C ALA A 111 21.51 42.41 -24.43
N ARG A 112 20.60 43.34 -24.13
CA ARG A 112 19.64 43.19 -23.03
C ARG A 112 18.30 43.72 -23.43
N MET A 113 17.25 42.94 -23.20
CA MET A 113 15.89 43.30 -23.55
C MET A 113 15.16 44.01 -22.42
N THR A 114 14.47 45.10 -22.75
CA THR A 114 13.57 45.77 -21.80
C THR A 114 12.20 45.81 -22.43
N ILE A 115 11.19 45.40 -21.67
CA ILE A 115 9.80 45.35 -22.15
C ILE A 115 9.00 46.41 -21.43
N LYS A 116 8.32 47.22 -22.24
CA LYS A 116 7.50 48.32 -21.77
C LYS A 116 6.14 48.29 -22.41
N LYS A 117 5.20 48.97 -21.76
CA LYS A 117 3.94 49.34 -22.39
C LYS A 117 4.21 50.36 -23.49
N ALA A 118 3.28 50.48 -24.43
CA ALA A 118 3.34 51.51 -25.48
C ALA A 118 3.59 52.90 -24.88
N ASP A 119 3.05 53.15 -23.69
CA ASP A 119 3.17 54.45 -23.03
C ASP A 119 4.47 54.67 -22.26
N GLY A 120 5.41 53.72 -22.36
CA GLY A 120 6.74 53.86 -21.77
C GLY A 120 6.90 53.24 -20.38
N THR A 121 5.83 52.78 -19.74
CA THR A 121 5.97 52.16 -18.42
C THR A 121 6.79 50.88 -18.53
N THR A 122 7.82 50.79 -17.70
CA THR A 122 8.70 49.64 -17.68
C THR A 122 8.01 48.48 -16.95
N LEU A 123 7.84 47.35 -17.66
CA LEU A 123 7.27 46.13 -17.08
C LEU A 123 8.33 45.17 -16.56
N LEU A 124 9.24 44.74 -17.44
CA LEU A 124 10.36 43.94 -17.01
C LEU A 124 11.55 44.04 -17.95
N TRP A 125 12.70 43.62 -17.44
CA TRP A 125 13.96 43.75 -18.17
C TRP A 125 14.98 42.72 -17.74
N GLU A 126 15.95 42.51 -18.62
CA GLU A 126 17.06 41.60 -18.34
C GLU A 126 18.13 42.40 -17.64
N PRO A 127 18.56 41.96 -16.43
CA PRO A 127 19.55 42.77 -15.71
C PRO A 127 20.94 42.74 -16.37
N ALA A 128 21.78 43.71 -16.01
CA ALA A 128 23.13 43.80 -16.53
C ALA A 128 23.87 42.47 -16.35
N SER A 129 23.70 41.85 -15.18
CA SER A 129 24.33 40.58 -14.84
C SER A 129 24.03 39.43 -15.81
N GLY A 130 22.89 39.47 -16.49
CA GLY A 130 22.53 38.42 -17.44
C GLY A 130 21.03 38.20 -17.55
N GLY A 131 20.55 38.04 -18.79
CA GLY A 131 19.18 37.66 -19.08
C GLY A 131 19.14 36.26 -19.64
N VAL A 132 18.62 36.11 -20.85
CA VAL A 132 18.56 34.82 -21.51
C VAL A 132 19.96 34.20 -21.62
N PHE A 133 20.01 32.88 -21.54
CA PHE A 133 21.24 32.13 -21.66
C PHE A 133 20.87 30.71 -22.06
N GLU A 134 21.87 29.86 -22.23
CA GLU A 134 21.66 28.54 -22.84
C GLU A 134 20.66 27.64 -22.09
N ASP A 135 20.52 27.82 -20.77
CA ASP A 135 19.58 27.02 -19.98
C ASP A 135 18.48 27.83 -19.26
N GLY A 136 18.09 28.98 -19.83
CA GLY A 136 16.88 29.66 -19.36
C GLY A 136 16.78 31.15 -19.59
N VAL A 137 15.87 31.78 -18.85
CA VAL A 137 15.56 33.20 -18.92
C VAL A 137 15.65 33.82 -17.55
N ARG A 138 16.06 35.07 -17.50
CA ARG A 138 16.23 35.79 -16.24
C ARG A 138 15.79 37.21 -16.44
N PHE A 139 14.79 37.62 -15.67
CA PHE A 139 14.26 38.98 -15.73
C PHE A 139 14.28 39.60 -14.35
N GLN A 140 14.19 40.92 -14.36
CA GLN A 140 13.99 41.73 -13.17
C GLN A 140 12.70 42.53 -13.43
N ARG A 141 11.93 42.76 -12.37
CA ARG A 141 10.69 43.54 -12.46
C ARG A 141 10.46 44.25 -11.13
N GLY A 142 9.36 45.00 -11.03
CA GLY A 142 8.98 45.65 -9.77
C GLY A 142 8.91 44.64 -8.64
N SER A 143 9.59 44.95 -7.54
CA SER A 143 9.67 44.03 -6.41
C SER A 143 8.32 43.83 -5.69
N THR A 144 7.41 44.79 -5.82
CA THR A 144 6.06 44.70 -5.25
C THR A 144 5.03 44.12 -6.23
N ASP A 145 5.44 43.73 -7.44
CA ASP A 145 4.51 43.09 -8.38
C ASP A 145 4.05 41.77 -7.80
N ASN A 146 2.78 41.47 -8.00
CA ASN A 146 2.22 40.19 -7.61
C ASN A 146 2.33 39.21 -8.77
N ILE A 147 2.95 38.06 -8.50
CA ILE A 147 3.19 37.03 -9.51
C ILE A 147 2.19 35.88 -9.31
N TYR A 148 1.76 35.28 -10.42
CA TYR A 148 0.80 34.18 -10.43
C TYR A 148 1.26 33.12 -11.40
N GLY A 149 0.64 31.94 -11.32
CA GLY A 149 0.96 30.80 -12.17
C GLY A 149 1.88 29.81 -11.48
N ILE A 150 2.73 29.17 -12.26
CA ILE A 150 3.78 28.23 -11.83
C ILE A 150 3.26 26.89 -11.33
N ARG A 151 2.37 26.93 -10.35
CA ARG A 151 2.01 25.74 -9.57
C ARG A 151 0.65 25.90 -8.92
N SER A 152 0.08 24.74 -8.57
CA SER A 152 -1.09 24.61 -7.73
C SER A 152 -0.69 23.68 -6.56
N PHE A 153 -1.68 22.99 -5.98
CA PHE A 153 -1.44 22.15 -4.81
C PHE A 153 -2.19 20.84 -4.98
N ASN A 154 -1.59 19.75 -4.49
CA ASN A 154 -2.18 18.42 -4.68
C ASN A 154 -2.92 17.96 -3.42
N ALA A 155 -3.57 16.81 -3.50
CA ALA A 155 -4.40 16.31 -2.39
C ALA A 155 -3.60 15.70 -1.23
N GLN A 156 -2.26 15.83 -1.26
CA GLN A 156 -1.41 15.42 -0.13
C GLN A 156 -0.55 16.57 0.39
N GLU A 157 -0.84 17.79 -0.04
CA GLU A 157 0.00 18.96 0.25
C GLU A 157 -0.71 19.94 1.14
N ASP A 158 0.07 20.71 1.89
CA ASP A 158 -0.40 21.97 2.46
C ASP A 158 -0.82 22.86 1.29
N VAL A 159 -1.97 23.50 1.41
CA VAL A 159 -2.52 24.35 0.36
C VAL A 159 -2.27 25.81 0.70
N GLY A 160 -1.41 26.43 -0.10
CA GLY A 160 -1.16 27.87 -0.03
C GLY A 160 -2.21 28.70 -0.78
N GLY A 161 -1.81 29.90 -1.20
CA GLY A 161 -2.72 30.85 -1.81
C GLY A 161 -2.44 30.92 -3.31
N LEU A 162 -2.72 32.08 -3.88
CA LEU A 162 -2.54 32.33 -5.30
C LEU A 162 -1.19 32.95 -5.64
N LEU A 163 -0.68 33.78 -4.72
CA LEU A 163 0.56 34.52 -4.94
C LEU A 163 1.77 33.60 -5.06
N ARG A 164 2.69 33.98 -5.93
CA ARG A 164 3.91 33.24 -6.17
C ARG A 164 5.08 34.23 -6.11
N ASN A 165 5.11 35.02 -5.04
CA ASN A 165 6.05 36.15 -4.91
C ASN A 165 7.41 35.73 -4.40
N SER A 166 7.48 34.55 -3.77
CA SER A 166 8.73 33.95 -3.30
C SER A 166 8.74 32.47 -3.63
N SER A 167 8.71 32.12 -4.92
CA SER A 167 8.50 30.73 -5.33
C SER A 167 9.78 30.09 -5.86
N ASP A 168 10.07 28.88 -5.41
CA ASP A 168 11.06 27.99 -6.05
C ASP A 168 10.53 26.59 -6.35
N HIS A 169 9.21 26.40 -6.28
CA HIS A 169 8.59 25.10 -6.64
C HIS A 169 8.85 24.81 -8.13
N PRO A 170 9.20 23.55 -8.50
CA PRO A 170 9.34 23.25 -9.93
C PRO A 170 8.05 23.38 -10.74
N ALA A 171 8.22 23.57 -12.05
CA ALA A 171 7.14 23.52 -13.02
C ALA A 171 6.95 22.06 -13.43
N HIS A 172 5.81 21.49 -13.03
CA HIS A 172 5.49 20.10 -13.35
C HIS A 172 3.97 19.88 -13.39
N ALA A 173 3.53 18.83 -14.08
CA ALA A 173 2.15 18.38 -14.01
C ALA A 173 1.83 17.92 -12.59
N GLY A 174 2.79 17.24 -11.95
CA GLY A 174 2.66 16.78 -10.56
C GLY A 174 1.74 15.59 -10.46
N GLN A 175 1.14 15.40 -9.28
CA GLN A 175 0.21 14.29 -9.04
C GLN A 175 -0.99 14.76 -8.22
N GLN A 176 -2.01 13.92 -8.16
CA GLN A 176 -3.12 14.08 -7.21
C GLN A 176 -3.75 15.49 -7.20
N GLY A 177 -4.11 15.96 -8.39
CA GLY A 177 -4.82 17.23 -8.57
C GLY A 177 -3.92 18.44 -8.76
N ASP A 178 -2.60 18.23 -8.76
CA ASP A 178 -1.64 19.31 -9.01
C ASP A 178 -1.75 19.80 -10.45
N ALA A 179 -1.24 21.00 -10.64
CA ALA A 179 -1.13 21.61 -11.95
C ALA A 179 0.08 22.48 -11.88
N GLY A 180 0.73 22.68 -13.01
CA GLY A 180 1.87 23.56 -13.05
C GLY A 180 2.40 23.75 -14.44
N GLY A 181 3.38 24.62 -14.56
CA GLY A 181 3.99 24.90 -15.86
C GLY A 181 4.92 26.07 -15.84
N PRO A 182 5.72 26.24 -16.91
CA PRO A 182 6.65 27.38 -17.00
C PRO A 182 5.91 28.64 -17.46
N PHE A 183 4.99 29.10 -16.62
CA PHE A 183 4.10 30.22 -16.93
C PHE A 183 4.06 31.03 -15.65
N MET A 184 4.63 32.24 -15.73
CA MET A 184 4.70 33.18 -14.61
C MET A 184 4.15 34.49 -15.12
N TRP A 185 3.12 35.01 -14.47
CA TRP A 185 2.56 36.29 -14.90
C TRP A 185 2.19 37.18 -13.73
N SER A 186 1.94 38.44 -14.03
CA SER A 186 1.67 39.46 -13.01
C SER A 186 0.47 40.32 -13.35
N THR A 187 -0.25 40.73 -12.31
CA THR A 187 -1.28 41.75 -12.44
C THR A 187 -0.70 43.14 -12.74
N ALA A 188 0.63 43.29 -12.60
CA ALA A 188 1.33 44.51 -13.02
C ALA A 188 1.46 44.65 -14.54
N GLY A 189 1.01 43.66 -15.30
CA GLY A 189 0.76 43.83 -16.73
C GLY A 189 1.62 43.05 -17.71
N TYR A 190 2.22 41.94 -17.29
CA TYR A 190 3.09 41.14 -18.16
C TYR A 190 3.01 39.66 -17.82
N GLY A 191 3.36 38.82 -18.79
CA GLY A 191 3.48 37.39 -18.59
C GLY A 191 4.65 36.81 -19.34
N VAL A 192 5.19 35.72 -18.82
CA VAL A 192 6.33 35.01 -19.41
C VAL A 192 5.98 33.53 -19.46
N LEU A 193 6.05 32.97 -20.67
CA LEU A 193 5.83 31.55 -20.89
C LEU A 193 7.05 30.94 -21.58
N VAL A 194 7.64 29.90 -20.98
CA VAL A 194 8.82 29.24 -21.57
C VAL A 194 8.41 27.85 -22.05
N ASP A 195 8.74 27.53 -23.30
CA ASP A 195 8.54 26.16 -23.78
C ASP A 195 9.56 25.22 -23.14
N SER A 196 9.08 24.26 -22.35
CA SER A 196 9.97 23.38 -21.59
C SER A 196 9.25 22.13 -21.07
N ASP A 197 10.01 21.04 -20.93
CA ASP A 197 9.55 19.83 -20.30
C ASP A 197 10.08 19.89 -18.87
N GLY A 198 9.24 20.40 -17.98
CA GLY A 198 9.62 20.64 -16.61
C GLY A 198 10.59 21.80 -16.50
N GLY A 199 11.24 21.91 -15.35
CA GLY A 199 12.13 23.04 -15.06
C GLY A 199 11.80 23.76 -13.78
N TYR A 200 12.47 24.89 -13.58
CA TYR A 200 12.61 25.50 -12.24
C TYR A 200 12.37 27.01 -12.33
N PRO A 201 11.10 27.44 -12.18
CA PRO A 201 10.82 28.87 -12.09
C PRO A 201 11.31 29.41 -10.77
N TYR A 202 11.74 30.66 -10.76
CA TYR A 202 12.20 31.28 -9.52
C TYR A 202 11.73 32.71 -9.45
N THR A 203 11.16 33.06 -8.31
CA THR A 203 10.79 34.44 -8.00
C THR A 203 11.25 34.77 -6.60
N ASP A 204 11.51 36.05 -6.35
CA ASP A 204 11.69 36.56 -4.99
C ASP A 204 11.27 38.01 -4.91
N THR A 205 11.15 38.51 -3.69
CA THR A 205 10.70 39.87 -3.42
C THR A 205 11.78 40.94 -3.62
N THR A 206 12.94 40.59 -4.20
CA THR A 206 13.86 41.61 -4.74
C THR A 206 13.49 41.96 -6.18
N GLY A 207 12.55 41.22 -6.77
CA GLY A 207 12.05 41.48 -8.13
C GLY A 207 12.49 40.50 -9.20
N LYS A 208 13.10 39.37 -8.80
CA LYS A 208 13.57 38.39 -9.77
C LYS A 208 12.39 37.59 -10.32
N LEU A 209 12.49 37.28 -11.61
CA LEU A 209 11.52 36.48 -12.34
C LEU A 209 12.34 35.65 -13.32
N GLU A 210 12.63 34.41 -12.95
CA GLU A 210 13.58 33.57 -13.67
C GLU A 210 13.02 32.19 -13.96
N PHE A 211 13.59 31.53 -14.96
CA PHE A 211 13.28 30.15 -15.26
C PHE A 211 14.53 29.42 -15.77
N TYR A 212 14.80 28.26 -15.17
CA TYR A 212 15.95 27.41 -15.47
C TYR A 212 15.48 26.03 -15.93
N TYR A 213 16.06 25.53 -17.02
CA TYR A 213 15.87 24.15 -17.39
C TYR A 213 16.29 23.18 -16.28
N GLY A 214 17.45 23.46 -15.70
CA GLY A 214 18.03 22.62 -14.65
C GLY A 214 18.33 21.21 -15.10
N GLY A 215 18.65 20.36 -14.13
CA GLY A 215 18.83 18.94 -14.38
C GLY A 215 17.51 18.24 -14.59
N THR A 216 17.58 16.96 -14.96
CA THR A 216 16.39 16.15 -15.18
C THR A 216 15.51 16.20 -13.94
N PRO A 217 14.24 16.59 -14.10
CA PRO A 217 13.42 16.62 -12.90
C PRO A 217 12.94 15.24 -12.48
N THR A 218 12.35 15.17 -11.30
CA THR A 218 11.82 13.90 -10.75
C THR A 218 10.98 13.12 -11.76
N GLU A 219 10.12 13.84 -12.48
CA GLU A 219 9.23 13.23 -13.47
C GLU A 219 9.89 12.78 -14.79
N GLY A 220 11.20 12.98 -14.91
CA GLY A 220 11.90 12.73 -16.15
C GLY A 220 11.78 13.89 -17.11
N ARG A 221 12.54 13.80 -18.19
CA ARG A 221 12.48 14.78 -19.27
C ARG A 221 12.68 14.04 -20.59
N ARG A 222 11.67 14.06 -21.46
CA ARG A 222 11.72 13.39 -22.75
C ARG A 222 11.77 14.35 -23.92
N TYR A 223 11.61 15.65 -23.66
CA TYR A 223 11.75 16.66 -24.69
C TYR A 223 12.86 17.56 -24.23
N THR A 224 13.99 17.47 -24.93
CA THR A 224 15.15 18.29 -24.61
C THR A 224 15.27 19.42 -25.65
N LYS A 225 15.63 20.62 -25.19
CA LYS A 225 15.72 21.81 -26.05
C LYS A 225 17.14 22.39 -25.96
N THR A 226 17.81 22.55 -27.10
CA THR A 226 19.11 23.24 -27.14
C THR A 226 18.96 24.76 -27.21
N ASN A 227 17.92 25.20 -27.92
CA ASN A 227 17.49 26.59 -27.89
C ASN A 227 16.63 26.95 -26.64
N VAL A 228 16.37 28.25 -26.48
CA VAL A 228 15.37 28.73 -25.50
C VAL A 228 14.30 29.52 -26.24
N GLU A 229 13.10 28.94 -26.29
CA GLU A 229 11.94 29.51 -26.94
C GLU A 229 11.05 30.00 -25.82
N TYR A 230 10.75 31.30 -25.80
CA TYR A 230 9.83 31.85 -24.81
C TYR A 230 8.94 32.95 -25.37
N TYR A 231 7.91 33.30 -24.58
CA TYR A 231 6.88 34.25 -25.01
C TYR A 231 6.67 35.30 -23.92
N ILE A 232 6.56 36.55 -24.35
CA ILE A 232 6.32 37.68 -23.45
C ILE A 232 4.95 38.24 -23.84
N MET A 233 4.05 38.29 -22.85
CA MET A 233 2.69 38.80 -22.98
C MET A 233 2.62 40.13 -22.28
N VAL A 234 1.87 41.07 -22.85
CA VAL A 234 1.59 42.34 -22.20
C VAL A 234 0.07 42.53 -22.11
N GLY A 235 -0.41 43.00 -20.97
CA GLY A 235 -1.83 43.29 -20.80
C GLY A 235 -2.36 42.97 -19.42
N GLU A 236 -3.66 43.17 -19.27
CA GLU A 236 -4.41 42.81 -18.07
C GLU A 236 -4.57 41.28 -18.03
N PRO A 237 -4.97 40.74 -16.87
CA PRO A 237 -4.96 39.28 -16.72
C PRO A 237 -5.69 38.51 -17.82
N LYS A 238 -6.88 38.97 -18.24
CA LYS A 238 -7.62 38.31 -19.31
C LYS A 238 -6.90 38.31 -20.66
N GLU A 239 -6.14 39.37 -20.93
CA GLU A 239 -5.35 39.47 -22.15
C GLU A 239 -4.16 38.53 -22.10
N ILE A 240 -3.50 38.47 -20.94
CA ILE A 240 -2.43 37.52 -20.71
C ILE A 240 -2.92 36.08 -20.92
N MET A 241 -4.08 35.75 -20.34
CA MET A 241 -4.61 34.40 -20.43
C MET A 241 -5.01 34.04 -21.87
N ALA A 242 -5.55 35.02 -22.60
CA ALA A 242 -5.90 34.80 -24.00
C ALA A 242 -4.66 34.55 -24.84
N SER A 243 -3.59 35.30 -24.58
CA SER A 243 -2.33 35.10 -25.28
C SER A 243 -1.74 33.71 -24.97
N TYR A 244 -1.82 33.30 -23.70
CA TYR A 244 -1.42 31.95 -23.29
C TYR A 244 -2.15 30.88 -24.12
N ALA A 245 -3.45 31.06 -24.29
CA ALA A 245 -4.27 30.12 -25.05
C ALA A 245 -3.97 30.18 -26.55
N GLN A 246 -3.57 31.34 -27.08
CA GLN A 246 -3.13 31.40 -28.49
C GLN A 246 -1.89 30.53 -28.70
N VAL A 247 -0.95 30.60 -27.76
CA VAL A 247 0.31 29.87 -27.87
C VAL A 247 0.15 28.38 -27.59
N THR A 248 -0.51 28.03 -26.49
CA THR A 248 -0.64 26.62 -26.07
C THR A 248 -1.94 25.94 -26.46
N GLY A 249 -2.91 26.73 -26.89
CA GLY A 249 -4.15 26.20 -27.46
C GLY A 249 -5.39 26.56 -26.67
N THR A 250 -6.49 26.78 -27.40
CA THR A 250 -7.78 26.98 -26.76
C THR A 250 -8.35 25.61 -26.42
N ALA A 251 -9.42 25.59 -25.63
CA ALA A 251 -10.07 24.35 -25.23
C ALA A 251 -11.26 24.05 -26.16
N PRO A 252 -11.30 22.86 -26.78
CA PRO A 252 -12.52 22.52 -27.54
C PRO A 252 -13.73 22.45 -26.61
N MET A 253 -14.91 22.76 -27.15
CA MET A 253 -16.13 22.75 -26.36
C MET A 253 -16.49 21.35 -25.94
N LEU A 254 -16.81 21.20 -24.65
CA LEU A 254 -17.24 19.94 -24.09
C LEU A 254 -18.72 19.72 -24.48
N PRO A 255 -19.21 18.48 -24.39
CA PRO A 255 -20.64 18.30 -24.60
C PRO A 255 -21.44 19.13 -23.59
N LYS A 256 -22.59 19.66 -24.00
CA LYS A 256 -23.37 20.53 -23.13
C LYS A 256 -23.77 19.82 -21.83
N TRP A 257 -24.04 18.51 -21.91
CA TRP A 257 -24.40 17.71 -20.73
C TRP A 257 -23.37 17.79 -19.63
N SER A 258 -22.12 18.08 -19.99
CA SER A 258 -21.03 18.20 -19.01
C SER A 258 -21.13 19.39 -18.06
N LEU A 259 -22.02 20.34 -18.35
CA LEU A 259 -22.35 21.42 -17.39
C LEU A 259 -23.34 20.98 -16.32
N GLY A 260 -23.90 19.79 -16.48
CA GLY A 260 -24.82 19.20 -15.51
C GLY A 260 -24.12 18.58 -14.32
N PHE A 261 -24.92 18.11 -13.38
CA PHE A 261 -24.41 17.38 -12.23
C PHE A 261 -24.02 15.98 -12.67
N MET A 262 -22.94 15.47 -12.06
CA MET A 262 -22.49 14.10 -12.31
C MET A 262 -22.27 13.39 -10.98
N ASN A 263 -22.67 12.13 -10.91
CA ASN A 263 -22.45 11.26 -9.75
C ASN A 263 -21.37 10.24 -10.14
N PHE A 264 -20.16 10.41 -9.62
CA PHE A 264 -19.07 9.43 -9.75
C PHE A 264 -19.25 8.41 -8.64
N GLU A 265 -19.03 7.12 -8.93
CA GLU A 265 -19.21 6.10 -7.89
C GLU A 265 -18.36 4.86 -8.12
N TRP A 266 -17.79 4.36 -7.04
CA TRP A 266 -17.05 3.11 -7.01
C TRP A 266 -17.82 2.17 -6.08
N GLY A 267 -18.18 1.01 -6.62
CA GLY A 267 -19.04 0.05 -5.92
C GLY A 267 -20.45 0.28 -6.43
N ILE A 268 -20.75 -0.28 -7.58
CA ILE A 268 -21.99 0.00 -8.30
C ILE A 268 -22.18 -1.08 -9.37
N ASP A 269 -23.44 -1.50 -9.56
CA ASP A 269 -23.82 -2.40 -10.64
C ASP A 269 -25.06 -1.83 -11.32
N GLN A 270 -25.60 -2.54 -12.32
CA GLN A 270 -26.69 -2.00 -13.11
C GLN A 270 -27.95 -1.78 -12.29
N ASP A 271 -28.27 -2.68 -11.36
CA ASP A 271 -29.46 -2.50 -10.53
C ASP A 271 -29.38 -1.24 -9.68
N GLU A 272 -28.22 -1.01 -9.07
CA GLU A 272 -27.99 0.16 -8.22
C GLU A 272 -27.98 1.48 -9.01
N LEU A 273 -27.30 1.47 -10.15
CA LEU A 273 -27.33 2.59 -11.09
C LEU A 273 -28.78 3.01 -11.42
N GLU A 274 -29.59 2.04 -11.83
CA GLU A 274 -31.01 2.27 -12.14
C GLU A 274 -31.79 2.86 -10.95
N ALA A 275 -31.54 2.32 -9.77
CA ALA A 275 -32.14 2.81 -8.55
C ALA A 275 -31.72 4.25 -8.26
N HIS A 276 -30.42 4.52 -8.36
CA HIS A 276 -29.93 5.91 -8.17
C HIS A 276 -30.62 6.88 -9.14
N VAL A 277 -30.61 6.57 -10.43
CA VAL A 277 -31.20 7.45 -11.44
C VAL A 277 -32.71 7.69 -11.15
N ASP A 278 -33.45 6.63 -10.83
CA ASP A 278 -34.85 6.76 -10.40
C ASP A 278 -35.01 7.69 -9.20
N GLY A 279 -34.09 7.60 -8.24
CA GLY A 279 -34.07 8.45 -7.05
C GLY A 279 -33.95 9.93 -7.36
N TYR A 280 -33.03 10.27 -8.27
CA TYR A 280 -32.88 11.63 -8.74
C TYR A 280 -34.14 12.11 -9.49
N ARG A 281 -34.59 11.30 -10.44
CA ARG A 281 -35.70 11.68 -11.31
C ARG A 281 -37.01 11.84 -10.56
N ALA A 282 -37.26 10.96 -9.60
CA ALA A 282 -38.47 11.02 -8.76
C ALA A 282 -38.56 12.32 -7.95
N ARG A 283 -37.40 12.79 -7.49
CA ARG A 283 -37.30 13.99 -6.67
C ARG A 283 -37.07 15.29 -7.49
N ASN A 284 -37.02 15.19 -8.82
CA ASN A 284 -36.71 16.34 -9.68
C ASN A 284 -35.37 16.99 -9.25
N ILE A 285 -34.39 16.16 -8.91
CA ILE A 285 -33.03 16.61 -8.67
C ILE A 285 -32.31 16.41 -9.99
N PRO A 286 -31.92 17.51 -10.67
CA PRO A 286 -31.30 17.29 -11.97
C PRO A 286 -29.97 16.54 -11.90
N ILE A 287 -29.66 15.79 -12.95
CA ILE A 287 -28.43 15.01 -13.08
C ILE A 287 -28.28 14.56 -14.54
N ASP A 288 -27.07 14.71 -15.08
CA ASP A 288 -26.80 14.40 -16.48
C ASP A 288 -25.92 13.18 -16.69
N ALA A 289 -25.14 12.76 -15.68
CA ALA A 289 -24.20 11.66 -15.88
C ALA A 289 -23.84 10.90 -14.62
N PHE A 290 -23.51 9.62 -14.83
CA PHE A 290 -22.92 8.78 -13.85
C PHE A 290 -21.53 8.36 -14.36
N ALA A 291 -20.55 8.39 -13.48
CA ALA A 291 -19.22 7.89 -13.80
C ALA A 291 -19.00 6.63 -13.00
N LEU A 292 -18.54 5.59 -13.69
CA LEU A 292 -18.38 4.25 -13.16
C LEU A 292 -16.91 3.99 -12.98
N ASP A 293 -16.57 3.45 -11.81
CA ASP A 293 -15.19 3.14 -11.42
C ASP A 293 -14.83 1.73 -11.96
N TYR A 294 -13.92 0.99 -11.30
CA TYR A 294 -13.52 -0.39 -11.73
C TYR A 294 -14.70 -1.26 -12.15
N ASP A 295 -15.83 -1.05 -11.46
CA ASP A 295 -17.06 -1.84 -11.66
C ASP A 295 -17.46 -2.00 -13.13
N TRP A 296 -17.21 -0.99 -13.95
CA TRP A 296 -17.71 -1.05 -15.32
C TRP A 296 -16.95 -2.01 -16.24
N MET A 297 -15.71 -2.33 -15.88
CA MET A 297 -14.82 -3.06 -16.80
C MET A 297 -14.32 -4.36 -16.20
N ASP A 298 -13.88 -5.26 -17.07
CA ASP A 298 -13.32 -6.56 -16.63
C ASP A 298 -11.82 -6.44 -16.31
N TYR A 299 -11.50 -5.43 -15.50
CA TYR A 299 -10.15 -5.15 -15.09
C TYR A 299 -9.63 -6.39 -14.35
N GLY A 300 -8.45 -6.85 -14.76
CA GLY A 300 -7.81 -8.04 -14.21
C GLY A 300 -7.80 -9.22 -15.18
N GLU A 301 -8.65 -9.15 -16.21
CA GLU A 301 -8.83 -10.28 -17.13
C GLU A 301 -8.07 -10.13 -18.43
N ASP A 302 -7.89 -11.27 -19.07
CA ASP A 302 -7.21 -11.40 -20.36
C ASP A 302 -8.10 -10.80 -21.45
N ASN A 303 -7.55 -10.71 -22.65
CA ASN A 303 -8.23 -10.24 -23.85
C ASN A 303 -8.76 -8.82 -23.65
N TYR A 304 -7.87 -7.95 -23.17
CA TYR A 304 -8.16 -6.54 -22.97
C TYR A 304 -9.33 -6.28 -22.02
N GLY A 305 -9.34 -7.02 -20.91
CA GLY A 305 -10.37 -6.88 -19.89
C GLY A 305 -10.54 -5.45 -19.37
N GLU A 306 -9.43 -4.71 -19.32
CA GLU A 306 -9.41 -3.31 -18.87
C GLU A 306 -9.96 -2.30 -19.90
N PHE A 307 -10.46 -2.79 -21.03
CA PHE A 307 -11.21 -2.02 -22.02
C PHE A 307 -12.63 -2.55 -22.27
N ARG A 308 -13.01 -3.64 -21.61
CA ARG A 308 -14.21 -4.41 -21.90
C ARG A 308 -15.25 -4.19 -20.81
N TRP A 309 -16.48 -3.91 -21.20
CA TRP A 309 -17.58 -3.86 -20.23
C TRP A 309 -17.70 -5.14 -19.41
N ASN A 310 -17.85 -4.96 -18.10
CA ASN A 310 -18.10 -6.03 -17.16
C ASN A 310 -19.61 -6.31 -17.18
N THR A 311 -19.97 -7.39 -17.85
CA THR A 311 -21.38 -7.78 -18.00
C THR A 311 -21.93 -8.56 -16.80
N ASP A 312 -21.10 -8.87 -15.81
CA ASP A 312 -21.59 -9.39 -14.54
C ASP A 312 -22.19 -8.25 -13.72
N ASN A 313 -21.50 -7.10 -13.70
CA ASN A 313 -22.05 -5.89 -13.07
C ASN A 313 -23.11 -5.18 -13.96
N PHE A 314 -22.90 -5.17 -15.27
CA PHE A 314 -23.74 -4.45 -16.22
C PHE A 314 -24.18 -5.36 -17.38
N PRO A 315 -25.14 -6.27 -17.12
CA PRO A 315 -25.63 -7.23 -18.13
C PRO A 315 -26.05 -6.61 -19.44
N ASP A 316 -26.75 -5.47 -19.39
CA ASP A 316 -27.24 -4.84 -20.61
C ASP A 316 -26.18 -4.12 -21.43
N ALA A 317 -24.97 -4.01 -20.90
CA ALA A 317 -23.79 -3.58 -21.69
C ALA A 317 -23.18 -4.67 -22.58
N ALA A 318 -23.78 -5.87 -22.60
CA ALA A 318 -23.48 -6.86 -23.62
C ALA A 318 -23.77 -6.33 -25.03
N THR A 319 -24.76 -5.44 -25.14
CA THR A 319 -25.09 -4.75 -26.39
C THR A 319 -25.08 -3.25 -26.13
N THR A 320 -25.67 -2.48 -27.05
CA THR A 320 -25.90 -1.05 -26.83
C THR A 320 -27.15 -0.73 -25.99
N GLN A 321 -27.82 -1.74 -25.44
CA GLN A 321 -29.05 -1.54 -24.66
C GLN A 321 -28.88 -0.63 -23.43
N LEU A 322 -27.82 -0.86 -22.66
CA LEU A 322 -27.59 -0.03 -21.46
C LEU A 322 -27.39 1.44 -21.83
N LYS A 323 -26.56 1.68 -22.84
CA LYS A 323 -26.34 3.04 -23.32
C LYS A 323 -27.64 3.74 -23.71
N GLU A 324 -28.43 3.02 -24.51
CA GLU A 324 -29.67 3.55 -25.06
C GLU A 324 -30.76 3.75 -24.03
N ASP A 325 -30.93 2.79 -23.13
CA ASP A 325 -31.86 2.94 -22.02
C ASP A 325 -31.49 4.11 -21.09
N MET A 326 -30.20 4.26 -20.79
CA MET A 326 -29.75 5.38 -19.96
C MET A 326 -29.92 6.71 -20.70
N GLU A 327 -29.54 6.76 -21.96
CA GLU A 327 -29.78 7.97 -22.77
C GLU A 327 -31.25 8.39 -22.77
N ALA A 328 -32.16 7.41 -22.83
CA ALA A 328 -33.60 7.68 -22.75
C ALA A 328 -34.02 8.30 -21.41
N GLU A 329 -33.29 7.98 -20.33
CA GLU A 329 -33.49 8.64 -19.02
C GLU A 329 -32.61 9.88 -18.78
N GLY A 330 -31.93 10.34 -19.82
CA GLY A 330 -31.12 11.54 -19.77
C GLY A 330 -29.76 11.37 -19.08
N ILE A 331 -29.23 10.14 -19.07
CA ILE A 331 -27.98 9.81 -18.37
C ILE A 331 -26.92 9.40 -19.40
N ARG A 332 -25.79 10.10 -19.31
CA ARG A 332 -24.56 9.75 -20.02
C ARG A 332 -23.65 9.02 -19.07
N LEU A 333 -22.86 8.11 -19.61
CA LEU A 333 -21.98 7.30 -18.80
C LEU A 333 -20.52 7.62 -19.06
N ILE A 334 -19.78 7.76 -17.95
CA ILE A 334 -18.36 8.02 -17.92
C ILE A 334 -17.74 6.78 -17.29
N GLY A 335 -16.56 6.40 -17.80
CA GLY A 335 -15.86 5.21 -17.30
C GLY A 335 -14.43 5.52 -16.91
N ILE A 336 -13.99 4.99 -15.76
CA ILE A 336 -12.61 5.19 -15.34
C ILE A 336 -11.64 4.40 -16.24
N ARG A 337 -10.51 5.04 -16.51
CA ARG A 337 -9.41 4.49 -17.31
C ARG A 337 -8.11 4.66 -16.53
N LYS A 338 -7.29 3.62 -16.51
CA LYS A 338 -5.95 3.66 -15.89
C LYS A 338 -4.97 3.46 -17.05
N PRO A 339 -3.90 4.28 -17.15
CA PRO A 339 -2.98 4.19 -18.28
C PRO A 339 -1.98 3.03 -18.09
N ARG A 340 -2.53 1.83 -17.99
CA ARG A 340 -1.77 0.62 -17.77
C ARG A 340 -2.58 -0.54 -18.24
N ILE A 341 -1.90 -1.66 -18.46
CA ILE A 341 -2.53 -2.91 -18.78
C ILE A 341 -2.15 -4.00 -17.77
N ILE A 342 -3.06 -4.95 -17.61
CA ILE A 342 -2.85 -6.15 -16.82
C ILE A 342 -1.95 -7.05 -17.68
N THR A 343 -0.81 -7.45 -17.11
CA THR A 343 0.14 -8.31 -17.82
C THR A 343 0.07 -9.79 -17.40
N ARG A 344 -0.70 -10.09 -16.34
CA ARG A 344 -0.92 -11.45 -15.86
C ARG A 344 -2.38 -11.56 -15.44
N ASP A 345 -3.10 -12.57 -15.91
CA ASP A 345 -4.51 -12.72 -15.52
C ASP A 345 -4.61 -13.43 -14.16
N PHE A 346 -5.82 -13.58 -13.66
CA PHE A 346 -6.05 -14.16 -12.33
C PHE A 346 -5.51 -15.60 -12.12
N ALA A 347 -5.19 -16.29 -13.21
CA ALA A 347 -4.46 -17.58 -13.16
C ALA A 347 -2.98 -17.48 -13.58
N ASN A 348 -2.36 -16.30 -13.41
CA ASN A 348 -0.93 -16.07 -13.67
C ASN A 348 -0.40 -16.32 -15.10
N GLN A 349 -1.29 -16.25 -16.10
CA GLN A 349 -0.89 -16.39 -17.51
C GLN A 349 -0.65 -15.01 -18.13
N ARG A 350 0.37 -14.90 -18.97
CA ARG A 350 0.58 -13.70 -19.75
C ARG A 350 -0.65 -13.36 -20.58
N THR A 351 -1.02 -12.09 -20.61
CA THR A 351 -2.22 -11.66 -21.32
C THR A 351 -1.92 -11.28 -22.77
N GLN A 352 -2.97 -11.32 -23.60
CA GLN A 352 -2.86 -10.84 -24.99
C GLN A 352 -2.37 -9.39 -25.04
N GLN A 353 -2.95 -8.55 -24.18
CA GLN A 353 -2.54 -7.15 -24.11
C GLN A 353 -1.04 -6.98 -23.76
N TYR A 354 -0.53 -7.82 -22.86
CA TYR A 354 0.92 -7.85 -22.57
C TYR A 354 1.76 -8.11 -23.82
N TYR A 355 1.44 -9.20 -24.51
CA TYR A 355 2.14 -9.57 -25.72
C TYR A 355 2.13 -8.47 -26.77
N ASP A 356 0.98 -7.83 -26.96
CA ASP A 356 0.86 -6.75 -27.94
C ASP A 356 1.69 -5.54 -27.56
N ALA A 357 1.61 -5.14 -26.29
CA ALA A 357 2.36 -3.99 -25.79
C ALA A 357 3.86 -4.28 -25.79
N ASP A 358 4.25 -5.46 -25.33
CA ASP A 358 5.67 -5.82 -25.21
C ASP A 358 6.31 -5.86 -26.60
N SER A 359 5.68 -6.58 -27.52
CA SER A 359 6.23 -6.75 -28.87
C SER A 359 6.35 -5.43 -29.65
N ASN A 360 5.41 -4.51 -29.44
CA ASN A 360 5.42 -3.21 -30.12
C ASN A 360 6.13 -2.09 -29.36
N GLY A 361 6.52 -2.34 -28.10
CA GLY A 361 7.24 -1.32 -27.32
C GLY A 361 6.34 -0.21 -26.78
N TYR A 362 5.16 -0.56 -26.26
CA TYR A 362 4.18 0.44 -25.83
C TYR A 362 4.22 0.74 -24.32
N PHE A 363 5.20 0.19 -23.58
CA PHE A 363 5.25 0.44 -22.14
C PHE A 363 5.93 1.76 -21.88
N TYR A 364 5.55 2.42 -20.78
CA TYR A 364 6.19 3.68 -20.41
C TYR A 364 7.67 3.45 -20.07
N PRO A 365 8.59 4.24 -20.67
CA PRO A 365 10.02 4.02 -20.43
C PRO A 365 10.41 4.18 -18.95
N GLY A 366 11.16 3.23 -18.42
CA GLY A 366 11.49 3.23 -16.99
C GLY A 366 10.44 2.61 -16.07
N HIS A 367 9.23 2.35 -16.56
CA HIS A 367 8.18 1.75 -15.76
C HIS A 367 8.19 0.24 -16.01
N ASN A 368 8.55 -0.53 -14.99
CA ASN A 368 8.48 -1.99 -15.04
C ASN A 368 7.15 -2.47 -14.49
N GLU A 369 6.84 -3.74 -14.73
CA GLU A 369 5.70 -4.42 -14.12
C GLU A 369 5.67 -4.25 -12.62
N TYR A 370 4.48 -4.13 -12.05
CA TYR A 370 4.35 -4.02 -10.59
C TYR A 370 2.99 -4.55 -10.13
N THR A 371 2.79 -4.60 -8.82
CA THR A 371 1.57 -5.13 -8.19
C THR A 371 0.60 -4.05 -7.77
N ASP A 372 -0.62 -4.12 -8.29
CA ASP A 372 -1.74 -3.24 -7.90
C ASP A 372 -2.78 -4.10 -7.18
N TYR A 373 -3.69 -3.45 -6.44
CA TYR A 373 -4.85 -4.09 -5.82
C TYR A 373 -6.08 -3.25 -6.13
N PHE A 374 -7.20 -3.90 -6.40
CA PHE A 374 -8.45 -3.16 -6.63
C PHE A 374 -9.70 -3.73 -5.97
N ILE A 375 -9.57 -4.85 -5.25
CA ILE A 375 -10.69 -5.50 -4.62
C ILE A 375 -10.55 -5.34 -3.12
N PRO A 376 -11.28 -4.37 -2.52
CA PRO A 376 -11.14 -4.19 -1.08
C PRO A 376 -12.07 -5.06 -0.24
N VAL A 377 -11.62 -5.31 0.98
CA VAL A 377 -12.48 -5.83 2.04
C VAL A 377 -12.19 -5.00 3.27
N THR A 378 -13.04 -5.12 4.29
CA THR A 378 -12.85 -4.42 5.55
C THR A 378 -12.55 -5.45 6.61
N VAL A 379 -11.54 -5.17 7.42
CA VAL A 379 -11.06 -6.10 8.42
C VAL A 379 -10.83 -5.36 9.72
N ARG A 380 -10.77 -6.11 10.80
CA ARG A 380 -10.46 -5.58 12.11
C ARG A 380 -9.76 -6.63 12.98
N SER A 381 -8.75 -6.19 13.72
CA SER A 381 -7.89 -7.05 14.54
C SER A 381 -8.68 -7.67 15.69
N PHE A 382 -8.43 -8.95 15.99
CA PHE A 382 -8.98 -9.59 17.18
C PHE A 382 -8.02 -9.45 18.35
N ASP A 383 -8.56 -9.54 19.56
CA ASP A 383 -7.79 -9.47 20.79
C ASP A 383 -7.50 -10.89 21.31
N PRO A 384 -6.26 -11.39 21.13
CA PRO A 384 -5.95 -12.71 21.70
C PRO A 384 -5.71 -12.70 23.21
N TYR A 385 -5.67 -11.53 23.84
CA TYR A 385 -5.38 -11.43 25.26
C TYR A 385 -6.50 -11.97 26.17
N GLN A 386 -7.71 -12.07 25.63
CA GLN A 386 -8.87 -12.50 26.40
C GLN A 386 -9.12 -13.99 26.26
N GLN A 387 -9.30 -14.70 27.38
CA GLN A 387 -9.62 -16.13 27.35
C GLN A 387 -10.85 -16.43 26.50
N ALA A 388 -11.92 -15.65 26.67
CA ALA A 388 -13.15 -15.84 25.90
C ALA A 388 -12.91 -15.64 24.40
N SER A 389 -12.04 -14.69 24.07
CA SER A 389 -11.66 -14.45 22.68
C SER A 389 -10.86 -15.61 22.10
N ARG A 390 -9.91 -16.14 22.88
CA ARG A 390 -9.13 -17.33 22.47
C ARG A 390 -10.04 -18.54 22.27
N ASP A 391 -11.00 -18.73 23.18
CA ASP A 391 -11.95 -19.86 23.04
C ASP A 391 -12.73 -19.80 21.75
N TRP A 392 -13.20 -18.60 21.43
CA TRP A 392 -13.96 -18.35 20.20
C TRP A 392 -13.11 -18.58 18.94
N TRP A 393 -11.87 -18.09 18.99
CA TRP A 393 -10.93 -18.21 17.88
C TRP A 393 -10.66 -19.69 17.57
N TRP A 394 -10.36 -20.46 18.63
CA TRP A 394 -10.15 -21.90 18.49
C TRP A 394 -11.42 -22.62 18.02
N GLN A 395 -12.57 -22.33 18.64
CA GLN A 395 -13.82 -23.03 18.26
C GLN A 395 -14.07 -22.94 16.76
N HIS A 396 -13.89 -21.74 16.19
CA HIS A 396 -14.08 -21.56 14.76
C HIS A 396 -12.98 -22.15 13.87
N SER A 397 -11.86 -22.58 14.47
CA SER A 397 -10.78 -23.25 13.73
C SER A 397 -10.91 -24.78 13.63
N ILE A 398 -11.81 -25.37 14.43
CA ILE A 398 -11.90 -26.83 14.56
C ILE A 398 -12.14 -27.50 13.20
N ASP A 399 -13.07 -26.96 12.43
CA ASP A 399 -13.44 -27.58 11.16
C ASP A 399 -12.25 -27.64 10.18
N ALA A 400 -11.45 -26.58 10.15
CA ALA A 400 -10.28 -26.53 9.29
C ALA A 400 -9.22 -27.53 9.74
N PHE A 401 -9.06 -27.68 11.06
CA PHE A 401 -8.16 -28.66 11.65
C PHE A 401 -8.56 -30.10 11.31
N ASP A 402 -9.85 -30.43 11.46
CA ASP A 402 -10.39 -31.75 11.05
C ASP A 402 -10.12 -32.05 9.59
N LYS A 403 -10.18 -31.02 8.74
CA LYS A 403 -10.04 -31.21 7.28
C LYS A 403 -8.62 -30.96 6.76
N GLY A 404 -7.66 -30.86 7.66
CA GLY A 404 -6.24 -31.01 7.30
C GLY A 404 -5.25 -29.93 7.73
N ILE A 405 -5.73 -28.77 8.18
CA ILE A 405 -4.82 -27.75 8.72
C ILE A 405 -4.33 -28.18 10.10
N VAL A 406 -3.14 -28.79 10.14
CA VAL A 406 -2.56 -29.30 11.41
C VAL A 406 -1.37 -28.49 11.93
N GLY A 407 -0.97 -27.47 11.17
CA GLY A 407 0.02 -26.49 11.62
C GLY A 407 -0.49 -25.08 11.37
N TRP A 408 -0.20 -24.18 12.30
CA TRP A 408 -0.77 -22.84 12.28
C TRP A 408 0.30 -21.78 11.97
N TRP A 409 0.23 -21.22 10.77
CA TRP A 409 1.15 -20.22 10.29
C TRP A 409 0.53 -18.87 10.66
N ASN A 410 0.85 -18.39 11.86
CA ASN A 410 0.23 -17.21 12.45
C ASN A 410 0.98 -15.95 12.03
N ASP A 411 0.47 -15.29 10.99
CA ASP A 411 1.11 -14.13 10.41
C ASP A 411 0.54 -12.82 10.96
N GLU A 412 1.35 -11.76 10.94
CA GLU A 412 0.89 -10.41 11.26
C GLU A 412 0.25 -10.29 12.65
N THR A 413 0.90 -10.92 13.63
CA THR A 413 0.59 -10.77 15.04
C THR A 413 1.48 -9.69 15.66
N ASP A 414 1.96 -8.77 14.82
CA ASP A 414 3.00 -7.81 15.20
C ASP A 414 2.55 -6.38 14.92
N LYS A 415 2.29 -6.07 13.66
CA LYS A 415 1.93 -4.73 13.24
C LYS A 415 1.30 -4.79 11.87
N VAL A 416 0.27 -3.96 11.66
CA VAL A 416 -0.31 -3.80 10.34
C VAL A 416 -0.16 -2.35 9.85
N ASP A 417 0.11 -2.23 8.54
CA ASP A 417 0.22 -0.95 7.86
C ASP A 417 -0.82 -0.99 6.76
N SER A 418 -1.96 -0.33 6.97
CA SER A 418 -2.96 -0.23 5.90
C SER A 418 -3.59 1.16 5.78
N GLY A 419 -2.89 2.04 5.07
CA GLY A 419 -3.35 3.39 4.76
C GLY A 419 -3.05 4.34 5.91
N SER A 420 -4.09 4.91 6.51
CA SER A 420 -3.95 5.60 7.78
C SER A 420 -3.68 4.60 8.92
N ALA A 421 -4.06 3.33 8.72
CA ALA A 421 -3.90 2.29 9.73
C ALA A 421 -2.43 1.88 9.97
N GLN A 422 -1.82 2.39 11.05
CA GLN A 422 -0.54 1.88 11.59
C GLN A 422 -0.78 1.28 12.98
N TYR A 423 -1.31 0.06 13.05
CA TYR A 423 -1.70 -0.51 14.34
C TYR A 423 -0.70 -1.54 14.84
N TRP A 424 -0.21 -1.32 16.06
CA TRP A 424 0.66 -2.27 16.74
C TRP A 424 -0.11 -3.28 17.60
N PHE A 425 0.31 -4.52 17.53
CA PHE A 425 -0.12 -5.56 18.47
C PHE A 425 0.87 -5.54 19.64
N GLY A 426 0.37 -5.84 20.84
CA GLY A 426 1.20 -5.78 22.04
C GLY A 426 2.19 -6.92 22.10
N ASN A 427 3.16 -6.81 23.02
CA ASN A 427 4.23 -7.79 23.14
C ASN A 427 3.80 -9.22 23.39
N PHE A 428 2.61 -9.43 23.96
CA PHE A 428 2.14 -10.78 24.27
C PHE A 428 1.20 -11.36 23.21
N SER A 429 1.09 -10.69 22.05
CA SER A 429 0.14 -11.06 21.03
C SER A 429 0.49 -12.38 20.34
N THR A 430 1.79 -12.59 20.05
CA THR A 430 2.25 -13.88 19.50
C THR A 430 2.04 -15.02 20.52
N GLY A 431 2.44 -14.80 21.75
CA GLY A 431 2.20 -15.76 22.82
C GLY A 431 0.74 -16.14 22.98
N PHE A 432 -0.13 -15.14 23.07
CA PHE A 432 -1.57 -15.39 23.25
C PHE A 432 -2.26 -15.98 22.02
N THR A 433 -1.89 -15.53 20.82
CA THR A 433 -2.42 -16.15 19.60
C THR A 433 -2.03 -17.63 19.56
N SER A 434 -0.78 -17.90 19.93
CA SER A 434 -0.28 -19.26 19.99
C SER A 434 -1.02 -20.06 21.06
N GLN A 435 -1.22 -19.46 22.24
CA GLN A 435 -1.98 -20.10 23.33
C GLN A 435 -3.40 -20.49 22.89
N ALA A 436 -4.06 -19.65 22.09
CA ALA A 436 -5.41 -19.98 21.61
C ALA A 436 -5.42 -21.32 20.88
N MET A 437 -4.48 -21.50 19.96
CA MET A 437 -4.38 -22.74 19.18
C MET A 437 -3.86 -23.90 20.02
N TYR A 438 -2.91 -23.62 20.90
CA TYR A 438 -2.29 -24.62 21.75
C TYR A 438 -3.28 -25.22 22.76
N ASP A 439 -3.90 -24.36 23.54
CA ASP A 439 -4.87 -24.81 24.57
C ASP A 439 -6.00 -25.50 23.86
N GLY A 440 -6.49 -24.86 22.80
CA GLY A 440 -7.57 -25.39 22.01
C GLY A 440 -7.34 -26.78 21.47
N GLN A 441 -6.26 -26.94 20.70
CA GLN A 441 -5.95 -28.22 20.06
C GLN A 441 -5.69 -29.35 21.08
N ARG A 442 -5.01 -29.02 22.17
CA ARG A 442 -4.71 -29.95 23.23
C ARG A 442 -5.97 -30.45 23.92
N ASP A 443 -6.91 -29.54 24.19
CA ASP A 443 -8.20 -29.91 24.74
C ASP A 443 -9.01 -30.77 23.75
N TYR A 444 -9.12 -30.32 22.50
CA TYR A 444 -9.94 -30.98 21.48
C TYR A 444 -9.46 -32.38 21.13
N THR A 445 -8.13 -32.56 21.06
CA THR A 445 -7.56 -33.86 20.71
C THR A 445 -7.18 -34.71 21.93
N ASN A 446 -7.54 -34.24 23.13
CA ASN A 446 -7.16 -34.93 24.39
C ASN A 446 -5.66 -35.17 24.44
N ASP A 447 -4.88 -34.13 24.15
CA ASP A 447 -3.42 -34.20 24.14
C ASP A 447 -2.84 -35.23 23.16
N GLY A 448 -3.62 -35.56 22.13
CA GLY A 448 -3.27 -36.62 21.20
C GLY A 448 -2.54 -36.17 19.94
N VAL A 449 -2.60 -34.88 19.59
CA VAL A 449 -1.93 -34.35 18.40
C VAL A 449 -1.09 -33.12 18.80
N ARG A 450 0.23 -33.26 18.68
CA ARG A 450 1.16 -32.16 18.97
C ARG A 450 0.88 -30.93 18.11
N VAL A 451 0.98 -29.79 18.76
CA VAL A 451 0.77 -28.49 18.15
C VAL A 451 2.06 -28.07 17.41
N TRP A 452 1.89 -27.52 16.21
CA TRP A 452 2.95 -26.83 15.49
C TRP A 452 2.45 -25.48 15.02
N GLN A 453 3.22 -24.44 15.31
CA GLN A 453 2.93 -23.09 14.84
C GLN A 453 4.21 -22.35 14.44
N THR A 454 4.04 -21.28 13.69
CA THR A 454 5.12 -20.30 13.49
C THR A 454 4.53 -18.90 13.53
N ALA A 455 5.35 -17.95 13.99
CA ALA A 455 4.97 -16.55 14.03
C ALA A 455 6.17 -15.73 13.59
N ARG A 456 5.97 -14.44 13.30
CA ARG A 456 7.09 -13.58 12.90
C ARG A 456 7.49 -12.54 13.96
N SER A 457 7.20 -12.85 15.22
CA SER A 457 7.79 -12.15 16.34
C SER A 457 7.94 -13.12 17.49
N TYR A 458 8.77 -12.73 18.45
CA TYR A 458 8.97 -13.49 19.67
C TYR A 458 9.19 -12.55 20.85
N TYR A 459 8.58 -12.91 21.98
CA TYR A 459 8.80 -12.22 23.24
C TYR A 459 8.83 -13.31 24.31
N PRO A 460 9.60 -13.14 25.42
CA PRO A 460 9.73 -14.24 26.37
C PRO A 460 8.40 -14.79 26.85
N GLY A 461 8.31 -16.12 26.90
CA GLY A 461 7.10 -16.80 27.34
C GLY A 461 6.31 -17.42 26.21
N ALA A 462 6.38 -16.83 25.00
CA ALA A 462 5.63 -17.35 23.85
C ALA A 462 5.94 -18.83 23.54
N GLN A 463 7.16 -19.26 23.83
CA GLN A 463 7.62 -20.64 23.60
C GLN A 463 6.79 -21.74 24.30
N ARG A 464 6.12 -21.41 25.41
CA ARG A 464 5.25 -22.36 26.14
C ARG A 464 4.10 -22.89 25.30
N TYR A 465 3.72 -22.17 24.23
CA TYR A 465 2.55 -22.49 23.43
C TYR A 465 2.88 -23.05 22.05
N ALA A 466 4.10 -23.60 21.92
CA ALA A 466 4.53 -24.39 20.78
C ALA A 466 4.50 -23.57 19.50
N THR A 467 5.39 -22.59 19.45
CA THR A 467 5.57 -21.80 18.26
C THR A 467 7.04 -21.61 17.94
N THR A 468 7.34 -21.68 16.65
CA THR A 468 8.60 -21.32 16.10
C THR A 468 8.54 -19.83 15.71
N LEU A 469 9.65 -19.34 15.17
CA LEU A 469 9.79 -17.96 14.68
C LEU A 469 10.38 -18.01 13.28
N TRP A 470 9.81 -17.26 12.32
CA TRP A 470 10.45 -17.07 11.00
C TRP A 470 10.82 -15.60 10.81
N SER A 471 11.80 -15.33 9.96
CA SER A 471 12.46 -14.01 9.94
C SER A 471 11.74 -12.94 9.09
N GLY A 472 10.53 -13.25 8.64
CA GLY A 472 9.68 -12.31 7.94
C GLY A 472 10.01 -12.15 6.47
N ASP A 473 9.60 -11.01 5.90
CA ASP A 473 9.64 -10.78 4.44
C ASP A 473 11.02 -10.36 3.93
N ILE A 474 11.99 -11.24 4.10
CA ILE A 474 13.39 -10.94 3.75
C ILE A 474 13.61 -10.87 2.24
N GLY A 475 14.71 -10.24 1.83
CA GLY A 475 14.96 -10.01 0.43
C GLY A 475 15.61 -11.17 -0.31
N THR A 476 15.20 -11.35 -1.55
CA THR A 476 15.83 -12.29 -2.49
C THR A 476 17.12 -11.65 -3.02
N GLN A 477 18.19 -11.76 -2.24
CA GLN A 477 19.49 -11.22 -2.58
C GLN A 477 20.53 -11.80 -1.63
N PHE A 478 21.80 -11.71 -2.01
CA PHE A 478 22.89 -12.28 -1.22
C PHE A 478 23.11 -11.51 0.10
N TYR A 479 22.85 -10.20 0.10
CA TYR A 479 23.09 -9.36 1.28
C TYR A 479 22.35 -8.04 1.11
N LYS A 480 22.22 -7.28 2.19
CA LYS A 480 21.43 -6.04 2.18
C LYS A 480 22.16 -5.05 1.27
N GLY A 481 21.49 -4.54 0.26
CA GLY A 481 22.09 -3.60 -0.67
C GLY A 481 22.67 -4.20 -1.93
N GLU A 482 22.70 -5.53 -2.05
CA GLU A 482 23.19 -6.15 -3.29
C GLU A 482 22.33 -5.71 -4.46
N LEU A 483 21.03 -5.95 -4.33
CA LEU A 483 20.03 -5.55 -5.31
C LEU A 483 19.18 -4.38 -4.84
N PHE A 484 18.93 -4.29 -3.54
CA PHE A 484 18.14 -3.18 -2.98
C PHE A 484 18.42 -3.09 -1.50
N ASN A 485 18.19 -1.92 -0.92
CA ASN A 485 18.67 -1.63 0.43
C ASN A 485 17.65 -1.78 1.54
N TRP A 486 16.40 -2.01 1.17
CA TRP A 486 15.30 -1.94 2.13
C TRP A 486 14.94 -3.27 2.81
N ALA A 487 15.65 -4.36 2.51
CA ALA A 487 15.50 -5.61 3.28
C ALA A 487 16.81 -6.37 3.31
N PRO A 488 17.11 -7.08 4.41
CA PRO A 488 18.30 -7.92 4.41
C PRO A 488 18.12 -9.13 3.49
N GLY A 489 19.23 -9.75 3.14
CA GLY A 489 19.24 -10.92 2.28
C GLY A 489 19.72 -12.14 3.03
N MET A 490 20.36 -13.05 2.29
CA MET A 490 20.77 -14.34 2.85
C MET A 490 21.89 -14.22 3.91
N GLN A 491 22.94 -13.46 3.61
CA GLN A 491 24.11 -13.36 4.49
C GLN A 491 23.85 -12.81 5.87
N GLU A 492 22.78 -12.03 6.02
CA GLU A 492 22.38 -11.48 7.31
C GLU A 492 21.66 -12.50 8.20
N GLN A 493 21.10 -13.54 7.59
CA GLN A 493 20.21 -14.43 8.31
C GLN A 493 20.82 -15.22 9.48
N PRO A 494 22.09 -15.68 9.38
CA PRO A 494 22.69 -16.36 10.52
C PRO A 494 22.73 -15.47 11.76
N ARG A 495 22.89 -14.16 11.56
CA ARG A 495 22.94 -13.21 12.69
C ARG A 495 21.57 -13.05 13.35
N ILE A 496 20.52 -13.09 12.54
CA ILE A 496 19.15 -13.06 13.03
C ILE A 496 18.84 -14.36 13.78
N MET A 497 19.17 -15.51 13.17
CA MET A 497 18.96 -16.81 13.80
C MET A 497 19.66 -16.91 15.17
N LEU A 498 20.92 -16.53 15.20
CA LEU A 498 21.70 -16.68 16.45
C LEU A 498 21.30 -15.62 17.49
N SER A 499 20.88 -14.43 17.06
CA SER A 499 20.26 -13.45 17.98
C SER A 499 18.97 -14.00 18.61
N SER A 500 18.17 -14.73 17.83
CA SER A 500 16.99 -15.38 18.38
C SER A 500 17.34 -16.44 19.41
N ALA A 501 18.36 -17.25 19.12
CA ALA A 501 18.83 -18.28 20.05
C ALA A 501 19.32 -17.65 21.38
N ASN A 502 19.97 -16.51 21.28
CA ASN A 502 20.42 -15.75 22.45
C ASN A 502 19.25 -15.18 23.30
N LEU A 503 18.05 -15.12 22.72
CA LEU A 503 16.81 -14.76 23.43
C LEU A 503 15.97 -15.94 23.90
N GLY A 504 16.45 -17.16 23.70
CA GLY A 504 15.75 -18.38 24.14
C GLY A 504 14.72 -18.92 23.18
N GLN A 505 14.78 -18.47 21.91
CA GLN A 505 13.94 -18.94 20.85
C GLN A 505 14.83 -19.56 19.76
N PRO A 506 15.33 -20.79 19.99
CA PRO A 506 16.17 -21.43 18.99
C PRO A 506 15.38 -22.12 17.89
N LYS A 507 14.05 -22.14 17.99
CA LYS A 507 13.22 -22.79 16.98
C LYS A 507 12.89 -21.78 15.88
N TRP A 508 13.86 -21.60 14.97
CA TRP A 508 13.91 -20.50 14.04
C TRP A 508 13.99 -20.96 12.60
N GLY A 509 13.35 -20.21 11.71
CA GLY A 509 13.48 -20.40 10.28
C GLY A 509 13.41 -19.13 9.46
N MET A 510 13.61 -19.29 8.17
CA MET A 510 13.64 -18.15 7.23
C MET A 510 12.99 -18.58 5.92
N ASP A 511 12.60 -17.61 5.11
CA ASP A 511 12.10 -17.85 3.77
C ASP A 511 13.30 -18.15 2.88
N THR A 512 13.68 -19.42 2.79
CA THR A 512 14.80 -19.83 1.94
C THR A 512 14.39 -19.55 0.48
N GLY A 513 15.27 -18.80 -0.19
CA GLY A 513 15.00 -18.22 -1.49
C GLY A 513 14.63 -16.74 -1.46
N GLY A 514 14.24 -16.23 -0.28
CA GLY A 514 13.77 -14.86 -0.16
C GLY A 514 12.32 -14.64 -0.56
N PHE A 515 11.73 -13.61 0.03
CA PHE A 515 10.37 -13.23 -0.23
C PHE A 515 10.27 -12.01 -1.13
N ASN A 516 11.02 -10.95 -0.84
CA ASN A 516 10.86 -9.69 -1.54
C ASN A 516 11.90 -9.53 -2.64
N SER A 517 11.47 -8.97 -3.77
CA SER A 517 12.34 -8.52 -4.84
C SER A 517 11.88 -7.12 -5.32
N LEU A 518 12.77 -6.44 -6.05
CA LEU A 518 12.39 -5.22 -6.80
C LEU A 518 11.28 -5.57 -7.76
N GLY A 519 10.19 -4.82 -7.72
CA GLY A 519 9.00 -5.09 -8.50
C GLY A 519 7.93 -5.90 -7.80
N GLY A 520 8.15 -6.26 -6.53
CA GLY A 520 7.20 -7.10 -5.82
C GLY A 520 7.16 -8.53 -6.39
N ALA A 521 5.97 -9.12 -6.37
CA ALA A 521 5.77 -10.52 -6.80
C ALA A 521 6.26 -10.81 -8.22
N SER A 522 6.11 -9.83 -9.11
CA SER A 522 6.55 -9.98 -10.49
C SER A 522 8.09 -9.87 -10.64
N GLY A 523 8.77 -9.39 -9.60
CA GLY A 523 10.22 -9.32 -9.57
C GLY A 523 10.89 -10.70 -9.53
N PRO A 524 12.22 -10.72 -9.72
CA PRO A 524 12.95 -11.96 -9.94
C PRO A 524 13.02 -12.91 -8.76
N ASN A 525 12.96 -14.19 -9.09
CA ASN A 525 13.32 -15.27 -8.17
C ASN A 525 14.82 -15.22 -7.86
N PRO A 526 15.27 -16.01 -6.89
CA PRO A 526 16.70 -16.11 -6.68
C PRO A 526 17.40 -16.73 -7.90
N SER A 527 18.61 -16.28 -8.19
CA SER A 527 19.47 -16.99 -9.15
C SER A 527 19.66 -18.43 -8.67
N PRO A 528 19.96 -19.35 -9.62
CA PRO A 528 20.28 -20.71 -9.19
C PRO A 528 21.37 -20.78 -8.12
N GLU A 529 22.39 -19.95 -8.24
CA GLU A 529 23.43 -19.90 -7.20
C GLU A 529 22.88 -19.53 -5.83
N LEU A 530 22.11 -18.43 -5.78
CA LEU A 530 21.54 -17.94 -4.53
C LEU A 530 20.62 -18.99 -3.94
N TYR A 531 19.78 -19.58 -4.78
CA TYR A 531 18.86 -20.62 -4.33
C TYR A 531 19.61 -21.84 -3.75
N THR A 532 20.62 -22.33 -4.46
CA THR A 532 21.35 -23.52 -4.04
C THR A 532 22.06 -23.30 -2.70
N ARG A 533 22.81 -22.21 -2.61
CA ARG A 533 23.48 -21.85 -1.34
C ARG A 533 22.50 -21.66 -0.19
N TRP A 534 21.35 -21.04 -0.48
CA TRP A 534 20.32 -20.83 0.54
C TRP A 534 19.76 -22.16 1.04
N MET A 535 19.53 -23.12 0.12
CA MET A 535 19.04 -24.45 0.51
C MET A 535 20.05 -25.20 1.39
N GLN A 536 21.33 -25.08 1.06
CA GLN A 536 22.39 -25.72 1.85
C GLN A 536 22.48 -25.14 3.26
N PHE A 537 22.32 -23.83 3.33
CA PHE A 537 22.24 -23.09 4.58
C PHE A 537 21.00 -23.54 5.37
N GLY A 538 19.82 -23.45 4.76
CA GLY A 538 18.56 -23.80 5.40
C GLY A 538 18.47 -25.22 5.97
N ALA A 539 19.12 -26.17 5.29
CA ALA A 539 19.15 -27.57 5.74
C ALA A 539 19.86 -27.75 7.08
N PHE A 540 20.65 -26.76 7.51
CA PHE A 540 21.31 -26.76 8.79
C PHE A 540 20.79 -25.69 9.76
N THR A 541 19.49 -25.41 9.63
CA THR A 541 18.77 -24.54 10.54
C THR A 541 17.55 -25.29 11.07
N PRO A 542 16.92 -24.79 12.15
CA PRO A 542 15.89 -25.57 12.80
C PRO A 542 14.60 -25.80 12.02
N VAL A 543 14.06 -24.73 11.43
CA VAL A 543 12.79 -24.81 10.69
C VAL A 543 13.10 -24.62 9.21
N PHE A 544 13.19 -25.75 8.51
CA PHE A 544 13.70 -25.79 7.15
C PHE A 544 12.57 -25.64 6.16
N ARG A 545 12.50 -24.47 5.53
CA ARG A 545 11.35 -24.14 4.67
C ARG A 545 11.69 -23.16 3.57
N VAL A 546 11.15 -23.41 2.38
CA VAL A 546 11.17 -22.42 1.30
C VAL A 546 9.89 -21.58 1.37
N HIS A 547 9.99 -20.33 0.92
CA HIS A 547 8.80 -19.48 0.73
C HIS A 547 9.17 -18.46 -0.32
N GLY A 548 8.15 -17.88 -0.92
CA GLY A 548 8.32 -16.81 -1.88
C GLY A 548 7.06 -15.99 -1.94
N ASN A 549 7.12 -14.92 -2.75
CA ASN A 549 6.03 -13.99 -2.91
C ASN A 549 4.94 -14.61 -3.78
N TYR A 550 3.85 -13.87 -3.94
CA TYR A 550 2.67 -14.32 -4.66
C TYR A 550 2.99 -14.89 -6.03
N ASN A 551 2.49 -16.08 -6.31
CA ASN A 551 2.70 -16.82 -7.56
C ASN A 551 4.18 -17.08 -7.93
N GLN A 552 5.07 -17.04 -6.93
CA GLN A 552 6.46 -17.42 -7.17
C GLN A 552 6.60 -18.87 -6.77
N GLN A 553 7.55 -19.54 -7.39
CA GLN A 553 7.80 -20.96 -7.13
C GLN A 553 9.20 -21.18 -6.54
N ARG A 554 9.27 -22.13 -5.63
CA ARG A 554 10.49 -22.46 -4.91
C ARG A 554 10.85 -23.95 -4.96
N GLN A 555 10.24 -24.72 -5.87
CA GLN A 555 10.65 -26.13 -6.06
C GLN A 555 12.07 -26.19 -6.66
N PRO A 556 12.95 -27.05 -6.11
CA PRO A 556 14.39 -27.05 -6.53
C PRO A 556 14.67 -27.36 -8.01
N TRP A 557 13.83 -28.17 -8.62
CA TRP A 557 14.02 -28.56 -10.02
C TRP A 557 13.85 -27.41 -11.02
N LEU A 558 13.17 -26.34 -10.61
CA LEU A 558 12.99 -25.18 -11.47
C LEU A 558 14.27 -24.36 -11.68
N TYR A 559 15.27 -24.57 -10.83
CA TYR A 559 16.47 -23.74 -10.83
C TYR A 559 17.66 -24.41 -11.51
N GLY A 560 17.39 -25.46 -12.30
CA GLY A 560 18.44 -26.17 -13.04
C GLY A 560 19.01 -27.33 -12.26
N ALA A 561 19.81 -28.15 -12.94
CA ALA A 561 20.22 -29.44 -12.40
C ALA A 561 21.18 -29.33 -11.21
N THR A 562 22.03 -28.29 -11.17
CA THR A 562 22.86 -28.12 -10.00
C THR A 562 22.01 -27.82 -8.75
N ALA A 563 21.13 -26.84 -8.84
CA ALA A 563 20.26 -26.53 -7.71
C ALA A 563 19.45 -27.75 -7.29
N GLU A 564 18.90 -28.45 -8.28
CA GLU A 564 18.10 -29.63 -8.00
C GLU A 564 18.92 -30.68 -7.25
N GLU A 565 20.06 -31.06 -7.81
CA GLU A 565 20.89 -32.14 -7.24
C GLU A 565 21.60 -31.74 -5.93
N ALA A 566 22.12 -30.52 -5.85
CA ALA A 566 22.75 -30.05 -4.61
C ALA A 566 21.74 -29.91 -3.47
N SER A 567 20.55 -29.41 -3.78
CA SER A 567 19.47 -29.33 -2.80
C SER A 567 19.04 -30.71 -2.34
N LYS A 568 18.80 -31.62 -3.28
CA LYS A 568 18.49 -33.01 -2.93
C LYS A 568 19.56 -33.62 -2.03
N ALA A 569 20.82 -33.41 -2.38
CA ALA A 569 21.92 -34.02 -1.63
C ALA A 569 21.95 -33.55 -0.17
N VAL A 570 21.83 -32.24 0.03
CA VAL A 570 21.89 -31.72 1.39
C VAL A 570 20.63 -32.12 2.20
N MET A 571 19.50 -32.25 1.51
CA MET A 571 18.27 -32.73 2.14
C MET A 571 18.42 -34.18 2.61
N HIS A 572 19.12 -34.99 1.83
CA HIS A 572 19.49 -36.35 2.26
C HIS A 572 20.35 -36.36 3.53
N THR A 573 21.33 -35.46 3.61
CA THR A 573 22.13 -35.35 4.83
C THR A 573 21.23 -35.01 6.04
N ARG A 574 20.36 -34.01 5.90
CA ARG A 574 19.47 -33.62 7.01
C ARG A 574 18.60 -34.79 7.48
N TYR A 575 17.96 -35.46 6.53
CA TYR A 575 17.05 -36.55 6.87
C TYR A 575 17.79 -37.77 7.44
N SER A 576 19.00 -38.06 6.94
CA SER A 576 19.85 -39.09 7.59
C SER A 576 20.10 -38.79 9.08
N LEU A 577 20.10 -37.50 9.42
CA LEU A 577 20.36 -37.04 10.78
C LEU A 577 19.11 -36.89 11.64
N LEU A 578 17.97 -37.42 11.23
CA LEU A 578 16.73 -37.32 12.03
C LEU A 578 16.88 -37.77 13.51
N PRO A 579 17.48 -38.95 13.76
CA PRO A 579 17.65 -39.37 15.16
C PRO A 579 18.56 -38.45 15.98
N TYR A 580 19.57 -37.88 15.35
CA TYR A 580 20.44 -36.89 16.00
C TYR A 580 19.68 -35.63 16.34
N MET A 581 19.02 -35.06 15.34
CA MET A 581 18.23 -33.82 15.48
C MET A 581 17.13 -33.97 16.53
N TYR A 582 16.48 -35.14 16.56
CA TYR A 582 15.26 -35.27 17.36
C TYR A 582 15.55 -35.21 18.86
N ALA A 583 16.72 -35.67 19.25
CA ALA A 583 17.18 -35.56 20.63
C ALA A 583 17.27 -34.09 21.08
N TYR A 584 17.59 -33.18 20.16
CA TYR A 584 17.58 -31.74 20.48
C TYR A 584 16.16 -31.16 20.60
N GLU A 585 15.20 -31.72 19.87
CA GLU A 585 13.80 -31.36 20.05
C GLU A 585 13.32 -31.74 21.45
N ARG A 586 13.73 -32.92 21.93
CA ARG A 586 13.42 -33.30 23.31
C ARG A 586 14.13 -32.39 24.32
N GLU A 587 15.39 -32.08 24.05
CA GLU A 587 16.19 -31.22 24.95
C GLU A 587 15.51 -29.88 25.17
N ALA A 588 14.96 -29.29 24.10
CA ALA A 588 14.22 -28.04 24.20
C ALA A 588 13.00 -28.12 25.15
N SER A 589 12.41 -29.31 25.31
CA SER A 589 11.33 -29.50 26.27
C SER A 589 11.79 -29.61 27.71
N GLU A 590 13.09 -29.78 27.94
CA GLU A 590 13.67 -29.90 29.28
C GLU A 590 14.45 -28.65 29.70
N THR A 591 15.23 -28.05 28.80
CA THR A 591 16.02 -26.85 29.11
C THR A 591 15.78 -25.64 28.20
N GLY A 592 14.96 -25.78 27.16
CA GLY A 592 14.82 -24.74 26.15
C GLY A 592 15.93 -24.65 25.09
N LEU A 593 17.04 -25.34 25.29
CA LEU A 593 18.13 -25.35 24.30
C LEU A 593 17.74 -26.22 23.12
N GLY A 594 18.03 -25.75 21.91
CA GLY A 594 17.56 -26.41 20.71
C GLY A 594 18.65 -26.96 19.81
N LEU A 595 18.32 -27.01 18.52
CA LEU A 595 19.14 -27.70 17.53
C LEU A 595 20.33 -26.87 17.07
N ILE A 596 20.24 -25.55 17.16
CA ILE A 596 21.37 -24.68 16.85
C ILE A 596 21.78 -23.84 18.05
N LYS A 597 23.05 -23.42 18.03
CA LYS A 597 23.58 -22.51 19.01
C LYS A 597 24.80 -21.83 18.45
N PRO A 598 25.06 -20.59 18.91
CA PRO A 598 26.29 -19.95 18.49
C PRO A 598 27.51 -20.57 19.20
N LEU A 599 28.68 -20.41 18.60
CA LEU A 599 29.91 -20.95 19.18
C LEU A 599 30.15 -20.47 20.63
N LEU A 600 29.70 -19.25 20.93
CA LEU A 600 29.91 -18.64 22.27
C LEU A 600 29.21 -19.38 23.40
N PHE A 601 28.14 -20.13 23.10
CA PHE A 601 27.53 -21.03 24.10
C PHE A 601 28.55 -22.05 24.63
N ASP A 602 29.32 -22.65 23.74
CA ASP A 602 30.34 -23.64 24.11
C ASP A 602 31.69 -23.00 24.46
N TYR A 603 31.97 -21.80 23.95
CA TYR A 603 33.27 -21.14 24.14
C TYR A 603 33.08 -19.72 24.73
N PRO A 604 32.54 -19.65 25.96
CA PRO A 604 32.27 -18.35 26.56
C PRO A 604 33.50 -17.46 26.77
N ASN A 605 34.69 -18.07 26.91
CA ASN A 605 35.93 -17.30 27.14
C ASN A 605 36.76 -17.05 25.88
N ASP A 606 36.28 -17.49 24.71
CA ASP A 606 37.03 -17.30 23.46
C ASP A 606 36.65 -15.97 22.76
N PRO A 607 37.58 -14.99 22.71
CA PRO A 607 37.23 -13.72 22.05
C PRO A 607 36.87 -13.85 20.55
N GLN A 608 37.43 -14.83 19.86
CA GLN A 608 37.08 -15.06 18.46
C GLN A 608 35.69 -15.67 18.25
N ALA A 609 35.11 -16.23 19.30
CA ALA A 609 33.71 -16.66 19.31
C ALA A 609 32.70 -15.59 19.74
N ALA A 610 33.18 -14.45 20.26
CA ALA A 610 32.31 -13.49 20.94
C ALA A 610 31.17 -12.93 20.06
N ASP A 611 31.49 -12.64 18.80
CA ASP A 611 30.52 -12.11 17.86
C ASP A 611 30.45 -12.96 16.58
N TYR A 612 30.82 -14.23 16.69
CA TYR A 612 31.01 -15.05 15.49
C TYR A 612 29.69 -15.67 15.02
N THR A 613 29.37 -15.42 13.76
CA THR A 613 28.10 -15.88 13.19
C THR A 613 28.22 -16.61 11.84
N GLU A 614 29.41 -16.68 11.26
CA GLU A 614 29.58 -17.33 9.95
C GLU A 614 29.59 -18.86 10.03
N ALA A 615 29.73 -19.38 11.25
CA ALA A 615 29.57 -20.79 11.54
C ALA A 615 28.79 -20.93 12.83
N TRP A 616 28.12 -22.06 13.00
CA TRP A 616 27.40 -22.36 14.23
C TRP A 616 27.38 -23.85 14.48
N MET A 617 26.99 -24.23 15.70
CA MET A 617 26.80 -25.65 16.05
C MET A 617 25.41 -26.14 15.64
N PHE A 618 25.36 -27.32 15.01
CA PHE A 618 24.14 -28.03 14.65
C PHE A 618 24.16 -29.26 15.53
N GLY A 619 23.35 -29.24 16.58
CA GLY A 619 23.51 -30.13 17.73
C GLY A 619 24.80 -29.84 18.47
N ASP A 620 25.29 -30.81 19.25
CA ASP A 620 26.50 -30.63 20.04
C ASP A 620 27.78 -30.93 19.27
N TRP A 621 27.66 -31.66 18.15
CA TRP A 621 28.79 -32.38 17.60
C TRP A 621 29.17 -32.01 16.17
N LEU A 622 28.45 -31.06 15.58
CA LEU A 622 28.70 -30.64 14.22
C LEU A 622 28.78 -29.11 14.15
N LEU A 623 29.85 -28.61 13.55
CA LEU A 623 30.04 -27.18 13.28
C LEU A 623 29.83 -27.02 11.80
N VAL A 624 28.94 -26.12 11.41
CA VAL A 624 28.61 -25.91 10.00
C VAL A 624 28.88 -24.48 9.60
N SER A 625 29.39 -24.29 8.38
CA SER A 625 29.71 -22.97 7.86
C SER A 625 29.35 -22.90 6.39
N PRO A 626 28.05 -22.71 6.07
CA PRO A 626 27.62 -22.71 4.69
C PRO A 626 28.28 -21.65 3.86
N VAL A 627 28.48 -21.94 2.56
CA VAL A 627 29.03 -20.98 1.64
C VAL A 627 27.92 -20.00 1.27
N LEU A 628 28.04 -18.75 1.70
CA LEU A 628 27.02 -17.74 1.45
C LEU A 628 27.45 -16.66 0.47
N GLY A 629 28.72 -16.69 0.00
CA GLY A 629 29.21 -15.66 -0.91
C GLY A 629 28.94 -16.01 -2.37
N GLU A 630 28.60 -15.01 -3.16
CA GLU A 630 28.45 -15.18 -4.60
C GLU A 630 29.83 -15.45 -5.20
N ALA A 631 29.95 -16.47 -6.07
CA ALA A 631 31.20 -16.78 -6.76
C ALA A 631 32.39 -17.03 -5.80
N GLN A 632 32.09 -17.60 -4.65
CA GLN A 632 33.08 -17.78 -3.61
C GLN A 632 33.91 -19.05 -3.90
N HIS A 633 35.23 -18.87 -3.97
CA HIS A 633 36.18 -19.95 -4.28
C HIS A 633 36.85 -20.54 -3.07
N SER A 634 36.76 -19.84 -1.94
CA SER A 634 37.32 -20.31 -0.70
C SER A 634 36.70 -19.56 0.45
N LYS A 635 36.80 -20.14 1.63
CA LYS A 635 36.22 -19.58 2.84
C LYS A 635 37.22 -19.58 3.97
N GLN A 636 37.13 -18.54 4.82
CA GLN A 636 37.84 -18.53 6.09
C GLN A 636 36.83 -19.01 7.14
N ILE A 637 37.23 -20.03 7.90
CA ILE A 637 36.35 -20.65 8.88
C ILE A 637 37.09 -20.74 10.20
N TYR A 638 36.54 -20.10 11.22
CA TYR A 638 37.10 -20.18 12.57
C TYR A 638 36.67 -21.47 13.22
N LEU A 639 37.64 -22.29 13.61
CA LEU A 639 37.41 -23.51 14.39
C LEU A 639 37.90 -23.26 15.81
N PRO A 640 37.00 -23.34 16.80
CA PRO A 640 37.39 -23.14 18.21
C PRO A 640 38.09 -24.37 18.78
N ALA A 641 38.44 -24.33 20.05
CA ALA A 641 39.29 -25.35 20.68
C ALA A 641 38.73 -26.75 20.50
N GLY A 642 39.62 -27.67 20.17
CA GLY A 642 39.29 -29.09 20.02
C GLY A 642 39.99 -29.63 18.80
N THR A 643 39.53 -30.79 18.34
CA THR A 643 39.99 -31.35 17.09
C THR A 643 38.78 -31.55 16.22
N TRP A 644 38.91 -31.18 14.95
CA TRP A 644 37.77 -31.15 14.01
C TRP A 644 38.11 -32.03 12.83
N ILE A 645 37.12 -32.81 12.37
CA ILE A 645 37.26 -33.68 11.23
C ILE A 645 36.28 -33.22 10.14
N ASP A 646 36.79 -33.01 8.95
CA ASP A 646 35.95 -32.61 7.82
C ASP A 646 34.98 -33.76 7.51
N TYR A 647 33.69 -33.49 7.66
CA TYR A 647 32.61 -34.46 7.43
C TYR A 647 32.62 -35.09 6.04
N HIS A 648 32.88 -34.28 5.02
CA HIS A 648 32.83 -34.75 3.64
C HIS A 648 34.17 -35.14 3.06
N ARG A 649 35.27 -34.57 3.54
CA ARG A 649 36.61 -34.78 2.94
C ARG A 649 37.54 -35.65 3.77
N GLY A 650 37.25 -35.78 5.07
CA GLY A 650 37.94 -36.70 5.94
C GLY A 650 39.13 -36.20 6.72
N GLN A 651 39.73 -35.07 6.33
CA GLN A 651 40.96 -34.62 7.01
C GLN A 651 40.67 -33.99 8.39
N THR A 652 41.66 -33.98 9.25
CA THR A 652 41.51 -33.38 10.57
C THR A 652 42.19 -32.02 10.63
N TYR A 653 41.67 -31.18 11.51
CA TYR A 653 42.22 -29.84 11.76
C TYR A 653 42.32 -29.65 13.27
N SER A 654 43.41 -29.06 13.73
CA SER A 654 43.46 -28.68 15.14
C SER A 654 42.68 -27.39 15.33
N GLY A 655 42.03 -27.28 16.48
CA GLY A 655 41.19 -26.14 16.79
C GLY A 655 42.00 -24.91 17.20
N GLY A 656 41.26 -23.83 17.45
CA GLY A 656 41.82 -22.56 17.89
C GLY A 656 42.52 -21.79 16.78
N GLN A 657 41.98 -21.87 15.55
CA GLN A 657 42.55 -21.18 14.39
C GLN A 657 41.52 -20.95 13.32
N THR A 658 41.79 -19.98 12.48
CA THR A 658 41.02 -19.76 11.26
C THR A 658 41.67 -20.55 10.13
N ILE A 659 40.89 -21.41 9.48
CA ILE A 659 41.40 -22.21 8.37
C ILE A 659 40.96 -21.61 7.05
N HIS A 660 41.78 -21.85 6.03
CA HIS A 660 41.42 -21.55 4.66
C HIS A 660 40.81 -22.83 4.08
N TYR A 661 39.61 -22.72 3.53
CA TYR A 661 38.84 -23.87 3.08
C TYR A 661 38.51 -23.70 1.60
N PRO A 662 39.18 -24.47 0.71
CA PRO A 662 38.82 -24.36 -0.71
C PRO A 662 37.42 -24.86 -0.99
N VAL A 663 36.69 -24.17 -1.85
CA VAL A 663 35.41 -24.68 -2.33
C VAL A 663 35.34 -24.62 -3.84
N ASN A 664 34.57 -25.55 -4.39
CA ASN A 664 34.41 -25.64 -5.83
C ASN A 664 33.24 -24.76 -6.28
N ALA A 665 33.57 -23.58 -6.81
CA ALA A 665 32.56 -22.63 -7.29
C ALA A 665 31.84 -23.12 -8.55
N ASP A 666 32.45 -24.07 -9.24
CA ASP A 666 31.84 -24.62 -10.45
C ASP A 666 30.71 -25.64 -10.16
N THR A 667 30.86 -26.47 -9.11
CA THR A 667 29.86 -27.51 -8.83
C THR A 667 28.81 -27.13 -7.79
N TRP A 668 29.14 -26.23 -6.85
CA TRP A 668 28.28 -25.87 -5.73
C TRP A 668 27.93 -27.05 -4.82
N THR A 669 28.81 -28.04 -4.75
CA THR A 669 28.53 -29.27 -4.00
C THR A 669 28.98 -29.23 -2.55
N ASP A 670 29.78 -28.23 -2.17
CA ASP A 670 30.33 -28.15 -0.83
C ASP A 670 29.42 -27.48 0.18
N VAL A 671 29.20 -28.17 1.29
CA VAL A 671 28.64 -27.59 2.49
C VAL A 671 29.70 -27.82 3.59
N PRO A 672 30.50 -26.79 3.93
CA PRO A 672 31.55 -27.00 4.94
C PRO A 672 30.98 -27.40 6.30
N LEU A 673 31.38 -28.59 6.76
CA LEU A 673 30.76 -29.24 7.89
C LEU A 673 31.84 -30.04 8.61
N PHE A 674 31.96 -29.84 9.92
CA PHE A 674 33.08 -30.37 10.69
C PHE A 674 32.57 -31.12 11.89
N VAL A 675 33.10 -32.31 12.07
CA VAL A 675 32.73 -33.15 13.20
C VAL A 675 33.64 -32.76 14.36
N LYS A 676 33.06 -32.53 15.53
CA LYS A 676 33.82 -32.20 16.74
C LYS A 676 34.30 -33.52 17.36
N GLN A 677 35.61 -33.66 17.55
CA GLN A 677 36.12 -34.88 18.17
C GLN A 677 35.43 -35.06 19.53
N GLY A 678 35.02 -36.29 19.81
CA GLY A 678 34.08 -36.63 20.87
C GLY A 678 32.70 -36.99 20.34
N ALA A 679 32.45 -36.70 19.07
CA ALA A 679 31.12 -36.83 18.46
C ALA A 679 30.58 -38.24 18.57
N ILE A 680 29.31 -38.31 18.91
CA ILE A 680 28.51 -39.53 18.87
C ILE A 680 27.25 -39.10 18.11
N ILE A 681 27.10 -39.60 16.88
CA ILE A 681 26.08 -39.07 15.97
C ILE A 681 25.22 -40.20 15.42
N PRO A 682 24.02 -40.40 16.00
CA PRO A 682 23.08 -41.36 15.45
C PRO A 682 22.54 -40.90 14.10
N ASN A 683 22.38 -41.84 13.18
CA ASN A 683 21.89 -41.52 11.86
C ASN A 683 21.25 -42.75 11.25
N GLN A 684 20.52 -42.53 10.16
CA GLN A 684 19.70 -43.57 9.58
C GLN A 684 19.62 -43.40 8.08
N GLN A 685 19.10 -44.44 7.44
CA GLN A 685 18.72 -44.38 6.03
C GLN A 685 17.81 -43.16 5.74
N VAL A 686 17.92 -42.64 4.54
CA VAL A 686 17.13 -41.47 4.14
C VAL A 686 15.70 -41.90 3.82
N LEU A 687 14.72 -41.31 4.53
CA LEU A 687 13.30 -41.43 4.22
C LEU A 687 12.79 -40.20 3.45
N ASP A 688 11.75 -40.40 2.64
CA ASP A 688 11.07 -39.29 1.95
C ASP A 688 10.31 -38.39 2.89
N TYR A 689 9.89 -38.93 4.03
CA TYR A 689 9.23 -38.19 5.07
C TYR A 689 9.37 -38.95 6.40
N VAL A 690 9.12 -38.28 7.52
CA VAL A 690 9.68 -38.75 8.80
C VAL A 690 9.17 -40.12 9.31
N ASP A 691 7.94 -40.50 8.96
CA ASP A 691 7.37 -41.78 9.44
C ASP A 691 7.02 -42.68 8.26
N GLN A 692 7.82 -42.59 7.20
CA GLN A 692 7.59 -43.37 6.01
C GLN A 692 7.68 -44.86 6.30
N GLN A 693 8.59 -45.24 7.17
CA GLN A 693 8.66 -46.60 7.70
C GLN A 693 9.36 -46.65 9.04
N SER A 694 9.23 -47.79 9.71
CA SER A 694 9.99 -48.10 10.91
C SER A 694 11.44 -48.27 10.52
N VAL A 695 12.31 -47.67 11.33
CA VAL A 695 13.75 -47.80 11.17
C VAL A 695 14.21 -48.71 12.29
N THR A 696 14.72 -49.87 11.93
CA THR A 696 15.12 -50.91 12.88
C THR A 696 16.65 -50.95 13.14
N THR A 697 17.44 -50.39 12.23
CA THR A 697 18.88 -50.22 12.44
C THR A 697 19.20 -48.72 12.46
N VAL A 698 19.83 -48.28 13.54
CA VAL A 698 20.35 -46.92 13.67
C VAL A 698 21.88 -47.01 13.71
N ASN A 699 22.53 -46.28 12.81
CA ASN A 699 23.98 -46.16 12.83
C ASN A 699 24.36 -45.13 13.89
N VAL A 700 25.49 -45.34 14.54
CA VAL A 700 26.02 -44.38 15.49
C VAL A 700 27.46 -44.13 15.11
N ASP A 701 27.73 -42.95 14.53
CA ASP A 701 29.10 -42.63 14.14
C ASP A 701 29.79 -42.02 15.33
N ILE A 702 30.93 -42.60 15.71
CA ILE A 702 31.66 -42.21 16.92
C ILE A 702 33.09 -41.85 16.56
N PHE A 703 33.50 -40.64 16.98
CA PHE A 703 34.84 -40.12 16.75
C PHE A 703 35.42 -39.88 18.15
N PRO A 704 36.08 -40.91 18.72
CA PRO A 704 36.34 -40.87 20.16
C PRO A 704 37.34 -39.80 20.55
N SER A 705 37.11 -39.17 21.69
CA SER A 705 38.05 -38.25 22.30
C SER A 705 38.64 -38.90 23.55
N ALA A 706 39.78 -38.36 23.99
CA ALA A 706 40.46 -38.84 25.20
C ALA A 706 39.64 -38.66 26.48
N SER A 707 38.68 -37.74 26.46
CA SER A 707 37.70 -37.61 27.54
C SER A 707 36.41 -38.27 27.13
N GLU A 708 35.67 -38.75 28.12
CA GLU A 708 34.40 -39.39 27.85
C GLU A 708 33.42 -38.38 27.32
N THR A 709 32.67 -38.79 26.30
CA THR A 709 31.54 -38.04 25.81
C THR A 709 30.35 -38.95 25.74
N SER A 710 29.17 -38.37 25.62
CA SER A 710 27.95 -39.12 25.55
C SER A 710 26.88 -38.42 24.71
N PHE A 711 25.94 -39.23 24.25
CA PHE A 711 24.76 -38.77 23.55
C PHE A 711 23.63 -39.69 23.96
N THR A 712 22.52 -39.13 24.40
CA THR A 712 21.37 -39.93 24.78
C THR A 712 20.38 -40.07 23.62
N TYR A 713 20.35 -41.27 23.06
CA TYR A 713 19.46 -41.59 21.96
C TYR A 713 18.04 -41.57 22.51
N TYR A 714 17.09 -41.11 21.70
CA TYR A 714 15.71 -40.85 22.13
C TYR A 714 14.71 -41.22 21.05
N GLU A 715 13.64 -41.92 21.45
CA GLU A 715 12.48 -42.17 20.59
C GLU A 715 11.22 -41.91 21.41
N ASP A 716 10.17 -41.52 20.70
CA ASP A 716 8.81 -41.53 21.24
C ASP A 716 7.87 -41.65 20.04
N ASP A 717 6.57 -41.44 20.21
CA ASP A 717 5.63 -41.59 19.08
C ASP A 717 5.69 -40.47 18.01
N GLY A 718 6.39 -39.39 18.28
CA GLY A 718 6.54 -38.30 17.32
C GLY A 718 5.33 -37.42 17.06
N SER A 719 4.25 -37.64 17.82
CA SER A 719 2.89 -37.21 17.44
C SER A 719 2.00 -36.68 18.58
N SER A 720 2.16 -37.19 19.79
CA SER A 720 1.29 -36.84 20.91
C SER A 720 2.10 -36.28 22.05
N TYR A 721 1.41 -35.85 23.09
CA TYR A 721 2.06 -35.45 24.34
C TYR A 721 2.22 -36.60 25.37
N ASP A 722 2.10 -37.85 24.92
CA ASP A 722 2.36 -39.02 25.79
C ASP A 722 3.72 -38.99 26.47
N TYR A 723 4.71 -38.36 25.82
CA TYR A 723 6.04 -38.23 26.39
C TYR A 723 6.05 -37.52 27.75
N GLU A 724 5.11 -36.58 27.96
CA GLU A 724 5.01 -35.82 29.22
C GLU A 724 4.81 -36.68 30.48
N SER A 725 4.18 -37.84 30.32
CA SER A 725 3.98 -38.77 31.43
C SER A 725 4.75 -40.09 31.23
N GLY A 726 5.97 -40.01 30.69
CA GLY A 726 6.91 -41.13 30.66
C GLY A 726 6.95 -42.00 29.41
N SER A 727 6.04 -41.79 28.46
CA SER A 727 5.96 -42.65 27.26
C SER A 727 6.97 -42.21 26.18
N SER A 728 8.22 -42.52 26.48
CA SER A 728 9.33 -42.34 25.57
C SER A 728 10.37 -43.39 25.88
N PHE A 729 11.42 -43.40 25.07
CA PHE A 729 12.53 -44.34 25.19
C PHE A 729 13.83 -43.57 25.06
N GLU A 730 14.76 -43.82 25.96
CA GLU A 730 16.13 -43.38 25.80
C GLU A 730 17.18 -44.42 26.13
N GLN A 731 18.35 -44.25 25.51
CA GLN A 731 19.54 -45.04 25.81
C GLN A 731 20.75 -44.16 25.70
N ARG A 732 21.49 -44.07 26.81
CA ARG A 732 22.69 -43.25 26.87
C ARG A 732 23.85 -43.99 26.20
N LEU A 733 24.43 -43.36 25.19
CA LEU A 733 25.61 -43.87 24.51
C LEU A 733 26.80 -43.01 24.95
N ALA A 734 27.90 -43.66 25.30
CA ALA A 734 29.10 -42.96 25.76
C ALA A 734 30.35 -43.57 25.17
N ALA A 735 31.38 -42.75 24.98
CA ALA A 735 32.61 -43.19 24.34
C ALA A 735 33.83 -42.51 24.91
N GLN A 736 34.95 -43.23 24.83
CA GLN A 736 36.24 -42.71 25.24
C GLN A 736 37.37 -43.45 24.55
N ASP A 737 38.30 -42.66 24.02
CA ASP A 737 39.54 -43.16 23.50
C ASP A 737 40.52 -43.36 24.65
N LEU A 738 40.97 -44.60 24.86
CA LEU A 738 41.88 -44.95 25.97
C LEU A 738 43.29 -45.13 25.43
N SER A 739 44.25 -45.56 26.25
CA SER A 739 45.65 -45.69 25.83
C SER A 739 45.84 -46.54 24.58
N SER A 740 45.18 -47.69 24.49
CA SER A 740 45.31 -48.53 23.30
C SER A 740 44.02 -49.29 22.95
N SER A 741 42.89 -48.66 23.25
CA SER A 741 41.60 -49.16 22.87
C SER A 741 40.60 -48.01 22.89
N VAL A 742 39.41 -48.31 22.40
CA VAL A 742 38.26 -47.44 22.49
C VAL A 742 37.18 -48.20 23.23
N ARG A 743 36.59 -47.53 24.22
CA ARG A 743 35.48 -48.07 25.01
C ARG A 743 34.20 -47.31 24.67
N VAL A 744 33.14 -48.05 24.36
CA VAL A 744 31.82 -47.49 24.10
C VAL A 744 30.81 -48.18 25.02
N GLU A 745 30.05 -47.41 25.77
CA GLU A 745 28.99 -47.95 26.62
C GLU A 745 27.64 -47.66 25.98
N VAL A 746 26.83 -48.70 25.81
CA VAL A 746 25.43 -48.53 25.45
C VAL A 746 24.67 -48.80 26.73
N GLY A 747 24.21 -47.74 27.40
CA GLY A 747 23.46 -47.90 28.64
C GLY A 747 22.19 -48.70 28.43
N ALA A 748 21.61 -49.14 29.54
CA ALA A 748 20.33 -49.85 29.56
C ALA A 748 19.19 -48.98 29.01
N GLY A 749 18.23 -49.61 28.36
CA GLY A 749 17.03 -48.90 27.91
C GLY A 749 16.27 -48.30 29.08
N SER A 750 15.58 -47.20 28.82
CA SER A 750 14.86 -46.46 29.85
C SER A 750 13.57 -45.87 29.30
N GLY A 751 12.48 -46.00 30.06
CA GLY A 751 11.19 -45.43 29.70
C GLY A 751 10.24 -46.48 29.16
N SER A 752 8.98 -46.12 29.02
CA SER A 752 7.92 -47.08 28.70
C SER A 752 7.56 -47.23 27.22
N TYR A 753 8.04 -46.34 26.35
CA TYR A 753 7.76 -46.45 24.92
C TYR A 753 8.61 -47.57 24.32
N THR A 754 7.99 -48.45 23.54
CA THR A 754 8.71 -49.51 22.86
C THR A 754 9.25 -48.95 21.55
N PRO A 755 10.58 -48.87 21.42
CA PRO A 755 11.15 -48.18 20.26
C PRO A 755 11.14 -49.05 19.02
N ASP A 756 11.22 -48.43 17.85
CA ASP A 756 11.38 -49.19 16.62
C ASP A 756 12.80 -49.77 16.50
N VAL A 757 13.81 -49.10 17.05
CA VAL A 757 15.19 -49.54 16.85
C VAL A 757 15.42 -50.92 17.52
N GLN A 758 15.97 -51.83 16.73
CA GLN A 758 16.29 -53.20 17.15
C GLN A 758 17.80 -53.41 17.31
N HIS A 759 18.59 -52.79 16.42
CA HIS A 759 20.04 -52.91 16.42
C HIS A 759 20.69 -51.53 16.25
N TYR A 760 21.77 -51.25 16.98
CA TYR A 760 22.71 -50.18 16.61
C TYR A 760 23.84 -50.77 15.79
N VAL A 761 24.29 -50.05 14.76
CA VAL A 761 25.57 -50.32 14.12
C VAL A 761 26.52 -49.20 14.52
N LEU A 762 27.39 -49.48 15.48
CA LEU A 762 28.41 -48.52 15.94
C LEU A 762 29.48 -48.45 14.86
N LYS A 763 29.85 -47.22 14.47
CA LYS A 763 30.92 -47.02 13.51
C LYS A 763 31.95 -46.21 14.25
N ILE A 764 32.95 -46.91 14.75
CA ILE A 764 33.93 -46.33 15.64
C ILE A 764 35.13 -45.95 14.77
N HIS A 765 35.29 -44.64 14.57
CA HIS A 765 36.33 -44.12 13.68
C HIS A 765 37.66 -43.98 14.38
N GLY A 766 38.75 -44.16 13.62
CA GLY A 766 40.12 -43.95 14.09
C GLY A 766 40.87 -45.20 14.55
N ARG A 767 40.21 -46.35 14.55
CA ARG A 767 40.84 -47.62 14.89
C ARG A 767 40.15 -48.74 14.14
N ALA A 768 40.94 -49.62 13.52
CA ALA A 768 40.43 -50.87 12.94
C ALA A 768 40.91 -51.98 13.87
N GLY A 769 40.03 -52.43 14.77
CA GLY A 769 40.43 -53.35 15.83
C GLY A 769 40.83 -54.73 15.33
N SER A 770 41.57 -55.47 16.17
CA SER A 770 41.76 -56.91 15.98
C SER A 770 40.85 -57.72 16.90
N ALA A 771 40.24 -57.06 17.89
CA ALA A 771 39.25 -57.69 18.75
C ALA A 771 38.23 -56.67 19.26
N VAL A 772 37.01 -57.14 19.44
CA VAL A 772 35.95 -56.34 20.03
C VAL A 772 35.30 -57.18 21.11
N THR A 773 35.33 -56.70 22.35
CA THR A 773 34.83 -57.45 23.51
C THR A 773 33.67 -56.78 24.21
N ALA A 774 32.93 -57.59 24.96
CA ALA A 774 31.80 -57.13 25.76
C ALA A 774 31.45 -58.19 26.81
N GLY A 775 31.62 -57.85 28.09
CA GLY A 775 31.19 -58.72 29.19
C GLY A 775 32.01 -60.00 29.34
N GLY A 776 33.31 -59.91 29.06
CA GLY A 776 34.21 -61.06 29.05
C GLY A 776 34.07 -61.97 27.84
N SER A 777 33.39 -61.49 26.79
CA SER A 777 33.19 -62.25 25.55
C SER A 777 33.74 -61.44 24.39
N ALA A 778 34.57 -62.07 23.57
CA ALA A 778 34.99 -61.54 22.31
C ALA A 778 33.88 -61.78 21.28
N LEU A 779 33.46 -60.71 20.64
CA LEU A 779 32.40 -60.76 19.65
C LEU A 779 32.89 -61.48 18.40
N THR A 780 31.96 -62.14 17.72
CA THR A 780 32.25 -62.79 16.43
C THR A 780 32.65 -61.75 15.39
N GLY A 781 33.75 -62.01 14.69
CA GLY A 781 34.22 -61.16 13.59
C GLY A 781 33.63 -61.56 12.25
N TYR A 782 33.20 -60.59 11.46
CA TYR A 782 32.71 -60.83 10.10
C TYR A 782 33.59 -60.13 9.10
N GLY A 783 33.45 -60.49 7.83
CA GLY A 783 34.41 -60.08 6.81
C GLY A 783 34.40 -58.59 6.48
N ASP A 784 33.24 -57.98 6.61
CA ASP A 784 33.02 -56.59 6.22
C ASP A 784 31.67 -56.15 6.75
N LEU A 785 31.33 -54.88 6.56
CA LEU A 785 30.06 -54.33 7.03
C LEU A 785 28.84 -55.10 6.48
N GLN A 786 28.85 -55.42 5.18
CA GLN A 786 27.74 -56.15 4.58
C GLN A 786 27.51 -57.51 5.27
N ALA A 787 28.57 -58.29 5.45
CA ALA A 787 28.47 -59.57 6.18
C ALA A 787 27.95 -59.36 7.60
N LEU A 788 28.39 -58.29 8.25
CA LEU A 788 27.93 -57.99 9.60
C LEU A 788 26.44 -57.63 9.64
N GLN A 789 25.99 -56.80 8.69
CA GLN A 789 24.59 -56.37 8.64
C GLN A 789 23.65 -57.55 8.39
N ALA A 790 24.09 -58.51 7.58
CA ALA A 790 23.29 -59.70 7.24
C ALA A 790 23.29 -60.76 8.36
N ALA A 791 24.29 -60.75 9.23
CA ALA A 791 24.33 -61.69 10.34
C ALA A 791 23.21 -61.39 11.33
N SER A 792 22.59 -62.44 11.87
CA SER A 792 21.74 -62.28 13.05
C SER A 792 22.65 -62.32 14.26
N GLY A 793 22.31 -61.58 15.29
CA GLY A 793 23.11 -61.53 16.51
C GLY A 793 24.33 -60.62 16.35
N SER A 794 24.95 -60.31 17.48
CA SER A 794 26.04 -59.33 17.56
C SER A 794 27.28 -59.73 16.79
N GLY A 795 28.10 -58.74 16.51
CA GLY A 795 29.33 -58.99 15.80
C GLY A 795 30.07 -57.70 15.54
N TRP A 796 31.24 -57.83 14.95
CA TRP A 796 32.05 -56.71 14.53
C TRP A 796 32.67 -56.98 13.19
N ALA A 797 33.18 -55.92 12.59
CA ALA A 797 33.90 -55.95 11.35
C ALA A 797 34.77 -54.69 11.33
N SER A 798 35.62 -54.57 10.34
CA SER A 798 36.43 -53.36 10.24
C SER A 798 36.56 -53.00 8.78
N GLY A 799 37.05 -51.79 8.56
CA GLY A 799 37.25 -51.34 7.20
C GLY A 799 37.93 -50.00 7.14
N ARG A 800 37.78 -49.36 5.99
CA ARG A 800 38.31 -48.05 5.73
C ARG A 800 37.18 -47.19 5.18
N ASP A 801 37.18 -45.92 5.58
CA ASP A 801 36.24 -44.93 5.00
C ASP A 801 37.00 -43.63 4.81
N ILE A 802 36.29 -42.57 4.42
CA ILE A 802 36.89 -41.26 4.14
C ILE A 802 37.72 -40.74 5.34
N TYR A 803 37.36 -41.13 6.57
CA TYR A 803 38.08 -40.66 7.77
C TYR A 803 39.30 -41.50 8.11
N GLY A 804 39.37 -42.71 7.55
CA GLY A 804 40.48 -43.62 7.79
C GLY A 804 39.96 -44.95 8.31
N ASP A 805 40.64 -45.47 9.33
CA ASP A 805 40.31 -46.78 9.92
C ASP A 805 38.98 -46.72 10.63
N VAL A 806 38.20 -47.79 10.55
CA VAL A 806 36.92 -47.83 11.23
C VAL A 806 36.61 -49.24 11.71
N THR A 807 35.98 -49.35 12.88
CA THR A 807 35.49 -50.61 13.40
C THR A 807 33.97 -50.52 13.51
N TYR A 808 33.31 -51.52 12.96
CA TYR A 808 31.85 -51.64 13.00
C TYR A 808 31.48 -52.62 14.10
N VAL A 809 30.46 -52.28 14.89
CA VAL A 809 29.97 -53.17 15.94
C VAL A 809 28.46 -53.13 15.90
N LYS A 810 27.85 -54.28 15.60
CA LYS A 810 26.41 -54.45 15.66
C LYS A 810 26.01 -55.05 17.01
N LEU A 811 25.08 -54.39 17.70
CA LEU A 811 24.58 -54.78 19.02
C LEU A 811 23.06 -54.63 19.07
N PRO A 812 22.38 -55.38 19.97
CA PRO A 812 20.96 -55.11 20.19
C PRO A 812 20.69 -53.79 20.93
N ALA A 813 19.70 -53.05 20.45
CA ALA A 813 19.22 -51.85 21.15
C ALA A 813 18.15 -52.26 22.16
N ALA A 814 17.89 -51.36 23.10
CA ALA A 814 16.79 -51.48 24.06
C ALA A 814 16.86 -52.72 24.95
N SER A 815 18.08 -53.14 25.28
CA SER A 815 18.27 -54.19 26.28
C SER A 815 18.03 -53.59 27.68
N GLY A 816 17.62 -54.45 28.61
CA GLY A 816 17.43 -54.07 30.00
C GLY A 816 18.72 -53.77 30.77
N SER A 817 19.88 -54.11 30.20
CA SER A 817 21.15 -53.85 30.85
C SER A 817 22.17 -53.17 29.93
N ALA A 818 23.12 -52.51 30.55
CA ALA A 818 24.20 -51.81 29.85
C ALA A 818 25.18 -52.81 29.22
N THR A 819 25.76 -52.41 28.09
CA THR A 819 26.77 -53.18 27.38
C THR A 819 27.98 -52.26 27.23
N VAL A 820 29.15 -52.74 27.61
CA VAL A 820 30.40 -52.01 27.42
C VAL A 820 31.19 -52.75 26.37
N VAL A 821 31.45 -52.09 25.25
CA VAL A 821 32.21 -52.63 24.14
C VAL A 821 33.59 -52.02 24.21
N GLU A 822 34.60 -52.83 23.94
CA GLU A 822 35.98 -52.36 23.88
C GLU A 822 36.62 -52.86 22.59
N VAL A 823 37.10 -51.91 21.78
CA VAL A 823 37.77 -52.21 20.54
C VAL A 823 39.25 -52.05 20.81
N SER A 824 40.03 -53.13 20.64
CA SER A 824 41.48 -53.10 20.85
C SER A 824 42.23 -53.64 19.66
N GLY A 825 43.54 -53.41 19.67
CA GLY A 825 44.39 -53.77 18.54
C GLY A 825 44.26 -52.84 17.36
N SER A 826 45.11 -53.04 16.35
CA SER A 826 45.08 -52.25 15.12
C SER A 826 45.45 -53.17 13.97
N ALA A 827 44.48 -53.47 13.11
CA ALA A 827 44.68 -54.30 11.93
C ALA A 827 44.00 -53.62 10.74
N PRO A 828 44.66 -52.61 10.15
CA PRO A 828 44.01 -51.79 9.11
C PRO A 828 43.63 -52.58 7.86
N SER A 829 42.50 -52.21 7.28
CA SER A 829 42.03 -52.82 6.02
C SER A 829 43.02 -52.56 4.89
N ALA A 830 43.17 -53.52 4.00
CA ALA A 830 43.89 -53.34 2.75
C ALA A 830 43.00 -52.76 1.63
N ALA A 831 41.71 -52.58 1.88
CA ALA A 831 40.77 -52.08 0.85
C ALA A 831 41.31 -50.83 0.12
N THR A 832 41.16 -50.82 -1.20
CA THR A 832 41.53 -49.68 -2.02
C THR A 832 40.31 -48.88 -2.49
N HIS A 833 39.11 -49.47 -2.40
CA HIS A 833 37.86 -48.85 -2.84
C HIS A 833 36.79 -48.93 -1.75
N ALA A 834 35.93 -47.91 -1.75
CA ALA A 834 34.66 -47.94 -1.03
C ALA A 834 33.66 -48.58 -1.96
N ILE A 835 32.75 -49.36 -1.39
CA ILE A 835 31.67 -50.00 -2.16
C ILE A 835 30.34 -49.39 -1.78
N TYR A 836 29.59 -48.94 -2.78
CA TYR A 836 28.24 -48.43 -2.60
C TYR A 836 27.24 -49.36 -3.28
N GLU A 837 26.47 -50.11 -2.48
CA GLU A 837 25.41 -50.95 -3.03
C GLU A 837 24.28 -50.03 -3.50
N VAL A 838 23.96 -50.07 -4.80
CA VAL A 838 23.03 -49.08 -5.35
C VAL A 838 21.58 -49.29 -4.92
N GLU A 839 21.23 -50.49 -4.45
CA GLU A 839 19.93 -50.72 -3.81
C GLU A 839 19.74 -49.90 -2.51
N ASP A 840 20.83 -49.47 -1.89
CA ASP A 840 20.79 -48.53 -0.76
C ASP A 840 20.81 -47.06 -1.20
N ALA A 841 20.97 -46.78 -2.49
CA ALA A 841 21.15 -45.40 -2.97
C ALA A 841 19.80 -44.76 -3.34
N SER A 842 19.83 -43.55 -3.87
CA SER A 842 18.62 -42.78 -4.15
C SER A 842 18.05 -43.13 -5.52
N ARG A 843 16.84 -43.65 -5.53
CA ARG A 843 16.19 -44.08 -6.79
C ARG A 843 15.15 -43.05 -7.20
N SER A 844 15.18 -42.61 -8.46
CA SER A 844 14.23 -41.62 -8.96
C SER A 844 13.72 -41.96 -10.37
N GLY A 845 12.77 -41.16 -10.85
CA GLY A 845 12.19 -41.34 -12.17
C GLY A 845 11.31 -40.17 -12.53
N ALA A 846 10.64 -40.28 -13.68
CA ALA A 846 9.81 -39.19 -14.18
C ALA A 846 8.55 -38.96 -13.33
N THR A 847 8.04 -40.01 -12.70
CA THR A 847 6.84 -39.90 -11.89
C THR A 847 7.04 -40.76 -10.65
N PRO A 848 6.18 -40.60 -9.62
CA PRO A 848 6.35 -41.40 -8.41
C PRO A 848 6.26 -42.93 -8.57
N THR A 849 5.52 -43.40 -9.57
CA THR A 849 5.38 -44.85 -9.84
C THR A 849 6.34 -45.37 -10.91
N THR A 850 7.22 -44.52 -11.43
CA THR A 850 8.21 -44.95 -12.43
C THR A 850 9.69 -44.69 -12.01
N ARG A 851 9.93 -44.69 -10.70
CA ARG A 851 11.29 -44.61 -10.18
C ARG A 851 12.02 -45.93 -10.42
N ALA A 852 13.35 -45.87 -10.54
CA ALA A 852 14.16 -47.08 -10.45
C ALA A 852 13.76 -47.91 -9.22
N GLY A 853 13.87 -49.23 -9.38
CA GLY A 853 13.38 -50.16 -8.37
C GLY A 853 14.48 -51.02 -7.77
N ILE A 854 14.13 -51.70 -6.69
CA ILE A 854 15.00 -52.67 -6.05
C ILE A 854 14.46 -54.07 -6.35
N ASN A 855 15.36 -55.03 -6.55
CA ASN A 855 14.94 -56.41 -6.77
C ASN A 855 16.01 -57.43 -6.37
N THR A 856 15.56 -58.69 -6.31
CA THR A 856 16.40 -59.83 -6.01
C THR A 856 16.04 -61.05 -6.89
N ASN A 857 15.41 -60.80 -8.05
CA ASN A 857 14.83 -61.87 -8.88
C ASN A 857 15.79 -62.43 -9.93
N HIS A 858 17.09 -62.13 -9.81
CA HIS A 858 18.15 -62.81 -10.56
C HIS A 858 19.28 -62.99 -9.57
N SER A 859 20.03 -64.08 -9.70
CA SER A 859 21.06 -64.42 -8.71
C SER A 859 22.39 -63.75 -9.06
N GLY A 860 23.32 -63.78 -8.11
CA GLY A 860 24.71 -63.36 -8.33
C GLY A 860 25.06 -61.95 -7.88
N TYR A 861 24.13 -61.30 -7.19
CA TYR A 861 24.27 -59.90 -6.78
C TYR A 861 24.98 -59.83 -5.44
N SER A 862 25.71 -58.73 -5.26
CA SER A 862 26.29 -58.33 -3.98
C SER A 862 25.26 -57.61 -3.10
N GLY A 863 25.43 -57.72 -1.80
CA GLY A 863 24.56 -57.06 -0.84
C GLY A 863 23.19 -57.70 -0.77
N SER A 864 22.16 -56.89 -0.61
CA SER A 864 20.81 -57.34 -0.40
C SER A 864 19.97 -57.33 -1.69
N GLY A 865 20.56 -56.90 -2.80
CA GLY A 865 19.83 -56.81 -4.04
C GLY A 865 20.55 -56.01 -5.11
N PHE A 866 19.79 -55.53 -6.07
CA PHE A 866 20.30 -54.71 -7.16
C PHE A 866 19.22 -53.74 -7.59
N VAL A 867 19.55 -52.82 -8.48
CA VAL A 867 18.57 -51.83 -8.96
C VAL A 867 18.09 -52.20 -10.36
N ASP A 868 16.77 -52.29 -10.52
CA ASP A 868 16.12 -52.54 -11.82
C ASP A 868 15.14 -51.40 -12.12
N LYS A 869 14.20 -51.62 -13.05
CA LYS A 869 13.33 -50.56 -13.57
C LYS A 869 14.12 -49.35 -14.08
N LEU A 870 15.27 -49.62 -14.71
CA LEU A 870 16.03 -48.63 -15.46
C LEU A 870 15.67 -48.74 -16.95
N ASP A 871 14.41 -49.09 -17.20
CA ASP A 871 13.87 -49.32 -18.54
C ASP A 871 12.58 -48.51 -18.80
N VAL A 872 12.35 -47.47 -18.00
CA VAL A 872 11.33 -46.45 -18.25
C VAL A 872 12.12 -45.13 -18.32
N PRO A 873 11.97 -44.37 -19.43
CA PRO A 873 12.69 -43.10 -19.58
C PRO A 873 12.69 -42.22 -18.30
N GLY A 874 13.89 -41.73 -17.95
CA GLY A 874 14.09 -40.92 -16.77
C GLY A 874 14.43 -41.64 -15.49
N ALA A 875 14.32 -42.97 -15.46
CA ALA A 875 14.68 -43.69 -14.24
C ALA A 875 16.16 -43.52 -13.95
N ALA A 876 16.50 -43.39 -12.69
CA ALA A 876 17.88 -43.10 -12.29
C ALA A 876 18.19 -43.58 -10.89
N VAL A 877 19.48 -43.82 -10.64
CA VAL A 877 19.97 -44.07 -9.31
C VAL A 877 21.16 -43.15 -9.04
N THR A 878 21.19 -42.59 -7.84
CA THR A 878 22.16 -41.57 -7.46
C THR A 878 22.89 -41.97 -6.19
N VAL A 879 24.23 -42.01 -6.26
CA VAL A 879 25.09 -42.35 -5.14
C VAL A 879 25.80 -41.07 -4.66
N TYR A 880 25.79 -40.85 -3.35
CA TYR A 880 26.57 -39.76 -2.74
C TYR A 880 27.90 -40.32 -2.24
N ALA A 881 28.98 -39.95 -2.92
CA ALA A 881 30.29 -40.53 -2.66
C ALA A 881 31.25 -39.41 -2.29
N ASN A 882 31.92 -39.56 -1.15
CA ASN A 882 32.93 -38.61 -0.70
C ASN A 882 34.31 -38.89 -1.30
N ALA A 883 35.04 -37.83 -1.64
CA ALA A 883 36.42 -37.88 -2.11
C ALA A 883 37.30 -36.96 -1.25
N PRO A 884 38.53 -37.38 -0.88
CA PRO A 884 39.36 -36.52 -0.02
C PRO A 884 39.86 -35.25 -0.71
N VAL A 885 40.11 -35.38 -2.02
CA VAL A 885 40.62 -34.32 -2.87
C VAL A 885 39.96 -34.42 -4.22
N SER A 886 40.06 -33.34 -5.00
CA SER A 886 39.55 -33.34 -6.35
C SER A 886 40.52 -34.11 -7.25
N GLY A 887 39.97 -34.80 -8.25
CA GLY A 887 40.81 -35.46 -9.24
C GLY A 887 40.11 -36.56 -10.01
N ASP A 888 40.92 -37.42 -10.63
CA ASP A 888 40.46 -38.54 -11.46
C ASP A 888 40.25 -39.78 -10.62
N TYR A 889 39.01 -40.26 -10.58
CA TYR A 889 38.71 -41.48 -9.86
C TYR A 889 38.12 -42.51 -10.83
N PRO A 890 38.86 -43.60 -11.12
CA PRO A 890 38.25 -44.68 -11.94
C PRO A 890 37.21 -45.44 -11.13
N VAL A 891 35.94 -45.24 -11.47
CA VAL A 891 34.83 -45.77 -10.69
C VAL A 891 34.26 -46.99 -11.43
N GLU A 892 34.21 -48.11 -10.73
CA GLU A 892 33.75 -49.37 -11.30
C GLU A 892 32.25 -49.50 -11.09
N LEU A 893 31.52 -49.80 -12.17
CA LEU A 893 30.09 -50.08 -12.09
C LEU A 893 29.88 -51.57 -12.33
N ARG A 894 29.25 -52.26 -11.38
CA ARG A 894 28.88 -53.66 -11.58
C ARG A 894 27.44 -53.71 -12.07
N TYR A 895 27.22 -54.44 -13.16
CA TYR A 895 25.91 -54.48 -13.81
C TYR A 895 25.62 -55.85 -14.47
N ALA A 896 24.36 -56.06 -14.85
CA ALA A 896 23.96 -57.23 -15.64
C ALA A 896 23.19 -56.72 -16.83
N ASN A 897 23.38 -57.42 -17.96
CA ASN A 897 22.69 -57.11 -19.21
C ASN A 897 22.44 -58.44 -19.92
N GLY A 898 21.28 -59.02 -19.67
CA GLY A 898 20.82 -60.23 -20.36
C GLY A 898 19.92 -59.94 -21.55
N SER A 899 20.11 -58.79 -22.20
CA SER A 899 19.22 -58.38 -23.30
C SER A 899 19.66 -58.94 -24.65
N GLY A 900 20.86 -59.51 -24.73
CA GLY A 900 21.43 -59.97 -25.99
C GLY A 900 22.28 -58.98 -26.75
N SER A 901 22.31 -57.71 -26.33
CA SER A 901 23.14 -56.69 -27.00
C SER A 901 23.48 -55.51 -26.06
N ALA A 902 24.37 -54.63 -26.51
CA ALA A 902 24.84 -53.52 -25.67
C ALA A 902 23.70 -52.57 -25.35
N LYS A 903 23.72 -52.02 -24.13
CA LYS A 903 22.73 -51.05 -23.69
C LYS A 903 23.47 -49.83 -23.14
N THR A 904 22.83 -48.67 -23.24
CA THR A 904 23.46 -47.42 -22.82
C THR A 904 22.74 -46.76 -21.65
N LEU A 905 23.54 -46.17 -20.76
CA LEU A 905 23.08 -45.30 -19.70
C LEU A 905 24.02 -44.09 -19.62
N SER A 906 23.48 -42.97 -19.17
CA SER A 906 24.28 -41.77 -18.94
C SER A 906 24.87 -41.84 -17.54
N VAL A 907 26.10 -41.39 -17.38
CA VAL A 907 26.67 -41.17 -16.04
C VAL A 907 26.83 -39.66 -15.89
N TYR A 908 26.17 -39.13 -14.87
CA TYR A 908 26.25 -37.71 -14.52
C TYR A 908 27.07 -37.61 -13.23
N VAL A 909 27.94 -36.60 -13.18
CA VAL A 909 28.71 -36.29 -11.96
C VAL A 909 28.52 -34.80 -11.65
N ASN A 910 28.03 -34.52 -10.44
CA ASN A 910 27.73 -33.15 -10.01
C ASN A 910 26.96 -32.34 -11.05
N ALA A 911 25.92 -33.01 -11.59
CA ALA A 911 25.00 -32.46 -12.58
C ALA A 911 25.57 -32.22 -13.97
N ALA A 912 26.75 -32.75 -14.27
CA ALA A 912 27.30 -32.71 -15.62
C ALA A 912 27.24 -34.11 -16.23
N ARG A 913 26.81 -34.21 -17.49
CA ARG A 913 26.83 -35.50 -18.22
C ARG A 913 28.26 -35.82 -18.63
N VAL A 914 28.90 -36.73 -17.91
CA VAL A 914 30.30 -37.07 -18.12
C VAL A 914 30.48 -38.02 -19.29
N GLN A 915 29.66 -39.06 -19.35
CA GLN A 915 29.77 -40.03 -20.44
C GLN A 915 28.48 -40.76 -20.67
N GLN A 916 28.29 -41.24 -21.90
CA GLN A 916 27.32 -42.31 -22.16
C GLN A 916 28.05 -43.64 -22.02
N LEU A 917 27.63 -44.48 -21.09
CA LEU A 917 28.25 -45.79 -20.91
C LEU A 917 27.62 -46.78 -21.87
N SER A 918 28.44 -47.53 -22.59
CA SER A 918 27.98 -48.68 -23.40
C SER A 918 28.28 -49.94 -22.62
N LEU A 919 27.23 -50.57 -22.12
CA LEU A 919 27.34 -51.70 -21.24
C LEU A 919 27.02 -52.97 -22.06
N ALA A 920 28.04 -53.82 -22.25
CA ALA A 920 27.90 -55.02 -23.09
C ALA A 920 27.02 -56.06 -22.43
N ASP A 921 26.35 -56.86 -23.27
CA ASP A 921 25.64 -58.05 -22.81
C ASP A 921 26.58 -58.88 -21.94
N THR A 922 26.08 -59.35 -20.80
CA THR A 922 26.83 -60.19 -19.85
C THR A 922 26.45 -61.69 -19.91
N GLY A 923 25.67 -62.08 -20.92
CA GLY A 923 25.32 -63.48 -21.18
C GLY A 923 23.94 -63.88 -20.68
N ALA A 924 23.57 -63.33 -19.52
CA ALA A 924 22.28 -63.61 -18.88
C ALA A 924 22.02 -62.58 -17.77
N TRP A 925 20.78 -62.52 -17.29
CA TRP A 925 20.40 -61.59 -16.22
C TRP A 925 20.99 -61.95 -14.86
N SER A 926 21.41 -63.21 -14.70
CA SER A 926 22.08 -63.66 -13.49
C SER A 926 23.60 -63.68 -13.62
N GLN A 927 24.13 -63.18 -14.74
CA GLN A 927 25.57 -63.02 -14.93
C GLN A 927 25.92 -61.52 -14.98
N TRP A 928 27.00 -61.17 -14.29
CA TRP A 928 27.34 -59.79 -13.99
C TRP A 928 28.70 -59.43 -14.56
N GLY A 929 28.90 -58.15 -14.86
CA GLY A 929 30.15 -57.67 -15.44
C GLY A 929 30.46 -56.33 -14.82
N THR A 930 31.59 -55.75 -15.19
CA THR A 930 32.01 -54.45 -14.67
C THR A 930 32.45 -53.53 -15.80
N GLN A 931 32.18 -52.25 -15.61
CA GLN A 931 32.63 -51.20 -16.51
C GLN A 931 33.26 -50.13 -15.62
N THR A 932 34.49 -49.72 -15.94
CA THR A 932 35.21 -48.72 -15.15
C THR A 932 35.34 -47.46 -15.98
N THR A 933 35.03 -46.32 -15.37
CA THR A 933 35.01 -45.06 -16.06
C THR A 933 35.68 -44.04 -15.15
N THR A 934 36.60 -43.27 -15.72
CA THR A 934 37.29 -42.24 -14.94
C THR A 934 36.37 -41.04 -14.77
N LEU A 935 36.03 -40.73 -13.51
CA LEU A 935 35.11 -39.66 -13.21
C LEU A 935 35.85 -38.48 -12.60
N PRO A 936 35.51 -37.25 -13.01
CA PRO A 936 36.10 -36.06 -12.39
C PRO A 936 35.38 -35.74 -11.08
N LEU A 937 35.90 -36.22 -9.98
CA LEU A 937 35.29 -35.92 -8.67
C LEU A 937 35.95 -34.68 -8.04
N THR A 938 35.17 -33.96 -7.24
CA THR A 938 35.64 -32.78 -6.50
C THR A 938 35.85 -33.16 -5.04
N ALA A 939 36.68 -32.40 -4.33
CA ALA A 939 36.92 -32.69 -2.94
C ALA A 939 35.60 -32.59 -2.15
N GLY A 940 35.33 -33.61 -1.34
CA GLY A 940 34.12 -33.64 -0.51
C GLY A 940 33.05 -34.50 -1.19
N GLN A 941 31.79 -34.10 -1.05
CA GLN A 941 30.68 -34.90 -1.54
C GLN A 941 30.59 -34.79 -3.05
N ASN A 942 30.27 -35.92 -3.68
CA ASN A 942 30.03 -35.98 -5.13
C ASN A 942 28.71 -36.65 -5.39
N ILE A 943 28.05 -36.23 -6.47
CA ILE A 943 26.73 -36.75 -6.83
C ILE A 943 26.93 -37.55 -8.10
N ILE A 944 26.85 -38.88 -8.00
CA ILE A 944 27.14 -39.78 -9.12
C ILE A 944 25.84 -40.45 -9.48
N THR A 945 25.35 -40.17 -10.68
CA THR A 945 24.05 -40.65 -11.12
C THR A 945 24.12 -41.49 -12.39
N TYR A 946 23.48 -42.65 -12.36
CA TYR A 946 23.32 -43.51 -13.53
C TYR A 946 21.87 -43.42 -13.93
N LYS A 947 21.62 -43.00 -15.16
CA LYS A 947 20.29 -42.59 -15.60
C LYS A 947 19.98 -43.08 -17.03
N TYR A 948 18.75 -43.50 -17.22
CA TYR A 948 18.20 -43.75 -18.55
C TYR A 948 17.71 -42.40 -19.06
N ASP A 949 18.57 -41.72 -19.81
CA ASP A 949 18.26 -40.40 -20.34
C ASP A 949 17.87 -40.58 -21.80
N SER A 950 16.58 -40.81 -22.03
CA SER A 950 16.11 -41.08 -23.40
C SER A 950 16.28 -39.85 -24.30
N ASP A 951 16.19 -38.65 -23.73
CA ASP A 951 16.45 -37.42 -24.49
C ASP A 951 17.92 -37.16 -24.84
N ALA A 952 18.83 -38.03 -24.38
CA ALA A 952 20.20 -38.07 -24.87
C ALA A 952 20.50 -39.31 -25.70
N GLY A 953 19.47 -40.10 -26.02
CA GLY A 953 19.64 -41.30 -26.85
C GLY A 953 20.04 -42.59 -26.14
N ASP A 954 20.04 -42.56 -24.80
CA ASP A 954 20.27 -43.78 -24.02
C ASP A 954 19.14 -44.79 -24.30
N THR A 955 19.47 -46.07 -24.18
CA THR A 955 18.47 -47.14 -24.28
C THR A 955 17.90 -47.52 -22.93
N GLY A 956 18.70 -47.37 -21.88
CA GLY A 956 18.39 -47.96 -20.58
C GLY A 956 18.44 -49.48 -20.68
N GLY A 957 17.83 -50.16 -19.73
CA GLY A 957 17.56 -51.60 -19.82
C GLY A 957 18.63 -52.53 -19.26
N VAL A 958 19.25 -52.11 -18.14
CA VAL A 958 20.23 -52.92 -17.42
C VAL A 958 19.91 -52.91 -15.93
N ASN A 959 20.55 -53.80 -15.19
CA ASN A 959 20.42 -53.88 -13.73
C ASN A 959 21.78 -53.51 -13.18
N LEU A 960 21.80 -52.77 -12.06
CA LEU A 960 23.03 -52.24 -11.50
C LEU A 960 23.16 -52.77 -10.09
N ASP A 961 24.35 -53.22 -9.74
CA ASP A 961 24.55 -53.90 -8.46
C ASP A 961 25.21 -53.00 -7.42
N TYR A 962 26.34 -52.41 -7.82
CA TYR A 962 27.09 -51.49 -6.98
C TYR A 962 28.07 -50.66 -7.80
N ILE A 963 28.64 -49.63 -7.17
CA ILE A 963 29.84 -48.99 -7.68
C ILE A 963 30.97 -49.08 -6.64
N ARG A 964 32.20 -49.07 -7.12
CA ARG A 964 33.38 -49.05 -6.27
C ARG A 964 34.17 -47.80 -6.61
N VAL A 965 34.45 -46.99 -5.59
CA VAL A 965 35.11 -45.70 -5.76
C VAL A 965 36.45 -45.80 -5.02
N PRO A 966 37.56 -45.57 -5.72
CA PRO A 966 38.85 -45.65 -5.03
C PRO A 966 38.99 -44.56 -3.94
N PHE A 967 39.64 -44.93 -2.82
CA PHE A 967 39.89 -43.98 -1.71
C PHE A 967 40.84 -42.87 -2.15
N ALA A 968 41.66 -43.14 -3.16
CA ALA A 968 42.57 -42.15 -3.69
C ALA A 968 42.46 -42.06 -5.20
N PRO A 969 42.61 -40.85 -5.75
CA PRO A 969 42.55 -40.73 -7.19
C PRO A 969 43.85 -41.15 -7.84
N THR A 970 43.84 -41.29 -9.17
CA THR A 970 45.03 -41.61 -9.93
C THR A 970 45.91 -40.38 -9.98
N GLN A 971 45.28 -39.21 -10.11
CA GLN A 971 45.95 -37.92 -10.01
C GLN A 971 44.96 -36.91 -9.42
N ALA A 972 45.51 -35.96 -8.66
CA ALA A 972 44.71 -34.94 -7.98
C ALA A 972 44.85 -33.60 -8.69
N GLU A 973 43.85 -32.75 -8.51
CA GLU A 973 43.91 -31.37 -8.98
C GLU A 973 43.47 -30.41 -7.86
N TYR A 974 44.07 -29.23 -7.88
CA TYR A 974 43.78 -28.17 -6.91
C TYR A 974 43.62 -26.92 -7.72
N ALA A 975 42.44 -26.29 -7.66
CA ALA A 975 42.16 -25.07 -8.41
C ALA A 975 42.94 -23.90 -7.81
N ALA A 976 43.63 -23.14 -8.65
CA ALA A 976 44.40 -21.98 -8.18
C ALA A 976 43.49 -20.93 -7.53
N GLU A 977 42.33 -20.71 -8.15
CA GLU A 977 41.34 -19.76 -7.64
C GLU A 977 40.84 -20.08 -6.22
N SER A 978 40.92 -21.35 -5.81
CA SER A 978 40.56 -21.78 -4.45
C SER A 978 41.73 -21.88 -3.47
N ALA A 979 42.92 -21.55 -3.94
CA ALA A 979 44.11 -21.57 -3.08
C ALA A 979 44.12 -20.34 -2.17
N LYS A 980 45.02 -20.34 -1.20
CA LYS A 980 45.19 -19.19 -0.32
C LYS A 980 45.96 -18.11 -1.09
N LEU A 981 45.28 -17.01 -1.40
CA LEU A 981 45.85 -15.91 -2.16
C LEU A 981 46.32 -14.80 -1.20
N TRP A 982 47.50 -14.24 -1.49
CA TRP A 982 48.12 -13.22 -0.63
C TRP A 982 48.97 -12.27 -1.47
N GLY A 983 49.26 -11.10 -0.91
CA GLY A 983 50.16 -10.13 -1.54
C GLY A 983 49.63 -9.52 -2.81
N GLY A 984 48.30 -9.47 -2.95
CA GLY A 984 47.65 -8.88 -4.10
C GLY A 984 47.14 -9.87 -5.14
N ALA A 985 47.54 -11.14 -5.03
CA ALA A 985 46.99 -12.19 -5.91
C ALA A 985 45.49 -12.20 -5.77
N GLY A 986 44.81 -12.37 -6.89
CA GLY A 986 43.34 -12.33 -6.95
C GLY A 986 42.80 -13.30 -8.00
N THR A 987 41.50 -13.48 -8.03
CA THR A 987 40.85 -14.34 -9.02
C THR A 987 40.29 -13.51 -10.14
N SER A 988 40.15 -14.12 -11.32
CA SER A 988 39.65 -13.38 -12.47
C SER A 988 39.04 -14.34 -13.49
N GLN A 989 38.21 -13.77 -14.34
CA GLN A 989 37.67 -14.44 -15.54
C GLN A 989 37.92 -13.64 -16.80
N ASP A 990 38.88 -12.71 -16.78
CA ASP A 990 39.04 -11.77 -17.91
C ASP A 990 40.02 -12.21 -19.01
N HIS A 991 40.35 -13.48 -19.03
CA HIS A 991 41.02 -14.12 -20.17
C HIS A 991 40.32 -15.43 -20.44
N TRP A 992 40.54 -15.98 -21.63
CA TRP A 992 39.82 -17.17 -22.09
C TRP A 992 40.60 -18.44 -21.80
N PHE A 993 39.88 -19.59 -21.81
CA PHE A 993 40.44 -20.94 -21.79
C PHE A 993 41.02 -21.42 -20.46
N TYR A 994 40.63 -20.78 -19.37
CA TYR A 994 40.91 -21.28 -18.02
C TYR A 994 40.02 -22.50 -17.75
N LYS A 995 40.48 -23.35 -16.83
CA LYS A 995 39.71 -24.48 -16.35
C LYS A 995 39.03 -24.08 -15.05
N GLY A 996 37.95 -24.76 -14.72
CA GLY A 996 37.16 -24.45 -13.53
C GLY A 996 36.47 -23.10 -13.64
N ALA A 997 36.14 -22.52 -12.49
CA ALA A 997 35.33 -21.30 -12.45
C ALA A 997 36.14 -20.02 -12.68
N ALA A 998 37.46 -20.09 -12.51
CA ALA A 998 38.31 -18.91 -12.68
C ALA A 998 39.80 -19.26 -12.83
N PHE A 999 40.64 -18.23 -12.75
CA PHE A 999 42.06 -18.39 -12.59
C PHE A 999 42.59 -17.32 -11.63
N VAL A 1000 43.88 -17.39 -11.31
CA VAL A 1000 44.55 -16.42 -10.44
C VAL A 1000 45.42 -15.45 -11.26
N ASP A 1001 45.30 -14.16 -10.98
CA ASP A 1001 46.14 -13.13 -11.64
C ASP A 1001 46.71 -12.18 -10.59
N ASN A 1002 47.29 -11.07 -11.06
CA ASN A 1002 47.84 -10.03 -10.19
C ASN A 1002 48.96 -10.59 -9.30
N LEU A 1003 49.82 -11.41 -9.88
CA LEU A 1003 51.06 -11.86 -9.23
C LEU A 1003 52.17 -10.87 -9.60
N THR A 1004 51.96 -9.63 -9.18
CA THR A 1004 52.71 -8.50 -9.72
C THR A 1004 53.68 -7.96 -8.69
N GLY A 1005 53.21 -7.75 -7.46
CA GLY A 1005 54.05 -7.29 -6.38
C GLY A 1005 54.84 -8.40 -5.75
N VAL A 1006 56.03 -8.05 -5.24
CA VAL A 1006 56.85 -8.97 -4.47
C VAL A 1006 56.00 -9.37 -3.27
N GLY A 1007 55.97 -10.67 -2.98
CA GLY A 1007 55.08 -11.23 -1.94
C GLY A 1007 53.75 -11.80 -2.45
N ALA A 1008 53.35 -11.48 -3.68
CA ALA A 1008 52.13 -12.04 -4.25
C ALA A 1008 52.30 -13.55 -4.36
N GLU A 1009 51.30 -14.30 -3.90
CA GLU A 1009 51.39 -15.76 -3.90
C GLU A 1009 50.05 -16.47 -3.91
N ALA A 1010 50.09 -17.70 -4.40
CA ALA A 1010 48.97 -18.64 -4.31
C ALA A 1010 49.54 -19.86 -3.61
N SER A 1011 48.94 -20.23 -2.48
CA SER A 1011 49.44 -21.31 -1.66
C SER A 1011 48.42 -22.46 -1.60
N PHE A 1012 48.84 -23.62 -2.08
CA PHE A 1012 47.98 -24.80 -2.19
C PHE A 1012 48.18 -25.70 -0.98
N ASP A 1013 47.07 -26.26 -0.49
CA ASP A 1013 47.13 -27.33 0.51
C ASP A 1013 46.97 -28.69 -0.21
N VAL A 1014 48.10 -29.40 -0.35
CA VAL A 1014 48.17 -30.65 -1.09
C VAL A 1014 48.34 -31.84 -0.15
N TYR A 1015 47.56 -32.89 -0.38
CA TYR A 1015 47.55 -34.07 0.48
C TYR A 1015 48.29 -35.23 -0.16
N ALA A 1016 49.05 -35.96 0.65
CA ALA A 1016 49.80 -37.14 0.20
C ALA A 1016 49.55 -38.32 1.14
N PRO A 1017 49.38 -39.53 0.59
CA PRO A 1017 49.23 -40.71 1.44
C PRO A 1017 50.52 -41.11 2.16
N SER A 1018 51.67 -40.80 1.57
CA SER A 1018 52.97 -41.20 2.13
C SER A 1018 54.08 -40.25 1.70
N ALA A 1019 55.13 -40.19 2.52
CA ALA A 1019 56.30 -39.38 2.22
C ALA A 1019 56.96 -39.88 0.95
N GLY A 1020 57.48 -38.97 0.13
CA GLY A 1020 58.06 -39.33 -1.17
C GLY A 1020 58.10 -38.20 -2.15
N THR A 1021 58.57 -38.49 -3.36
CA THR A 1021 58.62 -37.52 -4.45
C THR A 1021 57.34 -37.64 -5.31
N TYR A 1022 56.72 -36.49 -5.57
CA TYR A 1022 55.50 -36.45 -6.38
C TYR A 1022 55.74 -35.54 -7.56
N ASN A 1023 55.05 -35.84 -8.66
CA ASN A 1023 55.05 -34.97 -9.83
C ASN A 1023 54.02 -33.87 -9.63
N LEU A 1024 54.37 -32.66 -10.05
CA LEU A 1024 53.47 -31.52 -10.07
C LEU A 1024 53.34 -31.08 -11.49
N SER A 1025 52.14 -30.63 -11.85
CA SER A 1025 51.95 -29.89 -13.10
C SER A 1025 51.11 -28.65 -12.86
N LEU A 1026 51.70 -27.48 -13.13
CA LEU A 1026 51.08 -26.19 -12.87
C LEU A 1026 50.64 -25.56 -14.18
N ARG A 1027 49.32 -25.39 -14.34
CA ARG A 1027 48.80 -24.78 -15.56
C ARG A 1027 48.84 -23.26 -15.42
N TYR A 1028 49.47 -22.58 -16.38
CA TYR A 1028 49.73 -21.16 -16.28
C TYR A 1028 49.67 -20.49 -17.65
N ALA A 1029 49.50 -19.18 -17.63
CA ALA A 1029 49.53 -18.34 -18.81
C ALA A 1029 50.62 -17.29 -18.61
N ASN A 1030 51.25 -16.93 -19.71
CA ASN A 1030 52.27 -15.88 -19.74
C ASN A 1030 52.23 -15.28 -21.13
N GLY A 1031 51.49 -14.18 -21.25
CA GLY A 1031 51.34 -13.43 -22.49
C GLY A 1031 52.12 -12.13 -22.53
N THR A 1032 53.22 -12.07 -21.78
CA THR A 1032 54.12 -10.89 -21.77
C THR A 1032 55.05 -10.89 -23.00
N GLY A 1033 55.26 -12.08 -23.58
CA GLY A 1033 56.13 -12.25 -24.72
C GLY A 1033 57.49 -12.80 -24.32
N SER A 1034 57.79 -12.85 -23.02
CA SER A 1034 59.09 -13.33 -22.54
C SER A 1034 58.95 -14.20 -21.29
N THR A 1035 60.00 -14.97 -21.03
CA THR A 1035 60.05 -15.84 -19.88
C THR A 1035 59.90 -15.06 -18.57
N LYS A 1036 59.11 -15.58 -17.64
CA LYS A 1036 58.89 -14.97 -16.33
C LYS A 1036 59.19 -15.99 -15.26
N THR A 1037 59.35 -15.54 -14.02
CA THR A 1037 59.74 -16.45 -12.94
C THR A 1037 58.88 -16.27 -11.69
N LEU A 1038 58.66 -17.39 -11.00
CA LEU A 1038 58.16 -17.40 -9.62
C LEU A 1038 59.07 -18.32 -8.80
N SER A 1039 58.81 -18.39 -7.50
CA SER A 1039 59.46 -19.32 -6.60
C SER A 1039 58.45 -20.34 -6.12
N ALA A 1040 58.86 -21.60 -6.04
CA ALA A 1040 58.09 -22.64 -5.41
C ALA A 1040 58.63 -22.86 -4.01
N ILE A 1041 57.75 -22.90 -3.02
CA ILE A 1041 58.11 -23.18 -1.63
C ILE A 1041 57.23 -24.31 -1.12
N VAL A 1042 57.87 -25.43 -0.81
CA VAL A 1042 57.20 -26.62 -0.36
C VAL A 1042 57.43 -26.77 1.13
N ASN A 1043 56.35 -26.81 1.91
CA ASN A 1043 56.39 -26.94 3.36
C ASN A 1043 57.30 -25.90 4.07
N GLY A 1044 57.34 -24.68 3.51
CA GLY A 1044 58.19 -23.62 4.06
C GLY A 1044 59.68 -23.81 3.84
N GLY A 1045 60.06 -24.73 2.95
CA GLY A 1045 61.45 -25.03 2.69
C GLY A 1045 62.10 -23.97 1.83
N ALA A 1046 63.33 -24.26 1.41
CA ALA A 1046 64.10 -23.37 0.56
C ALA A 1046 63.37 -23.14 -0.76
N ALA A 1047 63.30 -21.88 -1.18
CA ALA A 1047 62.64 -21.53 -2.44
C ALA A 1047 63.39 -22.14 -3.61
N SER A 1048 62.64 -22.64 -4.60
CA SER A 1048 63.22 -23.02 -5.88
C SER A 1048 62.60 -22.16 -6.97
N THR A 1049 63.38 -21.86 -8.01
CA THR A 1049 62.90 -21.04 -9.12
C THR A 1049 62.02 -21.88 -10.05
N VAL A 1050 60.93 -21.27 -10.50
CA VAL A 1050 60.01 -21.81 -11.47
C VAL A 1050 60.09 -20.88 -12.68
N THR A 1051 60.65 -21.39 -13.78
CA THR A 1051 60.85 -20.58 -14.97
C THR A 1051 59.73 -20.88 -15.96
N LEU A 1052 59.02 -19.84 -16.39
CA LEU A 1052 57.76 -19.99 -17.10
C LEU A 1052 57.82 -19.30 -18.45
N THR A 1053 57.96 -20.10 -19.52
CA THR A 1053 58.05 -19.53 -20.86
C THR A 1053 56.72 -18.95 -21.32
N SER A 1054 56.81 -18.07 -22.32
CA SER A 1054 55.68 -17.40 -22.95
C SER A 1054 55.47 -17.96 -24.35
N PRO A 1055 54.22 -18.34 -24.70
CA PRO A 1055 53.92 -18.64 -26.11
C PRO A 1055 53.92 -17.41 -27.03
N GLY A 1056 53.79 -16.22 -26.47
CA GLY A 1056 53.73 -14.99 -27.25
C GLY A 1056 52.86 -13.99 -26.54
N MET A 1057 52.41 -12.96 -27.26
CA MET A 1057 51.64 -11.87 -26.67
C MET A 1057 50.15 -12.23 -26.61
N ASN A 1058 49.81 -13.24 -25.82
CA ASN A 1058 48.47 -13.83 -25.85
C ASN A 1058 48.19 -14.50 -24.52
N TRP A 1059 47.24 -13.92 -23.79
CA TRP A 1059 46.87 -14.39 -22.45
C TRP A 1059 45.78 -15.46 -22.48
N ASN A 1060 45.31 -15.83 -23.67
CA ASN A 1060 44.34 -16.92 -23.86
C ASN A 1060 45.00 -18.27 -24.17
N LEU A 1061 46.33 -18.35 -24.03
CA LEU A 1061 47.05 -19.61 -24.16
C LEU A 1061 47.60 -20.05 -22.81
N TRP A 1062 47.47 -21.33 -22.54
CA TRP A 1062 47.86 -21.90 -21.27
C TRP A 1062 48.87 -23.02 -21.54
N ASN A 1063 49.83 -23.17 -20.64
CA ASN A 1063 50.85 -24.22 -20.72
C ASN A 1063 50.92 -24.95 -19.39
N GLU A 1064 51.57 -26.10 -19.40
CA GLU A 1064 51.88 -26.84 -18.19
C GLU A 1064 53.36 -26.62 -17.83
N HIS A 1065 53.62 -26.37 -16.55
CA HIS A 1065 54.98 -26.40 -16.02
C HIS A 1065 55.07 -27.60 -15.12
N THR A 1066 55.95 -28.55 -15.49
CA THR A 1066 56.09 -29.78 -14.74
C THR A 1066 57.32 -29.67 -13.84
N MET A 1067 57.22 -30.31 -12.68
CA MET A 1067 58.29 -30.34 -11.70
C MET A 1067 58.02 -31.45 -10.71
N THR A 1068 58.97 -31.69 -9.82
CA THR A 1068 58.77 -32.61 -8.72
C THR A 1068 58.88 -31.88 -7.39
N ALA A 1069 58.37 -32.54 -6.35
CA ALA A 1069 58.41 -32.02 -4.99
C ALA A 1069 58.43 -33.16 -4.00
N THR A 1070 59.20 -33.00 -2.94
CA THR A 1070 59.23 -33.94 -1.84
C THR A 1070 58.14 -33.55 -0.85
N LEU A 1071 57.20 -34.46 -0.64
CA LEU A 1071 56.08 -34.23 0.25
C LEU A 1071 56.14 -35.18 1.44
N THR A 1072 55.45 -34.81 2.51
CA THR A 1072 55.25 -35.66 3.67
C THR A 1072 53.83 -36.21 3.69
N ALA A 1073 53.61 -37.27 4.46
CA ALA A 1073 52.29 -37.85 4.64
C ALA A 1073 51.32 -36.81 5.20
N GLY A 1074 50.11 -36.73 4.64
CA GLY A 1074 49.11 -35.77 5.09
C GLY A 1074 49.18 -34.45 4.35
N ARG A 1075 48.94 -33.35 5.07
CA ARG A 1075 48.80 -32.01 4.49
C ARG A 1075 50.18 -31.43 4.17
N ASN A 1076 50.34 -30.91 2.97
CA ASN A 1076 51.54 -30.21 2.54
C ASN A 1076 51.15 -28.82 2.08
N THR A 1077 52.07 -27.87 2.16
CA THR A 1077 51.85 -26.56 1.57
C THR A 1077 52.80 -26.46 0.40
N ILE A 1078 52.27 -26.04 -0.74
CA ILE A 1078 53.06 -25.75 -1.92
C ILE A 1078 52.65 -24.37 -2.40
N SER A 1079 53.55 -23.39 -2.26
CA SER A 1079 53.28 -22.00 -2.64
C SER A 1079 54.04 -21.60 -3.86
N PHE A 1080 53.41 -20.80 -4.70
CA PHE A 1080 54.03 -20.18 -5.85
C PHE A 1080 53.94 -18.69 -5.62
N ARG A 1081 55.11 -18.04 -5.50
CA ARG A 1081 55.22 -16.68 -5.00
C ARG A 1081 56.21 -15.88 -5.83
N ARG A 1082 55.94 -14.59 -6.02
CA ARG A 1082 56.93 -13.67 -6.55
C ARG A 1082 57.86 -13.24 -5.40
N ASN A 1083 58.99 -13.92 -5.27
CA ASN A 1083 60.04 -13.47 -4.35
C ASN A 1083 60.78 -12.29 -4.98
N SER A 1084 61.62 -11.64 -4.18
CA SER A 1084 62.35 -10.44 -4.59
C SER A 1084 63.05 -10.52 -5.96
N GLY A 1085 63.76 -11.61 -6.20
CA GLY A 1085 64.44 -11.80 -7.49
C GLY A 1085 63.58 -12.27 -8.66
N ASN A 1086 62.32 -12.62 -8.42
CA ASN A 1086 61.43 -13.10 -9.48
C ASN A 1086 60.72 -11.97 -10.20
N SER A 1087 60.29 -12.25 -11.43
CA SER A 1087 59.61 -11.27 -12.26
C SER A 1087 58.08 -11.29 -12.09
N GLY A 1088 57.52 -12.45 -11.71
CA GLY A 1088 56.05 -12.55 -11.56
C GLY A 1088 55.34 -12.35 -12.88
N ASN A 1089 54.16 -11.73 -12.83
CA ASN A 1089 53.37 -11.39 -14.02
C ASN A 1089 53.00 -12.59 -14.87
N VAL A 1090 52.50 -13.64 -14.20
CA VAL A 1090 51.89 -14.78 -14.86
C VAL A 1090 50.55 -15.05 -14.19
N ASN A 1091 49.70 -15.80 -14.89
CA ASN A 1091 48.42 -16.21 -14.35
C ASN A 1091 48.47 -17.71 -14.09
N LEU A 1092 47.87 -18.15 -12.98
CA LEU A 1092 47.89 -19.53 -12.56
C LEU A 1092 46.47 -20.08 -12.56
N ASP A 1093 46.30 -21.30 -13.06
CA ASP A 1093 44.96 -21.89 -13.21
C ASP A 1093 44.68 -23.07 -12.28
N ARG A 1094 45.65 -23.97 -12.15
CA ARG A 1094 45.45 -25.26 -11.49
C ARG A 1094 46.79 -25.94 -11.25
N LEU A 1095 46.90 -26.63 -10.12
CA LEU A 1095 48.02 -27.52 -9.82
C LEU A 1095 47.55 -28.97 -9.83
N ALA A 1096 48.17 -29.78 -10.69
CA ALA A 1096 47.94 -31.23 -10.69
C ALA A 1096 49.07 -31.92 -9.95
N VAL A 1097 48.72 -32.97 -9.22
CA VAL A 1097 49.66 -33.71 -8.40
C VAL A 1097 49.43 -35.21 -8.57
N SER A 1098 50.51 -35.96 -8.79
CA SER A 1098 50.45 -37.43 -8.91
C SER A 1098 51.78 -38.11 -8.57
N ALA A 1099 51.69 -39.34 -8.05
CA ALA A 1099 52.88 -40.20 -7.92
C ALA A 1099 53.35 -40.72 -9.29
N SER A 1100 52.45 -40.78 -10.26
CA SER A 1100 52.77 -41.22 -11.62
C SER A 1100 52.89 -40.00 -12.50
N ALA A 1101 53.24 -40.21 -13.77
CA ALA A 1101 53.28 -39.12 -14.72
C ALA A 1101 51.86 -38.58 -14.92
N ILE A 1102 51.75 -37.26 -14.96
CA ILE A 1102 50.46 -36.58 -15.03
C ILE A 1102 49.97 -36.57 -16.47
N THR A 1103 48.70 -36.90 -16.68
CA THR A 1103 48.04 -36.85 -17.98
C THR A 1103 46.81 -35.94 -17.90
N THR A 1104 46.10 -35.80 -19.01
CA THR A 1104 44.92 -34.97 -19.08
C THR A 1104 43.95 -35.36 -17.98
N LEU A 1105 43.46 -34.36 -17.27
CA LEU A 1105 42.48 -34.56 -16.19
C LEU A 1105 41.09 -34.73 -16.80
N ALA A 1106 40.26 -35.54 -16.15
CA ALA A 1106 38.87 -35.78 -16.59
C ALA A 1106 38.01 -34.50 -16.55
N SER A 1107 38.34 -33.56 -15.65
CA SER A 1107 37.59 -32.30 -15.56
C SER A 1107 37.98 -31.26 -16.61
N GLU A 1108 39.02 -31.54 -17.40
CA GLU A 1108 39.59 -30.54 -18.31
C GLU A 1108 39.52 -30.94 -19.79
N ARG A 1109 38.64 -31.88 -20.13
CA ARG A 1109 38.54 -32.39 -21.51
C ARG A 1109 37.93 -31.39 -22.51
N ASN A 1110 37.09 -30.47 -22.04
CA ASN A 1110 36.36 -29.54 -22.90
C ASN A 1110 37.31 -28.56 -23.53
N LEU A 1111 37.29 -28.50 -24.87
CA LEU A 1111 38.15 -27.60 -25.62
C LEU A 1111 37.55 -26.23 -25.89
N LEU A 1112 36.25 -26.08 -25.65
CA LEU A 1112 35.58 -24.78 -25.85
C LEU A 1112 35.86 -23.86 -24.66
N ASP A 1113 35.88 -22.56 -24.92
CA ASP A 1113 35.91 -21.51 -23.91
C ASP A 1113 34.46 -21.19 -23.58
N ASN A 1114 34.15 -21.08 -22.28
CA ASN A 1114 32.84 -20.66 -21.80
C ASN A 1114 31.69 -21.45 -22.43
N GLY A 1115 31.92 -22.75 -22.58
CA GLY A 1115 30.97 -23.64 -23.18
C GLY A 1115 29.70 -23.78 -22.36
N ASP A 1116 29.82 -23.58 -21.03
CA ASP A 1116 28.68 -23.66 -20.13
C ASP A 1116 28.00 -22.29 -19.88
N PHE A 1117 28.52 -21.24 -20.53
CA PHE A 1117 28.06 -19.85 -20.42
C PHE A 1117 28.05 -19.34 -18.96
N GLU A 1118 28.92 -19.90 -18.13
CA GLU A 1118 28.92 -19.55 -16.71
C GLU A 1118 29.72 -18.30 -16.40
N ARG A 1119 30.53 -17.82 -17.33
CA ARG A 1119 31.34 -16.62 -17.10
C ARG A 1119 30.45 -15.41 -16.78
N ASP A 1120 30.88 -14.60 -15.82
CA ASP A 1120 30.21 -13.33 -15.54
C ASP A 1120 30.13 -12.57 -16.88
N THR A 1121 28.92 -12.15 -17.26
CA THR A 1121 28.68 -11.58 -18.61
C THR A 1121 29.31 -10.21 -18.87
N THR A 1122 29.84 -9.57 -17.83
CA THR A 1122 30.77 -8.45 -17.96
C THR A 1122 32.00 -8.82 -18.77
N TYR A 1123 32.43 -10.08 -18.70
CA TYR A 1123 33.61 -10.52 -19.42
C TYR A 1123 33.22 -11.33 -20.66
N ASN A 1124 33.93 -11.09 -21.76
CA ASN A 1124 33.65 -11.76 -23.04
C ASN A 1124 34.28 -13.16 -23.09
N SER A 1125 34.05 -13.83 -24.22
CA SER A 1125 34.53 -15.17 -24.43
C SER A 1125 34.85 -15.39 -25.92
N ASN A 1126 35.31 -16.59 -26.23
CA ASN A 1126 35.60 -17.00 -27.61
C ASN A 1126 34.33 -17.25 -28.43
N TRP A 1127 33.14 -17.18 -27.83
CA TRP A 1127 31.88 -17.16 -28.60
C TRP A 1127 31.71 -15.86 -29.40
N THR A 1128 31.26 -15.99 -30.64
CA THR A 1128 30.86 -14.85 -31.47
C THR A 1128 29.40 -15.04 -31.82
N GLN A 1129 28.78 -13.97 -32.32
CA GLN A 1129 27.39 -14.01 -32.72
C GLN A 1129 27.17 -13.41 -34.08
N TRP A 1130 26.07 -13.81 -34.71
CA TRP A 1130 25.66 -13.27 -35.98
C TRP A 1130 24.15 -13.12 -36.03
N GLN A 1131 23.72 -12.04 -36.67
CA GLN A 1131 22.34 -11.86 -37.07
C GLN A 1131 22.33 -11.11 -38.42
N PRO A 1132 21.20 -11.12 -39.15
CA PRO A 1132 21.13 -10.35 -40.41
C PRO A 1132 21.35 -8.87 -40.19
N SER A 1133 22.01 -8.22 -41.14
CA SER A 1133 22.26 -6.78 -41.10
C SER A 1133 20.94 -6.03 -40.86
N GLY A 1134 20.93 -5.13 -39.89
CA GLY A 1134 19.73 -4.38 -39.52
C GLY A 1134 18.80 -5.01 -38.48
N GLN A 1135 19.03 -6.28 -38.12
CA GLN A 1135 18.24 -6.95 -37.10
C GLN A 1135 18.92 -6.77 -35.72
N PRO A 1136 18.13 -6.45 -34.66
CA PRO A 1136 18.70 -6.54 -33.32
C PRO A 1136 19.09 -7.99 -32.96
N SER A 1137 20.17 -8.12 -32.18
CA SER A 1137 20.55 -9.42 -31.62
C SER A 1137 19.38 -10.01 -30.86
N ALA A 1138 19.17 -11.31 -31.05
CA ALA A 1138 18.18 -12.06 -30.31
C ALA A 1138 18.84 -12.90 -29.21
N PHE A 1139 20.15 -12.74 -29.02
CA PHE A 1139 20.97 -13.60 -28.17
C PHE A 1139 21.38 -12.88 -26.89
N GLY A 1140 21.32 -13.60 -25.79
CA GLY A 1140 21.91 -13.15 -24.53
C GLY A 1140 22.24 -14.35 -23.67
N ILE A 1141 22.82 -14.06 -22.50
CA ILE A 1141 23.16 -15.06 -21.51
C ILE A 1141 22.63 -14.57 -20.19
N ASP A 1142 21.80 -15.37 -19.52
CA ASP A 1142 21.39 -15.09 -18.12
C ASP A 1142 20.87 -16.37 -17.45
N SER A 1143 20.30 -16.24 -16.25
CA SER A 1143 19.87 -17.37 -15.43
C SER A 1143 18.43 -17.85 -15.60
N GLY A 1144 17.56 -17.04 -16.20
CA GLY A 1144 16.14 -17.40 -16.32
C GLY A 1144 15.34 -17.26 -15.04
N ASN A 1145 15.93 -16.62 -14.03
CA ASN A 1145 15.28 -16.46 -12.72
C ASN A 1145 14.27 -15.29 -12.72
N ALA A 1146 14.31 -14.40 -13.72
CA ALA A 1146 13.33 -13.30 -13.82
C ALA A 1146 11.94 -13.76 -14.28
N LEU A 1147 11.86 -14.99 -14.81
CA LEU A 1147 10.64 -15.55 -15.34
C LEU A 1147 9.86 -16.27 -14.25
N HIS A 1148 8.54 -16.33 -14.41
CA HIS A 1148 7.63 -17.02 -13.50
C HIS A 1148 6.76 -18.02 -14.27
N PRO A 1149 6.99 -19.35 -14.09
CA PRO A 1149 8.06 -19.98 -13.29
C PRO A 1149 9.45 -19.78 -13.93
N PRO A 1150 10.54 -20.06 -13.17
CA PRO A 1150 11.88 -19.92 -13.81
C PRO A 1150 12.10 -20.87 -14.98
N GLU A 1151 12.80 -20.39 -16.00
CA GLU A 1151 13.31 -21.23 -17.09
C GLU A 1151 14.82 -21.25 -16.93
N GLY A 1152 15.29 -22.12 -16.05
CA GLY A 1152 16.66 -22.12 -15.58
C GLY A 1152 17.69 -22.72 -16.53
N PRO A 1153 18.94 -22.79 -16.08
CA PRO A 1153 20.01 -23.40 -16.88
C PRO A 1153 19.93 -24.91 -16.80
N ALA A 1154 20.66 -25.60 -17.68
CA ALA A 1154 20.80 -27.05 -17.57
C ALA A 1154 21.74 -27.37 -16.39
N ARG A 1155 22.78 -26.57 -16.23
CA ARG A 1155 23.71 -26.72 -15.12
C ARG A 1155 24.20 -25.37 -14.63
N ARG A 1156 24.40 -25.33 -13.32
CA ARG A 1156 24.98 -24.20 -12.61
C ARG A 1156 24.09 -22.95 -12.73
N ASN A 1157 24.60 -21.80 -13.17
CA ASN A 1157 23.89 -20.55 -13.00
C ASN A 1157 23.29 -19.95 -14.26
N GLN A 1158 23.86 -20.22 -15.44
CA GLN A 1158 23.52 -19.48 -16.63
C GLN A 1158 23.37 -20.36 -17.88
N ARG A 1159 22.67 -19.82 -18.86
CA ARG A 1159 22.53 -20.47 -20.16
C ARG A 1159 22.29 -19.40 -21.21
N ALA A 1160 22.76 -19.67 -22.41
CA ALA A 1160 22.52 -18.79 -23.53
C ALA A 1160 21.04 -18.92 -23.91
N TYR A 1161 20.49 -17.85 -24.48
CA TYR A 1161 19.15 -17.89 -25.06
C TYR A 1161 19.11 -17.17 -26.39
N PHE A 1162 18.24 -17.65 -27.28
CA PHE A 1162 17.84 -16.89 -28.47
C PHE A 1162 16.36 -16.59 -28.27
N HIS A 1163 15.97 -15.34 -28.43
CA HIS A 1163 14.56 -14.98 -28.38
C HIS A 1163 14.32 -13.62 -28.99
N SER A 1164 13.23 -13.53 -29.75
CA SER A 1164 12.70 -12.26 -30.24
C SER A 1164 11.21 -12.41 -30.47
N ASP A 1165 10.49 -11.29 -30.36
CA ASP A 1165 9.04 -11.27 -30.55
C ASP A 1165 8.67 -11.12 -32.01
N ASN A 1166 9.63 -10.70 -32.83
CA ASN A 1166 9.45 -10.64 -34.27
C ASN A 1166 10.26 -11.76 -34.93
N ALA A 1167 10.00 -11.97 -36.21
CA ALA A 1167 10.78 -12.90 -37.03
C ALA A 1167 12.27 -12.58 -36.88
N TYR A 1168 13.09 -13.62 -36.73
CA TYR A 1168 14.52 -13.41 -36.51
C TYR A 1168 15.38 -14.56 -37.00
N GLN A 1169 16.60 -14.23 -37.38
CA GLN A 1169 17.70 -15.18 -37.49
C GLN A 1169 18.80 -14.78 -36.51
N GLN A 1170 19.47 -15.80 -35.97
CA GLN A 1170 20.48 -15.62 -34.93
C GLN A 1170 21.35 -16.86 -34.88
N SER A 1171 22.64 -16.64 -34.73
CA SER A 1171 23.56 -17.70 -34.42
C SER A 1171 24.59 -17.27 -33.41
N ILE A 1172 25.19 -18.26 -32.75
CA ILE A 1172 26.46 -18.10 -32.11
C ILE A 1172 27.43 -19.14 -32.63
N HIS A 1173 28.71 -18.78 -32.67
CA HIS A 1173 29.74 -19.66 -33.17
C HIS A 1173 30.97 -19.54 -32.32
N GLN A 1174 31.73 -20.63 -32.24
CA GLN A 1174 33.05 -20.61 -31.62
C GLN A 1174 34.00 -21.50 -32.43
N VAL A 1175 35.15 -20.92 -32.79
CA VAL A 1175 36.22 -21.62 -33.48
C VAL A 1175 37.38 -21.91 -32.53
N VAL A 1176 37.77 -23.18 -32.45
CA VAL A 1176 38.96 -23.56 -31.70
C VAL A 1176 39.95 -24.33 -32.58
N ASP A 1177 41.25 -24.09 -32.38
CA ASP A 1177 42.30 -24.92 -32.96
C ASP A 1177 42.43 -26.14 -32.08
N VAL A 1178 42.40 -27.33 -32.67
CA VAL A 1178 42.38 -28.55 -31.88
C VAL A 1178 43.79 -28.93 -31.41
N PRO A 1179 43.91 -29.71 -30.33
CA PRO A 1179 45.26 -30.09 -29.86
C PRO A 1179 45.98 -31.04 -30.80
N VAL A 1180 45.25 -31.98 -31.38
CA VAL A 1180 45.79 -32.98 -32.29
C VAL A 1180 44.98 -32.94 -33.61
N ASN A 1181 45.61 -32.46 -34.68
CA ASN A 1181 44.99 -32.49 -36.01
C ASN A 1181 44.97 -33.94 -36.54
N ASN A 1182 44.20 -34.18 -37.60
CA ASN A 1182 44.02 -35.52 -38.17
C ASN A 1182 43.57 -36.52 -37.11
N ALA A 1183 42.49 -36.15 -36.41
CA ALA A 1183 41.93 -36.94 -35.32
C ALA A 1183 40.42 -36.67 -35.15
N THR A 1184 39.78 -37.45 -34.28
CA THR A 1184 38.33 -37.43 -34.13
C THR A 1184 37.84 -36.69 -32.88
N TYR A 1185 36.84 -35.83 -33.07
CA TYR A 1185 36.26 -35.00 -32.00
C TYR A 1185 34.75 -35.18 -31.95
N ARG A 1186 34.14 -34.63 -30.90
CA ARG A 1186 32.74 -34.86 -30.59
C ARG A 1186 32.15 -33.62 -29.92
N LEU A 1187 31.01 -33.17 -30.44
CA LEU A 1187 30.31 -32.02 -29.90
C LEU A 1187 29.09 -32.51 -29.15
N GLU A 1188 28.93 -32.06 -27.90
CA GLU A 1188 27.73 -32.34 -27.09
C GLU A 1188 27.19 -31.02 -26.50
N ALA A 1189 25.87 -30.92 -26.38
CA ALA A 1189 25.22 -29.74 -25.79
C ALA A 1189 23.87 -30.08 -25.22
N LYS A 1190 23.45 -29.27 -24.24
CA LYS A 1190 22.08 -29.28 -23.78
C LYS A 1190 21.34 -28.18 -24.53
N VAL A 1191 20.15 -28.52 -25.04
CA VAL A 1191 19.29 -27.59 -25.77
C VAL A 1191 17.83 -27.74 -25.38
N ARG A 1192 17.14 -26.61 -25.31
CA ARG A 1192 15.73 -26.56 -24.93
C ARG A 1192 15.05 -25.51 -25.81
N MET A 1193 13.93 -25.88 -26.38
CA MET A 1193 13.21 -24.98 -27.26
C MET A 1193 11.73 -24.95 -26.89
N LYS A 1194 11.14 -23.78 -27.05
CA LYS A 1194 9.71 -23.62 -26.79
C LYS A 1194 9.14 -22.52 -27.66
N ASN A 1195 7.81 -22.35 -27.53
CA ASN A 1195 7.03 -21.40 -28.31
C ASN A 1195 7.03 -21.82 -29.78
N THR A 1196 6.89 -20.87 -30.68
CA THR A 1196 6.59 -21.16 -32.08
C THR A 1196 7.68 -22.03 -32.70
N THR A 1197 7.23 -23.03 -33.48
CA THR A 1197 8.11 -23.88 -34.27
C THR A 1197 8.92 -23.04 -35.25
N PRO A 1198 10.26 -23.05 -35.13
CA PRO A 1198 11.05 -22.31 -36.09
C PRO A 1198 11.23 -23.10 -37.39
N THR A 1199 11.60 -22.39 -38.44
CA THR A 1199 11.83 -22.99 -39.76
C THR A 1199 13.10 -23.83 -39.69
N THR A 1200 14.12 -23.26 -39.04
CA THR A 1200 15.38 -23.96 -38.78
C THR A 1200 15.81 -23.71 -37.34
N ALA A 1201 16.29 -24.76 -36.69
CA ALA A 1201 16.96 -24.66 -35.40
C ALA A 1201 17.91 -25.84 -35.30
N ARG A 1202 19.21 -25.56 -35.23
CA ARG A 1202 20.20 -26.62 -35.26
C ARG A 1202 21.54 -26.26 -34.61
N ALA A 1203 22.23 -27.29 -34.12
CA ALA A 1203 23.67 -27.26 -33.89
C ALA A 1203 24.38 -27.47 -35.23
N GLU A 1204 25.55 -26.86 -35.38
CA GLU A 1204 26.34 -26.91 -36.61
C GLU A 1204 27.82 -27.17 -36.29
N VAL A 1205 28.44 -28.09 -37.02
CA VAL A 1205 29.91 -28.28 -36.98
C VAL A 1205 30.42 -28.09 -38.40
N GLN A 1206 31.38 -27.19 -38.57
CA GLN A 1206 31.95 -26.88 -39.88
C GLN A 1206 33.39 -26.39 -39.76
N GLY A 1207 34.09 -26.28 -40.89
CA GLY A 1207 35.47 -25.78 -40.93
C GLY A 1207 36.51 -26.81 -40.51
N HIS A 1208 36.07 -28.04 -40.31
CA HIS A 1208 36.90 -29.12 -39.79
C HIS A 1208 37.68 -29.86 -40.90
N GLY A 1209 37.44 -29.50 -42.16
CA GLY A 1209 38.04 -30.19 -43.31
C GLY A 1209 37.05 -31.00 -44.14
N GLY A 1210 35.88 -31.33 -43.57
CA GLY A 1210 34.78 -31.95 -44.30
C GLY A 1210 33.64 -30.95 -44.52
N SER A 1211 32.53 -31.43 -45.08
CA SER A 1211 31.35 -30.57 -45.27
C SER A 1211 30.57 -30.41 -43.94
N PRO A 1212 29.80 -29.31 -43.78
CA PRO A 1212 29.05 -29.04 -42.55
C PRO A 1212 28.23 -30.23 -42.03
N ILE A 1213 28.19 -30.41 -40.71
CA ILE A 1213 27.36 -31.43 -40.07
C ILE A 1213 26.32 -30.71 -39.24
N TYR A 1214 25.05 -31.09 -39.40
CA TYR A 1214 23.92 -30.48 -38.70
C TYR A 1214 23.21 -31.45 -37.78
N ALA A 1215 22.75 -30.94 -36.63
CA ALA A 1215 21.85 -31.68 -35.75
C ALA A 1215 20.68 -30.79 -35.38
N ASN A 1216 19.46 -31.20 -35.72
CA ASN A 1216 18.28 -30.36 -35.52
C ASN A 1216 17.83 -30.39 -34.08
N ILE A 1217 17.27 -29.27 -33.64
CA ILE A 1217 16.77 -29.11 -32.28
C ILE A 1217 15.25 -29.13 -32.36
N SER A 1218 14.62 -29.87 -31.45
CA SER A 1218 13.20 -30.17 -31.59
C SER A 1218 12.35 -29.49 -30.53
N ASN A 1219 11.38 -28.71 -31.00
CA ASN A 1219 10.49 -27.90 -30.15
C ASN A 1219 9.73 -28.77 -29.15
N ASP A 1220 10.17 -28.76 -27.90
CA ASP A 1220 9.45 -29.43 -26.80
C ASP A 1220 9.11 -28.51 -25.65
N GLY A 1221 10.13 -27.90 -25.06
CA GLY A 1221 10.03 -27.25 -23.75
C GLY A 1221 10.92 -27.92 -22.71
N VAL A 1222 11.54 -29.05 -23.06
CA VAL A 1222 12.41 -29.79 -22.14
C VAL A 1222 13.87 -29.78 -22.61
N TRP A 1223 14.78 -29.88 -21.65
CA TRP A 1223 16.21 -29.99 -21.96
C TRP A 1223 16.51 -31.32 -22.62
N LYS A 1224 17.06 -31.29 -23.83
CA LYS A 1224 17.53 -32.49 -24.50
C LYS A 1224 19.02 -32.38 -24.74
N THR A 1225 19.66 -33.51 -24.99
CA THR A 1225 21.08 -33.53 -25.30
C THR A 1225 21.23 -33.77 -26.80
N ILE A 1226 22.03 -32.94 -27.45
CA ILE A 1226 22.34 -33.06 -28.86
C ILE A 1226 23.82 -33.46 -28.93
N VAL A 1227 24.12 -34.46 -29.77
CA VAL A 1227 25.49 -34.96 -29.95
C VAL A 1227 25.82 -35.02 -31.45
N ILE A 1228 26.95 -34.43 -31.83
CA ILE A 1228 27.54 -34.62 -33.17
C ILE A 1228 28.88 -35.31 -32.92
N ASP A 1229 28.92 -36.60 -33.22
CA ASP A 1229 30.10 -37.44 -33.02
C ASP A 1229 30.89 -37.57 -34.33
N ASN A 1230 32.04 -38.22 -34.25
CA ASN A 1230 32.86 -38.57 -35.43
C ASN A 1230 33.14 -37.37 -36.30
N ILE A 1231 33.60 -36.29 -35.65
CA ILE A 1231 34.07 -35.13 -36.38
C ILE A 1231 35.54 -35.40 -36.69
N ASN A 1232 35.83 -35.63 -37.98
CA ASN A 1232 37.21 -35.91 -38.43
C ASN A 1232 37.85 -34.60 -38.79
N VAL A 1233 38.72 -34.10 -37.88
CA VAL A 1233 39.35 -32.80 -38.08
C VAL A 1233 40.66 -33.02 -38.83
N THR A 1234 40.76 -32.40 -40.00
CA THR A 1234 41.97 -32.34 -40.82
C THR A 1234 42.44 -30.91 -41.09
N SER A 1235 41.62 -29.90 -40.79
CA SER A 1235 41.98 -28.50 -41.01
C SER A 1235 42.79 -27.89 -39.87
N GLY A 1236 42.89 -28.61 -38.75
CA GLY A 1236 43.52 -28.06 -37.54
C GLY A 1236 42.56 -27.35 -36.60
N SER A 1237 41.31 -27.09 -37.04
CA SER A 1237 40.35 -26.33 -36.24
C SER A 1237 38.91 -26.74 -36.51
N VAL A 1238 38.01 -26.34 -35.62
CA VAL A 1238 36.58 -26.66 -35.70
C VAL A 1238 35.79 -25.44 -35.29
N ASP A 1239 34.70 -25.18 -36.02
CA ASP A 1239 33.72 -24.15 -35.72
C ASP A 1239 32.46 -24.88 -35.26
N VAL A 1240 32.06 -24.64 -34.01
CA VAL A 1240 30.83 -25.20 -33.46
C VAL A 1240 29.86 -24.03 -33.33
N GLY A 1241 28.58 -24.29 -33.57
CA GLY A 1241 27.60 -23.23 -33.62
C GLY A 1241 26.17 -23.70 -33.41
N PHE A 1242 25.32 -22.72 -33.18
CA PHE A 1242 23.88 -22.92 -33.00
C PHE A 1242 23.16 -21.82 -33.79
N TYR A 1243 22.16 -22.20 -34.57
CA TYR A 1243 21.47 -21.29 -35.49
C TYR A 1243 19.98 -21.48 -35.41
N VAL A 1244 19.25 -20.36 -35.39
CA VAL A 1244 17.79 -20.38 -35.41
C VAL A 1244 17.27 -19.45 -36.51
N ASP A 1245 16.31 -19.95 -37.30
CA ASP A 1245 15.51 -19.14 -38.25
C ASP A 1245 14.05 -19.27 -37.81
N SER A 1246 13.50 -18.18 -37.24
CA SER A 1246 12.17 -18.21 -36.63
C SER A 1246 11.26 -17.16 -37.27
N PRO A 1247 9.95 -17.47 -37.36
CA PRO A 1247 8.95 -16.46 -37.73
C PRO A 1247 8.59 -15.53 -36.56
N GLY A 1248 8.95 -15.93 -35.33
CA GLY A 1248 8.85 -15.07 -34.17
C GLY A 1248 8.57 -15.92 -32.96
N TYR A 1249 8.95 -15.39 -31.80
CA TYR A 1249 8.61 -15.94 -30.49
C TYR A 1249 9.34 -17.23 -30.06
N THR A 1250 9.91 -17.98 -31.00
CA THR A 1250 10.73 -19.14 -30.67
C THR A 1250 11.81 -18.76 -29.64
N THR A 1251 11.88 -19.51 -28.56
CA THR A 1251 12.98 -19.39 -27.61
C THR A 1251 13.80 -20.66 -27.64
N LEU A 1252 15.10 -20.51 -27.88
CA LEU A 1252 16.07 -21.60 -27.73
C LEU A 1252 16.98 -21.29 -26.54
N HIS A 1253 17.16 -22.27 -25.65
CA HIS A 1253 18.19 -22.22 -24.61
C HIS A 1253 19.29 -23.22 -24.94
N ILE A 1254 20.53 -22.80 -24.71
CA ILE A 1254 21.69 -23.59 -25.01
C ILE A 1254 22.56 -23.58 -23.77
N ASP A 1255 23.08 -24.75 -23.40
CA ASP A 1255 23.92 -24.85 -22.21
C ASP A 1255 24.85 -26.06 -22.31
N GLU A 1256 25.92 -26.02 -21.51
CA GLU A 1256 26.79 -27.17 -21.30
C GLU A 1256 27.36 -27.71 -22.60
N VAL A 1257 27.85 -26.80 -23.44
CA VAL A 1257 28.39 -27.20 -24.73
C VAL A 1257 29.82 -27.70 -24.51
N THR A 1258 30.12 -28.89 -25.05
CA THR A 1258 31.49 -29.44 -24.95
C THR A 1258 31.97 -29.92 -26.31
N LEU A 1259 33.24 -29.65 -26.60
CA LEU A 1259 33.97 -30.24 -27.72
C LEU A 1259 35.14 -31.01 -27.10
N THR A 1260 35.11 -32.34 -27.27
CA THR A 1260 36.13 -33.22 -26.67
C THR A 1260 36.74 -34.11 -27.74
N ARG A 1261 37.98 -34.52 -27.47
CA ARG A 1261 38.64 -35.58 -28.23
C ARG A 1261 37.84 -36.86 -28.01
N ALA A 1262 37.45 -37.52 -29.09
CA ALA A 1262 36.54 -38.65 -29.01
C ALA A 1262 37.29 -39.95 -29.32
N PRO A 1263 37.25 -40.93 -28.39
CA PRO A 1263 38.00 -42.19 -28.53
C PRO A 1263 38.15 -42.68 -29.99
N MET B 17 13.98 8.55 41.06
CA MET B 17 15.24 7.99 40.48
C MET B 17 16.34 7.71 41.53
N ALA B 18 15.92 7.44 42.78
CA ALA B 18 16.85 7.28 43.91
C ALA B 18 17.00 5.81 44.32
N GLY B 19 18.17 5.47 44.86
CA GLY B 19 18.44 4.12 45.32
C GLY B 19 17.66 3.79 46.59
N LEU B 20 17.78 2.55 47.04
CA LEU B 20 17.15 2.12 48.27
C LEU B 20 17.87 2.72 49.48
N GLY B 21 17.13 2.94 50.55
CA GLY B 21 17.70 3.39 51.83
C GLY B 21 18.25 2.23 52.65
N ASN B 22 18.46 2.50 53.93
CA ASN B 22 19.07 1.54 54.84
C ASN B 22 18.13 0.38 55.15
N VAL B 23 18.71 -0.79 55.41
CA VAL B 23 17.98 -1.97 55.88
C VAL B 23 17.60 -1.78 57.35
N THR B 24 16.31 -1.90 57.67
CA THR B 24 15.82 -1.80 59.06
C THR B 24 15.31 -3.14 59.60
N GLY B 25 15.28 -4.16 58.75
CA GLY B 25 14.78 -5.46 59.14
C GLY B 25 15.20 -6.49 58.10
N ALA B 26 15.54 -7.70 58.56
CA ALA B 26 15.96 -8.81 57.71
C ALA B 26 15.45 -10.12 58.29
N VAL B 27 14.42 -10.68 57.68
CA VAL B 27 13.82 -11.93 58.12
C VAL B 27 14.15 -13.05 57.13
N ALA B 28 14.95 -14.02 57.58
CA ALA B 28 15.27 -15.22 56.80
C ALA B 28 14.29 -16.35 57.14
N SER B 29 13.87 -17.09 56.13
CA SER B 29 13.03 -18.25 56.34
C SER B 29 13.14 -19.18 55.13
N GLY B 30 13.77 -20.35 55.33
CA GLY B 30 14.05 -21.29 54.26
C GLY B 30 14.98 -20.66 53.25
N ASP B 31 14.58 -20.70 51.98
CA ASP B 31 15.33 -20.07 50.89
C ASP B 31 14.94 -18.61 50.64
N SER B 32 14.07 -18.03 51.47
CA SER B 32 13.63 -16.64 51.31
C SER B 32 14.19 -15.68 52.36
N LEU B 33 14.55 -14.48 51.89
CA LEU B 33 15.01 -13.38 52.73
C LEU B 33 14.12 -12.17 52.42
N THR B 34 13.55 -11.56 53.45
CA THR B 34 12.71 -10.37 53.28
C THR B 34 13.36 -9.19 53.97
N LEU B 35 13.67 -8.15 53.20
CA LEU B 35 14.31 -6.95 53.74
C LEU B 35 13.29 -5.82 53.81
N THR B 36 13.26 -5.13 54.95
CA THR B 36 12.49 -3.90 55.11
C THR B 36 13.50 -2.76 55.00
N LEU B 37 13.21 -1.79 54.14
CA LEU B 37 14.14 -0.68 53.86
C LEU B 37 13.49 0.65 54.21
N ASP B 38 14.25 1.50 54.90
CA ASP B 38 13.78 2.83 55.27
C ASP B 38 13.60 3.68 54.02
N ASN B 39 12.46 4.37 53.93
CA ASN B 39 12.22 5.37 52.88
C ASN B 39 11.73 6.71 53.44
N GLY B 40 11.88 6.93 54.75
CA GLY B 40 11.42 8.15 55.41
C GLY B 40 9.99 8.13 55.93
N THR B 41 9.18 7.17 55.48
CA THR B 41 7.74 7.13 55.76
C THR B 41 7.39 5.93 56.62
N SER B 42 6.14 5.88 57.08
CA SER B 42 5.65 4.74 57.86
C SER B 42 5.46 3.48 57.03
N ALA B 43 5.37 3.63 55.70
CA ALA B 43 5.29 2.50 54.77
C ALA B 43 6.68 2.24 54.19
N SER B 44 7.43 1.38 54.86
CA SER B 44 8.77 1.00 54.45
C SER B 44 8.74 0.18 53.15
N ASP B 45 9.81 0.28 52.37
CA ASP B 45 9.99 -0.55 51.18
C ASP B 45 10.26 -2.00 51.57
N ILE B 46 9.76 -2.95 50.78
CA ILE B 46 10.05 -4.37 50.96
C ILE B 46 10.87 -4.87 49.76
N LEU B 47 11.90 -5.68 50.04
CA LEU B 47 12.67 -6.39 49.01
C LEU B 47 12.72 -7.86 49.40
N GLU B 48 12.03 -8.70 48.62
CA GLU B 48 11.98 -10.13 48.84
C GLU B 48 12.95 -10.88 47.92
N LEU B 49 13.95 -11.54 48.51
CA LEU B 49 14.85 -12.43 47.78
C LEU B 49 14.42 -13.89 47.98
N ASP B 50 14.41 -14.66 46.90
CA ASP B 50 14.06 -16.06 46.93
C ASP B 50 15.06 -16.82 46.09
N VAL B 51 15.78 -17.74 46.74
CA VAL B 51 16.75 -18.60 46.09
C VAL B 51 15.97 -19.76 45.48
N LEU B 52 15.80 -19.72 44.16
CA LEU B 52 14.98 -20.71 43.46
C LEU B 52 15.77 -22.00 43.14
N SER B 53 16.99 -21.83 42.64
CA SER B 53 17.92 -22.92 42.43
C SER B 53 19.25 -22.45 43.01
N GLU B 54 20.25 -23.31 42.94
CA GLU B 54 21.60 -22.95 43.36
C GLU B 54 22.18 -21.81 42.53
N GLU B 55 21.69 -21.62 41.30
CA GLU B 55 22.19 -20.57 40.40
C GLU B 55 21.11 -19.60 39.87
N LEU B 56 19.98 -19.52 40.57
CA LEU B 56 18.87 -18.66 40.20
C LEU B 56 18.24 -17.97 41.43
N LEU B 57 18.24 -16.64 41.42
CA LEU B 57 17.69 -15.81 42.49
C LEU B 57 16.55 -14.97 41.92
N ARG B 58 15.38 -15.03 42.57
CA ARG B 58 14.25 -14.11 42.30
C ARG B 58 14.29 -12.94 43.30
N VAL B 59 14.25 -11.71 42.76
CA VAL B 59 14.15 -10.48 43.55
C VAL B 59 12.83 -9.78 43.20
N ASP B 60 12.08 -9.39 44.24
CA ASP B 60 10.80 -8.67 44.10
C ASP B 60 10.85 -7.44 45.00
N TYR B 61 11.00 -6.27 44.37
CA TYR B 61 11.02 -4.98 45.06
C TYR B 61 9.61 -4.43 45.09
N ARG B 62 9.08 -4.22 46.29
CA ARG B 62 7.74 -3.67 46.48
C ARG B 62 7.82 -2.26 47.09
N PRO B 63 7.66 -1.19 46.28
CA PRO B 63 7.78 0.16 46.84
C PRO B 63 6.71 0.42 47.91
N SER B 64 7.14 1.00 49.04
CA SER B 64 6.29 1.22 50.22
C SER B 64 5.52 -0.01 50.70
N GLY B 65 6.03 -1.21 50.41
CA GLY B 65 5.37 -2.45 50.77
C GLY B 65 4.03 -2.77 50.12
N ALA B 66 3.66 -2.06 49.06
CA ALA B 66 2.40 -2.34 48.34
C ALA B 66 2.39 -3.77 47.82
N ALA B 67 1.20 -4.33 47.63
CA ALA B 67 1.09 -5.68 47.11
C ALA B 67 1.68 -5.72 45.70
N PRO B 68 2.31 -6.85 45.33
CA PRO B 68 2.84 -6.93 43.97
C PRO B 68 1.71 -7.00 42.97
N SER B 69 1.96 -6.50 41.76
CA SER B 69 1.02 -6.63 40.66
C SER B 69 1.10 -8.07 40.15
N PRO B 70 0.12 -8.49 39.32
CA PRO B 70 0.27 -9.81 38.72
C PRO B 70 1.45 -9.82 37.77
N SER B 71 2.15 -10.94 37.70
CA SER B 71 3.27 -11.09 36.79
C SER B 71 2.72 -11.12 35.37
N THR B 72 3.49 -10.60 34.41
CA THR B 72 3.08 -10.63 33.00
C THR B 72 3.10 -12.07 32.50
N PRO B 73 2.57 -12.32 31.29
CA PRO B 73 2.71 -13.64 30.67
C PRO B 73 4.12 -14.11 30.28
N MET B 74 5.15 -13.28 30.49
CA MET B 74 6.54 -13.78 30.43
C MET B 74 6.76 -14.98 31.33
N ILE B 75 6.20 -14.91 32.54
CA ILE B 75 6.48 -15.87 33.59
C ILE B 75 5.63 -17.12 33.41
N ASP B 76 6.26 -18.28 33.48
CA ASP B 76 5.55 -19.55 33.45
C ASP B 76 4.75 -19.64 34.77
N PRO B 77 3.41 -19.62 34.67
CA PRO B 77 2.59 -19.68 35.88
C PRO B 77 2.69 -21.02 36.65
N ASP B 78 3.10 -22.09 35.97
CA ASP B 78 3.29 -23.39 36.59
C ASP B 78 4.73 -23.65 37.05
N ALA B 79 5.61 -22.67 36.95
CA ALA B 79 7.01 -22.87 37.33
C ALA B 79 7.12 -23.27 38.79
N SER B 80 7.99 -24.24 39.08
CA SER B 80 8.32 -24.55 40.47
C SER B 80 9.70 -25.18 40.55
N TRP B 81 10.33 -25.00 41.70
CA TRP B 81 11.67 -25.47 41.95
C TRP B 81 11.70 -26.25 43.27
N ASP B 82 12.61 -27.21 43.36
CA ASP B 82 12.86 -27.93 44.61
C ASP B 82 13.55 -27.01 45.60
N ALA B 83 13.43 -27.33 46.90
CA ALA B 83 14.15 -26.60 47.93
C ALA B 83 15.64 -26.65 47.65
N VAL B 84 16.32 -25.55 47.89
CA VAL B 84 17.75 -25.45 47.65
C VAL B 84 18.54 -25.66 48.94
N GLY B 85 18.02 -25.18 50.06
CA GLY B 85 18.74 -25.16 51.32
C GLY B 85 19.90 -24.19 51.26
N ALA B 86 19.61 -22.95 50.87
CA ALA B 86 20.62 -21.89 50.86
C ALA B 86 20.93 -21.45 52.29
N THR B 87 22.14 -20.98 52.51
CA THR B 87 22.53 -20.40 53.80
C THR B 87 22.26 -18.92 53.76
N ILE B 88 21.54 -18.43 54.76
CA ILE B 88 21.20 -17.01 54.87
C ILE B 88 21.72 -16.51 56.21
N ASP B 89 22.77 -15.70 56.16
CA ASP B 89 23.42 -15.16 57.35
C ASP B 89 23.08 -13.66 57.44
N THR B 90 22.14 -13.32 58.33
CA THR B 90 21.78 -11.92 58.60
C THR B 90 22.54 -11.32 59.79
N SER B 91 23.52 -12.05 60.33
CA SER B 91 24.18 -11.65 61.57
C SER B 91 25.07 -10.40 61.45
N GLY B 92 25.50 -10.05 60.24
CA GLY B 92 26.38 -8.88 60.04
C GLY B 92 26.07 -8.01 58.85
N ASP B 93 27.05 -7.18 58.48
CA ASP B 93 26.99 -6.29 57.33
C ASP B 93 28.21 -6.62 56.44
N PRO B 94 27.99 -7.06 55.18
CA PRO B 94 26.71 -7.27 54.49
C PRO B 94 26.00 -8.52 54.98
N ILE B 95 24.69 -8.57 54.74
CA ILE B 95 23.91 -9.80 54.85
C ILE B 95 24.42 -10.70 53.71
N VAL B 96 24.46 -12.01 53.94
CA VAL B 96 25.03 -12.95 52.97
C VAL B 96 24.09 -14.13 52.73
N VAL B 97 23.88 -14.42 51.44
CA VAL B 97 23.12 -15.58 50.99
C VAL B 97 24.07 -16.43 50.13
N THR B 98 24.20 -17.71 50.46
CA THR B 98 25.12 -18.61 49.75
C THR B 98 24.48 -19.92 49.29
N THR B 99 24.93 -20.36 48.11
CA THR B 99 24.65 -21.67 47.57
C THR B 99 26.00 -22.23 47.14
N PRO B 100 26.05 -23.49 46.71
CA PRO B 100 27.31 -23.97 46.12
C PRO B 100 27.75 -23.21 44.83
N ARG B 101 26.83 -22.47 44.19
CA ARG B 101 27.11 -21.80 42.93
C ARG B 101 27.19 -20.27 42.98
N MET B 102 26.62 -19.63 44.00
CA MET B 102 26.71 -18.15 44.08
C MET B 102 26.70 -17.62 45.52
N ARG B 103 27.25 -16.43 45.66
CA ARG B 103 27.25 -15.69 46.91
C ARG B 103 26.65 -14.31 46.65
N ILE B 104 25.54 -14.03 47.33
CA ILE B 104 24.85 -12.74 47.25
C ILE B 104 25.09 -11.94 48.54
N GLU B 105 25.64 -10.74 48.41
CA GLU B 105 25.89 -9.84 49.53
C GLU B 105 24.95 -8.65 49.43
N ILE B 106 24.13 -8.42 50.46
CA ILE B 106 23.33 -7.20 50.56
C ILE B 106 23.90 -6.34 51.69
N ALA B 107 24.65 -5.30 51.32
CA ALA B 107 25.11 -4.27 52.27
C ALA B 107 23.89 -3.60 52.92
N ARG B 108 24.03 -3.24 54.19
CA ARG B 108 22.89 -2.74 54.97
C ARG B 108 22.61 -1.26 54.81
N THR B 109 23.65 -0.45 54.63
CA THR B 109 23.54 1.01 54.75
C THR B 109 24.30 1.77 53.65
N PRO B 110 23.62 2.13 52.55
CA PRO B 110 22.27 1.75 52.15
C PRO B 110 22.22 0.35 51.55
N ALA B 111 21.02 -0.17 51.35
CA ALA B 111 20.80 -1.48 50.72
C ALA B 111 21.30 -1.51 49.27
N ARG B 112 22.37 -2.30 49.03
CA ARG B 112 22.94 -2.53 47.70
C ARG B 112 23.38 -3.98 47.56
N MET B 113 22.95 -4.63 46.47
CA MET B 113 23.28 -6.04 46.21
C MET B 113 24.54 -6.18 45.38
N THR B 114 25.39 -7.12 45.78
CA THR B 114 26.54 -7.57 44.97
C THR B 114 26.39 -9.07 44.71
N ILE B 115 26.53 -9.47 43.45
CA ILE B 115 26.39 -10.89 43.06
C ILE B 115 27.77 -11.43 42.71
N LYS B 116 28.13 -12.55 43.33
CA LYS B 116 29.43 -13.19 43.15
C LYS B 116 29.23 -14.65 42.85
N LYS B 117 30.22 -15.27 42.21
CA LYS B 117 30.31 -16.73 42.18
C LYS B 117 30.60 -17.23 43.59
N ALA B 118 30.28 -18.49 43.87
CA ALA B 118 30.62 -19.12 45.16
C ALA B 118 32.10 -18.95 45.51
N ASP B 119 32.98 -18.94 44.52
CA ASP B 119 34.42 -18.71 44.75
C ASP B 119 34.82 -17.25 45.04
N GLY B 120 33.86 -16.31 45.06
CA GLY B 120 34.13 -14.91 45.39
C GLY B 120 34.34 -13.94 44.25
N THR B 121 34.42 -14.44 43.01
CA THR B 121 34.53 -13.57 41.83
C THR B 121 33.29 -12.68 41.73
N THR B 122 33.50 -11.37 41.69
CA THR B 122 32.40 -10.41 41.56
C THR B 122 31.86 -10.42 40.13
N LEU B 123 30.55 -10.58 39.98
CA LEU B 123 29.88 -10.67 38.67
C LEU B 123 29.18 -9.36 38.31
N LEU B 124 28.24 -8.94 39.15
CA LEU B 124 27.61 -7.63 38.99
C LEU B 124 27.16 -7.07 40.32
N TRP B 125 26.96 -5.75 40.35
CA TRP B 125 26.58 -5.09 41.59
C TRP B 125 25.78 -3.81 41.38
N GLU B 126 24.98 -3.46 42.39
CA GLU B 126 24.23 -2.21 42.39
C GLU B 126 25.16 -1.14 42.91
N PRO B 127 25.42 -0.07 42.11
CA PRO B 127 26.37 0.96 42.53
C PRO B 127 25.80 1.88 43.63
N ALA B 128 26.70 2.59 44.32
CA ALA B 128 26.31 3.55 45.39
C ALA B 128 25.22 4.51 44.90
N SER B 129 25.44 5.02 43.68
CA SER B 129 24.50 5.85 42.94
C SER B 129 23.04 5.37 42.93
N GLY B 130 22.83 4.05 42.94
CA GLY B 130 21.50 3.47 43.04
C GLY B 130 21.34 2.23 42.19
N GLY B 131 20.61 1.26 42.75
CA GLY B 131 20.35 -0.02 42.12
C GLY B 131 18.88 -0.09 41.74
N VAL B 132 18.18 -1.08 42.29
CA VAL B 132 16.76 -1.23 42.04
C VAL B 132 16.01 0.01 42.56
N PHE B 133 14.94 0.35 41.86
CA PHE B 133 14.06 1.44 42.21
C PHE B 133 12.70 1.17 41.57
N GLU B 134 11.76 2.09 41.74
CA GLU B 134 10.34 1.80 41.41
C GLU B 134 10.08 1.51 39.91
N ASP B 135 10.99 1.97 39.04
CA ASP B 135 10.85 1.84 37.60
C ASP B 135 11.94 1.02 36.88
N GLY B 136 12.76 0.31 37.64
CA GLY B 136 13.73 -0.59 37.02
C GLY B 136 14.83 -1.12 37.90
N VAL B 137 15.85 -1.67 37.24
CA VAL B 137 17.05 -2.19 37.87
C VAL B 137 18.27 -1.52 37.27
N ARG B 138 19.30 -1.30 38.09
CA ARG B 138 20.54 -0.71 37.63
C ARG B 138 21.70 -1.48 38.23
N PHE B 139 22.51 -2.08 37.35
CA PHE B 139 23.71 -2.80 37.76
C PHE B 139 24.94 -2.22 37.08
N GLN B 140 26.07 -2.47 37.72
CA GLN B 140 27.39 -2.21 37.17
C GLN B 140 28.09 -3.57 37.10
N ARG B 141 28.91 -3.74 36.07
CA ARG B 141 29.66 -4.98 35.88
C ARG B 141 30.97 -4.67 35.15
N GLY B 142 31.80 -5.70 34.95
CA GLY B 142 33.06 -5.53 34.23
C GLY B 142 32.83 -4.83 32.92
N SER B 143 33.61 -3.79 32.65
CA SER B 143 33.37 -2.98 31.45
C SER B 143 33.70 -3.72 30.13
N THR B 144 34.52 -4.77 30.21
CA THR B 144 34.87 -5.58 29.04
C THR B 144 33.99 -6.82 28.87
N ASP B 145 33.03 -7.04 29.78
CA ASP B 145 32.11 -8.16 29.65
C ASP B 145 31.32 -8.06 28.35
N ASN B 146 31.10 -9.19 27.69
CA ASN B 146 30.28 -9.24 26.49
C ASN B 146 28.83 -9.52 26.85
N ILE B 147 27.93 -8.67 26.37
CA ILE B 147 26.51 -8.77 26.68
C ILE B 147 25.73 -9.26 25.46
N TYR B 148 24.73 -10.08 25.73
CA TYR B 148 23.86 -10.70 24.73
C TYR B 148 22.42 -10.62 25.16
N GLY B 149 21.52 -10.92 24.23
CA GLY B 149 20.08 -10.85 24.45
C GLY B 149 19.47 -9.55 23.96
N ILE B 150 18.44 -9.07 24.66
CA ILE B 150 17.73 -7.81 24.39
C ILE B 150 16.91 -7.81 23.11
N ARG B 151 17.59 -8.00 21.98
CA ARG B 151 16.97 -7.77 20.70
C ARG B 151 17.56 -8.65 19.63
N SER B 152 16.81 -8.74 18.53
CA SER B 152 17.29 -9.30 17.28
C SER B 152 17.05 -8.25 16.17
N PHE B 153 16.92 -8.65 14.90
CA PHE B 153 16.78 -7.68 13.80
C PHE B 153 15.67 -8.14 12.88
N ASN B 154 14.90 -7.20 12.33
CA ASN B 154 13.72 -7.52 11.52
C ASN B 154 14.05 -7.45 10.03
N ALA B 155 13.08 -7.83 9.19
CA ALA B 155 13.27 -7.87 7.73
C ALA B 155 13.32 -6.50 7.04
N GLN B 156 13.30 -5.41 7.82
CA GLN B 156 13.40 -4.04 7.31
C GLN B 156 14.55 -3.27 7.93
N GLU B 157 15.39 -3.94 8.73
CA GLU B 157 16.45 -3.26 9.50
C GLU B 157 17.82 -3.65 8.99
N ASP B 158 18.79 -2.78 9.25
CA ASP B 158 20.20 -3.14 9.15
C ASP B 158 20.42 -4.21 10.20
N VAL B 159 21.17 -5.24 9.85
CA VAL B 159 21.36 -6.39 10.72
C VAL B 159 22.74 -6.29 11.34
N GLY B 160 22.78 -6.13 12.66
CA GLY B 160 24.02 -6.09 13.43
C GLY B 160 24.50 -7.49 13.81
N GLY B 161 25.24 -7.56 14.92
CA GLY B 161 25.87 -8.78 15.39
C GLY B 161 25.13 -9.36 16.58
N LEU B 162 25.84 -10.17 17.35
CA LEU B 162 25.27 -10.77 18.57
C LEU B 162 25.49 -9.87 19.80
N LEU B 163 26.60 -9.16 19.79
CA LEU B 163 27.00 -8.31 20.92
C LEU B 163 26.03 -7.15 21.19
N ARG B 164 25.82 -6.89 22.49
CA ARG B 164 24.91 -5.85 22.94
C ARG B 164 25.62 -4.98 23.98
N ASN B 165 26.86 -4.59 23.67
CA ASN B 165 27.75 -3.90 24.63
C ASN B 165 27.47 -2.40 24.74
N SER B 166 26.79 -1.83 23.74
CA SER B 166 26.36 -0.43 23.74
C SER B 166 24.94 -0.31 23.21
N SER B 167 23.99 -0.86 23.97
CA SER B 167 22.62 -1.03 23.50
C SER B 167 21.62 -0.11 24.19
N ASP B 168 20.80 0.57 23.41
CA ASP B 168 19.63 1.28 23.94
C ASP B 168 18.32 0.93 23.20
N HIS B 169 18.32 -0.13 22.39
CA HIS B 169 17.13 -0.57 21.68
C HIS B 169 16.10 -1.06 22.71
N PRO B 170 14.80 -0.73 22.53
CA PRO B 170 13.79 -1.26 23.47
C PRO B 170 13.67 -2.78 23.44
N ALA B 171 13.10 -3.31 24.52
CA ALA B 171 12.76 -4.71 24.64
C ALA B 171 11.35 -4.89 24.12
N HIS B 172 11.20 -5.56 22.98
CA HIS B 172 9.88 -5.74 22.34
C HIS B 172 9.83 -6.98 21.45
N ALA B 173 8.61 -7.44 21.16
CA ALA B 173 8.43 -8.52 20.17
C ALA B 173 8.75 -7.98 18.77
N GLY B 174 8.49 -6.70 18.56
CA GLY B 174 8.75 -6.06 17.26
C GLY B 174 7.85 -6.58 16.15
N GLN B 175 8.34 -6.45 14.93
CA GLN B 175 7.64 -6.96 13.78
C GLN B 175 8.60 -7.56 12.80
N GLN B 176 8.04 -8.29 11.83
CA GLN B 176 8.77 -8.72 10.63
C GLN B 176 10.04 -9.51 10.97
N GLY B 177 9.86 -10.48 11.87
CA GLY B 177 10.90 -11.43 12.22
C GLY B 177 11.69 -11.04 13.45
N ASP B 178 11.39 -9.89 14.05
CA ASP B 178 12.15 -9.42 15.21
C ASP B 178 11.88 -10.32 16.43
N ALA B 179 12.76 -10.21 17.41
CA ALA B 179 12.59 -10.88 18.69
C ALA B 179 13.26 -10.00 19.71
N GLY B 180 12.74 -10.02 20.93
CA GLY B 180 13.35 -9.21 21.96
C GLY B 180 12.74 -9.50 23.30
N GLY B 181 13.34 -8.94 24.34
CA GLY B 181 12.81 -9.10 25.66
C GLY B 181 13.71 -8.49 26.69
N PRO B 182 13.22 -8.38 27.94
CA PRO B 182 14.00 -7.82 29.03
C PRO B 182 14.95 -8.88 29.63
N PHE B 183 15.88 -9.33 28.80
CA PHE B 183 16.78 -10.43 29.14
C PHE B 183 18.14 -10.02 28.62
N MET B 184 19.07 -9.86 29.55
CA MET B 184 20.41 -9.43 29.23
C MET B 184 21.38 -10.30 30.02
N TRP B 185 22.32 -10.93 29.31
CA TRP B 185 23.22 -11.87 29.93
C TRP B 185 24.60 -11.78 29.32
N SER B 186 25.57 -12.40 30.00
CA SER B 186 26.97 -12.30 29.61
C SER B 186 27.68 -13.63 29.70
N THR B 187 28.63 -13.82 28.79
CA THR B 187 29.56 -14.92 28.90
C THR B 187 30.51 -14.80 30.09
N ALA B 188 30.55 -13.62 30.72
CA ALA B 188 31.27 -13.43 31.98
C ALA B 188 30.62 -14.13 33.19
N GLY B 189 29.44 -14.73 32.99
CA GLY B 189 28.88 -15.68 33.94
C GLY B 189 27.61 -15.31 34.67
N TYR B 190 26.80 -14.41 34.09
CA TYR B 190 25.56 -13.96 34.72
C TYR B 190 24.50 -13.56 33.71
N GLY B 191 23.25 -13.58 34.13
CA GLY B 191 22.14 -13.01 33.36
C GLY B 191 21.13 -12.30 34.25
N VAL B 192 20.41 -11.36 33.65
CA VAL B 192 19.35 -10.58 34.32
C VAL B 192 18.10 -10.64 33.46
N LEU B 193 17.00 -11.08 34.07
CA LEU B 193 15.70 -11.16 33.42
C LEU B 193 14.70 -10.37 34.27
N VAL B 194 14.04 -9.37 33.69
CA VAL B 194 13.04 -8.55 34.37
C VAL B 194 11.67 -8.90 33.81
N ASP B 195 10.71 -9.19 34.69
CA ASP B 195 9.32 -9.36 34.23
C ASP B 195 8.76 -7.99 33.86
N SER B 196 8.36 -7.82 32.60
CA SER B 196 7.94 -6.51 32.09
C SER B 196 7.20 -6.63 30.76
N ASP B 197 6.29 -5.69 30.52
CA ASP B 197 5.60 -5.56 29.23
C ASP B 197 6.30 -4.45 28.47
N GLY B 198 7.28 -4.83 27.67
CA GLY B 198 8.14 -3.88 26.98
C GLY B 198 9.04 -3.18 27.97
N GLY B 199 9.66 -2.09 27.51
CA GLY B 199 10.61 -1.35 28.32
C GLY B 199 11.95 -1.20 27.65
N TYR B 200 12.91 -0.70 28.40
CA TYR B 200 14.14 -0.12 27.84
C TYR B 200 15.41 -0.64 28.53
N PRO B 201 15.98 -1.73 27.99
CA PRO B 201 17.28 -2.18 28.46
C PRO B 201 18.33 -1.17 28.03
N TYR B 202 19.37 -1.00 28.85
CA TYR B 202 20.48 -0.12 28.52
C TYR B 202 21.81 -0.72 28.97
N THR B 203 22.78 -0.71 28.06
CA THR B 203 24.16 -1.08 28.34
C THR B 203 25.12 -0.07 27.76
N ASP B 204 26.31 -0.01 28.33
CA ASP B 204 27.39 0.76 27.75
C ASP B 204 28.72 0.22 28.23
N THR B 205 29.79 0.66 27.57
CA THR B 205 31.12 0.14 27.82
C THR B 205 31.83 0.73 29.05
N THR B 206 31.15 1.58 29.83
CA THR B 206 31.58 1.88 31.21
C THR B 206 31.18 0.78 32.18
N GLY B 207 30.34 -0.17 31.73
CA GLY B 207 29.92 -1.30 32.53
C GLY B 207 28.48 -1.25 33.00
N LYS B 208 27.67 -0.34 32.46
CA LYS B 208 26.27 -0.27 32.86
C LYS B 208 25.48 -1.44 32.30
N LEU B 209 24.60 -1.98 33.14
CA LEU B 209 23.64 -3.01 32.77
C LEU B 209 22.34 -2.66 33.51
N GLU B 210 21.42 -2.05 32.79
CA GLU B 210 20.23 -1.46 33.38
C GLU B 210 18.97 -1.85 32.61
N PHE B 211 17.83 -1.72 33.28
CA PHE B 211 16.54 -1.86 32.62
C PHE B 211 15.48 -0.93 33.21
N TYR B 212 14.79 -0.19 32.34
CA TYR B 212 13.79 0.79 32.72
C TYR B 212 12.42 0.42 32.14
N TYR B 213 11.38 0.50 32.96
CA TYR B 213 10.01 0.38 32.48
C TYR B 213 9.72 1.49 31.46
N GLY B 214 10.11 2.72 31.80
CA GLY B 214 9.88 3.89 30.97
C GLY B 214 8.42 4.18 30.67
N GLY B 215 8.21 5.08 29.72
CA GLY B 215 6.86 5.42 29.27
C GLY B 215 6.28 4.31 28.42
N THR B 216 5.00 4.45 28.12
CA THR B 216 4.28 3.49 27.29
C THR B 216 5.01 3.26 25.97
N PRO B 217 5.38 2.01 25.65
CA PRO B 217 6.08 1.80 24.38
C PRO B 217 5.19 2.01 23.17
N THR B 218 5.81 2.08 21.99
CA THR B 218 5.13 2.09 20.70
C THR B 218 4.05 1.03 20.60
N GLU B 219 4.40 -0.20 20.96
CA GLU B 219 3.48 -1.34 20.91
C GLU B 219 2.35 -1.34 21.95
N GLY B 220 2.36 -0.38 22.88
CA GLY B 220 1.38 -0.33 23.96
C GLY B 220 1.92 -1.07 25.16
N ARG B 221 1.14 -1.05 26.23
CA ARG B 221 1.46 -1.76 27.45
C ARG B 221 0.14 -2.10 28.12
N ARG B 222 -0.15 -3.39 28.23
CA ARG B 222 -1.39 -3.82 28.84
C ARG B 222 -1.20 -4.50 30.19
N TYR B 223 0.04 -4.82 30.56
CA TYR B 223 0.36 -5.32 31.90
C TYR B 223 1.27 -4.31 32.59
N THR B 224 0.73 -3.55 33.54
CA THR B 224 1.55 -2.63 34.34
C THR B 224 1.88 -3.29 35.67
N LYS B 225 3.07 -2.97 36.18
CA LYS B 225 3.59 -3.54 37.41
C LYS B 225 3.98 -2.40 38.33
N THR B 226 3.49 -2.41 39.57
CA THR B 226 3.95 -1.44 40.59
C THR B 226 5.24 -1.92 41.26
N ASN B 227 5.34 -3.22 41.47
CA ASN B 227 6.60 -3.84 41.92
C ASN B 227 7.59 -4.05 40.75
N VAL B 228 8.82 -4.41 41.08
CA VAL B 228 9.86 -4.78 40.11
C VAL B 228 10.30 -6.19 40.42
N GLU B 229 9.89 -7.12 39.57
CA GLU B 229 10.19 -8.54 39.70
C GLU B 229 11.31 -8.90 38.71
N TYR B 230 12.44 -9.38 39.22
CA TYR B 230 13.56 -9.73 38.35
C TYR B 230 14.28 -10.97 38.85
N TYR B 231 15.09 -11.54 37.96
CA TYR B 231 15.78 -12.79 38.20
C TYR B 231 17.26 -12.61 37.87
N ILE B 232 18.11 -13.17 38.72
CA ILE B 232 19.54 -13.13 38.51
C ILE B 232 19.97 -14.58 38.33
N MET B 233 20.62 -14.85 37.18
CA MET B 233 21.19 -16.15 36.83
C MET B 233 22.69 -16.10 36.97
N VAL B 234 23.28 -17.19 37.47
CA VAL B 234 24.71 -17.36 37.50
C VAL B 234 25.10 -18.66 36.77
N GLY B 235 26.12 -18.58 35.93
CA GLY B 235 26.65 -19.76 35.28
C GLY B 235 27.10 -19.50 33.85
N GLU B 236 27.50 -20.58 33.20
CA GLU B 236 27.90 -20.54 31.79
C GLU B 236 26.67 -20.39 30.91
N PRO B 237 26.88 -20.06 29.62
CA PRO B 237 25.71 -19.69 28.81
C PRO B 237 24.55 -20.69 28.80
N LYS B 238 24.85 -21.98 28.69
CA LYS B 238 23.81 -23.02 28.69
C LYS B 238 23.03 -23.12 30.01
N GLU B 239 23.71 -22.76 31.10
CA GLU B 239 23.09 -22.73 32.43
C GLU B 239 22.16 -21.53 32.56
N ILE B 240 22.60 -20.37 32.05
CA ILE B 240 21.78 -19.16 32.00
C ILE B 240 20.52 -19.41 31.19
N MET B 241 20.69 -20.02 30.02
CA MET B 241 19.57 -20.33 29.14
C MET B 241 18.61 -21.33 29.77
N ALA B 242 19.14 -22.37 30.42
CA ALA B 242 18.28 -23.32 31.13
C ALA B 242 17.48 -22.62 32.23
N SER B 243 18.12 -21.73 32.99
CA SER B 243 17.40 -20.95 34.03
C SER B 243 16.34 -20.03 33.42
N TYR B 244 16.68 -19.36 32.32
CA TYR B 244 15.66 -18.61 31.57
C TYR B 244 14.43 -19.46 31.25
N ALA B 245 14.64 -20.71 30.83
CA ALA B 245 13.54 -21.59 30.45
C ALA B 245 12.76 -22.08 31.67
N GLN B 246 13.42 -22.21 32.82
CA GLN B 246 12.69 -22.51 34.08
C GLN B 246 11.70 -21.38 34.43
N VAL B 247 12.13 -20.13 34.27
CA VAL B 247 11.32 -18.96 34.64
C VAL B 247 10.21 -18.73 33.63
N THR B 248 10.56 -18.72 32.32
CA THR B 248 9.60 -18.36 31.28
C THR B 248 8.96 -19.53 30.55
N GLY B 249 9.50 -20.73 30.75
CA GLY B 249 8.92 -21.96 30.24
C GLY B 249 9.77 -22.66 29.20
N THR B 250 9.76 -23.99 29.23
CA THR B 250 10.38 -24.81 28.22
C THR B 250 9.41 -24.92 27.04
N ALA B 251 9.91 -25.44 25.92
CA ALA B 251 9.13 -25.55 24.71
C ALA B 251 8.54 -26.95 24.62
N PRO B 252 7.22 -27.07 24.38
CA PRO B 252 6.64 -28.36 24.07
C PRO B 252 7.26 -28.93 22.81
N MET B 253 7.38 -30.26 22.78
CA MET B 253 7.91 -30.92 21.61
C MET B 253 6.97 -30.76 20.43
N LEU B 254 7.54 -30.38 19.29
CA LEU B 254 6.79 -30.26 18.06
C LEU B 254 6.62 -31.65 17.46
N PRO B 255 5.69 -31.80 16.49
CA PRO B 255 5.59 -33.09 15.82
C PRO B 255 6.90 -33.39 15.12
N LYS B 256 7.30 -34.66 15.06
CA LYS B 256 8.58 -35.02 14.47
C LYS B 256 8.64 -34.62 13.01
N TRP B 257 7.50 -34.61 12.32
CA TRP B 257 7.47 -34.17 10.90
C TRP B 257 7.99 -32.74 10.70
N SER B 258 7.94 -31.93 11.75
CA SER B 258 8.40 -30.54 11.67
C SER B 258 9.93 -30.37 11.59
N LEU B 259 10.68 -31.47 11.73
CA LEU B 259 12.12 -31.50 11.40
C LEU B 259 12.40 -31.70 9.91
N GLY B 260 11.36 -32.02 9.15
CA GLY B 260 11.48 -32.20 7.72
C GLY B 260 11.40 -30.90 6.96
N PHE B 261 11.61 -31.03 5.65
CA PHE B 261 11.50 -29.92 4.74
C PHE B 261 10.03 -29.56 4.50
N MET B 262 9.79 -28.24 4.38
CA MET B 262 8.47 -27.67 4.20
C MET B 262 8.50 -26.70 3.01
N ASN B 263 7.50 -26.77 2.14
CA ASN B 263 7.32 -25.84 1.03
C ASN B 263 6.12 -24.93 1.37
N PHE B 264 6.40 -23.64 1.66
CA PHE B 264 5.35 -22.64 1.91
C PHE B 264 5.06 -22.03 0.54
N GLU B 265 3.81 -21.73 0.25
CA GLU B 265 3.47 -21.18 -1.07
C GLU B 265 2.18 -20.36 -1.06
N TRP B 266 2.24 -19.26 -1.80
CA TRP B 266 1.13 -18.32 -2.04
C TRP B 266 0.90 -18.35 -3.54
N GLY B 267 -0.33 -18.67 -3.94
CA GLY B 267 -0.65 -18.93 -5.36
C GLY B 267 -0.54 -20.42 -5.63
N ILE B 268 -1.59 -21.13 -5.27
CA ILE B 268 -1.58 -22.60 -5.26
C ILE B 268 -3.01 -23.09 -5.14
N ASP B 269 -3.32 -24.19 -5.81
CA ASP B 269 -4.62 -24.87 -5.69
C ASP B 269 -4.33 -26.35 -5.59
N GLN B 270 -5.37 -27.17 -5.52
CA GLN B 270 -5.17 -28.59 -5.28
C GLN B 270 -4.37 -29.28 -6.36
N ASP B 271 -4.67 -28.98 -7.62
CA ASP B 271 -3.98 -29.62 -8.76
C ASP B 271 -2.48 -29.30 -8.72
N GLU B 272 -2.15 -28.04 -8.43
CA GLU B 272 -0.74 -27.65 -8.32
C GLU B 272 -0.05 -28.34 -7.15
N LEU B 273 -0.71 -28.38 -5.99
CA LEU B 273 -0.18 -29.03 -4.78
C LEU B 273 0.14 -30.49 -5.06
N GLU B 274 -0.80 -31.17 -5.72
CA GLU B 274 -0.59 -32.59 -6.13
C GLU B 274 0.60 -32.76 -7.08
N ALA B 275 0.75 -31.87 -8.04
CA ALA B 275 1.88 -31.90 -8.97
C ALA B 275 3.21 -31.63 -8.25
N HIS B 276 3.22 -30.69 -7.30
CA HIS B 276 4.45 -30.39 -6.55
C HIS B 276 4.87 -31.65 -5.73
N VAL B 277 3.93 -32.23 -5.00
CA VAL B 277 4.23 -33.38 -4.16
C VAL B 277 4.77 -34.52 -5.02
N ASP B 278 4.09 -34.76 -6.15
CA ASP B 278 4.56 -35.73 -7.14
C ASP B 278 5.97 -35.47 -7.63
N GLY B 279 6.28 -34.20 -7.88
CA GLY B 279 7.62 -33.81 -8.34
C GLY B 279 8.69 -34.10 -7.29
N TYR B 280 8.40 -33.87 -6.03
CA TYR B 280 9.33 -34.19 -4.95
C TYR B 280 9.51 -35.71 -4.83
N ARG B 281 8.38 -36.42 -4.76
CA ARG B 281 8.38 -37.88 -4.58
C ARG B 281 9.08 -38.60 -5.75
N ALA B 282 8.82 -38.15 -6.98
CA ALA B 282 9.45 -38.77 -8.15
C ALA B 282 10.98 -38.67 -8.10
N ARG B 283 11.47 -37.54 -7.59
CA ARG B 283 12.91 -37.27 -7.51
C ARG B 283 13.57 -37.78 -6.22
N ASN B 284 12.80 -38.40 -5.29
CA ASN B 284 13.31 -38.79 -3.96
C ASN B 284 13.93 -37.57 -3.24
N ILE B 285 13.30 -36.41 -3.40
CA ILE B 285 13.63 -35.21 -2.62
C ILE B 285 12.68 -35.21 -1.41
N PRO B 286 13.23 -35.43 -0.22
CA PRO B 286 12.35 -35.54 0.93
C PRO B 286 11.59 -34.26 1.21
N ILE B 287 10.37 -34.41 1.71
CA ILE B 287 9.49 -33.30 2.08
C ILE B 287 8.36 -33.85 2.96
N ASP B 288 8.06 -33.11 4.02
CA ASP B 288 7.05 -33.51 5.00
C ASP B 288 5.79 -32.63 5.04
N ALA B 289 5.86 -31.41 4.52
CA ALA B 289 4.77 -30.44 4.67
C ALA B 289 4.71 -29.40 3.55
N PHE B 290 3.48 -29.04 3.22
CA PHE B 290 3.17 -27.86 2.45
C PHE B 290 2.41 -26.90 3.32
N ALA B 291 2.79 -25.62 3.24
CA ALA B 291 2.06 -24.55 3.90
C ALA B 291 1.35 -23.76 2.85
N LEU B 292 0.07 -23.52 3.10
CA LEU B 292 -0.80 -22.84 2.17
C LEU B 292 -1.12 -21.43 2.68
N ASP B 293 -1.04 -20.46 1.77
CA ASP B 293 -1.29 -19.05 2.08
C ASP B 293 -2.80 -18.76 1.94
N TYR B 294 -3.20 -17.52 1.67
CA TYR B 294 -4.62 -17.14 1.51
C TYR B 294 -5.45 -18.16 0.72
N ASP B 295 -4.80 -18.76 -0.27
CA ASP B 295 -5.40 -19.76 -1.15
C ASP B 295 -6.25 -20.83 -0.45
N TRP B 296 -5.85 -21.23 0.76
CA TRP B 296 -6.53 -22.34 1.43
C TRP B 296 -7.91 -21.97 1.99
N MET B 297 -8.17 -20.69 2.20
CA MET B 297 -9.37 -20.27 2.95
C MET B 297 -10.23 -19.29 2.17
N ASP B 298 -11.52 -19.21 2.56
CA ASP B 298 -12.47 -18.26 1.96
C ASP B 298 -12.39 -16.88 2.60
N TYR B 299 -11.17 -16.37 2.76
CA TYR B 299 -10.90 -15.04 3.33
C TYR B 299 -11.62 -14.03 2.46
N GLY B 300 -12.34 -13.11 3.12
CA GLY B 300 -13.19 -12.13 2.44
C GLY B 300 -14.68 -12.42 2.48
N GLU B 301 -15.06 -13.64 2.86
CA GLU B 301 -16.47 -14.04 2.83
C GLU B 301 -17.11 -14.07 4.20
N ASP B 302 -18.44 -14.10 4.16
CA ASP B 302 -19.29 -14.15 5.33
C ASP B 302 -19.20 -15.54 5.95
N ASN B 303 -19.76 -15.69 7.15
CA ASN B 303 -19.86 -16.97 7.85
C ASN B 303 -18.48 -17.56 8.13
N TYR B 304 -17.63 -16.73 8.74
CA TYR B 304 -16.29 -17.14 9.13
C TYR B 304 -15.47 -17.71 7.95
N GLY B 305 -15.54 -17.05 6.80
CA GLY B 305 -14.79 -17.45 5.62
C GLY B 305 -13.29 -17.54 5.84
N GLU B 306 -12.77 -16.66 6.71
CA GLU B 306 -11.34 -16.65 7.09
C GLU B 306 -10.92 -17.78 8.04
N PHE B 307 -11.84 -18.71 8.36
CA PHE B 307 -11.57 -19.97 9.06
C PHE B 307 -11.90 -21.23 8.24
N ARG B 308 -12.42 -21.04 7.02
CA ARG B 308 -13.12 -22.10 6.28
C ARG B 308 -12.30 -22.48 5.06
N TRP B 309 -12.18 -23.77 4.79
CA TRP B 309 -11.51 -24.22 3.56
C TRP B 309 -12.16 -23.66 2.30
N ASN B 310 -11.31 -23.19 1.38
CA ASN B 310 -11.71 -22.70 0.06
C ASN B 310 -11.79 -23.91 -0.86
N THR B 311 -13.01 -24.35 -1.14
CA THR B 311 -13.25 -25.55 -1.94
C THR B 311 -13.24 -25.28 -3.42
N ASP B 312 -13.14 -24.02 -3.82
CA ASP B 312 -12.87 -23.68 -5.21
C ASP B 312 -11.40 -23.98 -5.54
N ASN B 313 -10.49 -23.61 -4.65
CA ASN B 313 -9.08 -23.98 -4.79
C ASN B 313 -8.82 -25.44 -4.40
N PHE B 314 -9.47 -25.93 -3.35
CA PHE B 314 -9.23 -27.29 -2.84
C PHE B 314 -10.53 -28.09 -2.70
N PRO B 315 -11.04 -28.61 -3.84
CA PRO B 315 -12.34 -29.32 -3.80
C PRO B 315 -12.41 -30.46 -2.79
N ASP B 316 -11.34 -31.23 -2.64
CA ASP B 316 -11.38 -32.37 -1.72
C ASP B 316 -11.34 -31.98 -0.25
N ALA B 317 -11.15 -30.69 0.07
CA ALA B 317 -11.28 -30.21 1.44
C ALA B 317 -12.73 -29.91 1.85
N ALA B 318 -13.70 -30.27 1.00
CA ALA B 318 -15.12 -30.31 1.41
C ALA B 318 -15.32 -31.34 2.52
N THR B 319 -14.50 -32.40 2.52
CA THR B 319 -14.52 -33.45 3.55
C THR B 319 -13.09 -33.68 4.08
N THR B 320 -12.86 -34.78 4.80
CA THR B 320 -11.51 -35.15 5.23
C THR B 320 -10.63 -35.76 4.12
N GLN B 321 -11.13 -35.82 2.88
CA GLN B 321 -10.44 -36.50 1.80
C GLN B 321 -9.06 -35.92 1.47
N LEU B 322 -8.96 -34.60 1.31
CA LEU B 322 -7.66 -33.97 1.00
C LEU B 322 -6.65 -34.30 2.07
N LYS B 323 -7.06 -34.13 3.33
CA LYS B 323 -6.18 -34.42 4.45
C LYS B 323 -5.63 -35.84 4.37
N GLU B 324 -6.55 -36.79 4.14
CA GLU B 324 -6.21 -38.22 4.16
C GLU B 324 -5.35 -38.64 2.97
N ASP B 325 -5.61 -38.09 1.79
CA ASP B 325 -4.81 -38.44 0.61
C ASP B 325 -3.41 -37.82 0.71
N MET B 326 -3.33 -36.60 1.21
CA MET B 326 -2.02 -35.98 1.48
C MET B 326 -1.27 -36.74 2.57
N GLU B 327 -1.94 -37.12 3.65
CA GLU B 327 -1.30 -37.93 4.70
C GLU B 327 -0.76 -39.25 4.15
N ALA B 328 -1.51 -39.89 3.25
CA ALA B 328 -1.09 -41.12 2.58
C ALA B 328 0.18 -40.92 1.74
N GLU B 329 0.40 -39.70 1.25
CA GLU B 329 1.64 -39.35 0.54
C GLU B 329 2.73 -38.74 1.45
N GLY B 330 2.52 -38.75 2.76
CA GLY B 330 3.49 -38.22 3.74
C GLY B 330 3.53 -36.70 3.85
N ILE B 331 2.42 -36.04 3.48
CA ILE B 331 2.32 -34.58 3.50
C ILE B 331 1.33 -34.11 4.56
N ARG B 332 1.83 -33.25 5.45
CA ARG B 332 1.03 -32.55 6.42
C ARG B 332 0.77 -31.17 5.86
N LEU B 333 -0.37 -30.57 6.24
CA LEU B 333 -0.73 -29.26 5.71
C LEU B 333 -0.72 -28.18 6.79
N ILE B 334 -0.10 -27.06 6.46
CA ILE B 334 -0.07 -25.87 7.33
C ILE B 334 -0.90 -24.80 6.63
N GLY B 335 -1.60 -23.98 7.40
CA GLY B 335 -2.43 -22.90 6.82
C GLY B 335 -2.13 -21.58 7.46
N ILE B 336 -2.12 -20.53 6.65
CA ILE B 336 -1.85 -19.17 7.17
C ILE B 336 -3.08 -18.66 7.91
N ARG B 337 -2.83 -17.98 9.00
CA ARG B 337 -3.86 -17.33 9.82
C ARG B 337 -3.44 -15.86 9.99
N LYS B 338 -4.42 -14.97 9.91
CA LYS B 338 -4.24 -13.57 10.24
C LYS B 338 -5.12 -13.31 11.48
N PRO B 339 -4.61 -12.58 12.50
CA PRO B 339 -5.37 -12.30 13.72
C PRO B 339 -6.37 -11.15 13.52
N ARG B 340 -7.28 -11.32 12.58
CA ARG B 340 -8.27 -10.32 12.24
C ARG B 340 -9.41 -11.03 11.56
N ILE B 341 -10.57 -10.38 11.54
CA ILE B 341 -11.73 -10.93 10.83
C ILE B 341 -12.24 -9.92 9.83
N ILE B 342 -12.85 -10.44 8.78
CA ILE B 342 -13.50 -9.61 7.79
C ILE B 342 -14.81 -9.11 8.40
N THR B 343 -14.97 -7.79 8.43
CA THR B 343 -16.17 -7.17 9.02
C THR B 343 -17.18 -6.70 8.00
N ARG B 344 -16.75 -6.60 6.74
CA ARG B 344 -17.63 -6.38 5.61
C ARG B 344 -17.12 -7.22 4.48
N ASP B 345 -17.98 -8.07 3.94
CA ASP B 345 -17.55 -9.05 2.95
C ASP B 345 -17.31 -8.38 1.59
N PHE B 346 -17.06 -9.17 0.55
CA PHE B 346 -16.81 -8.62 -0.81
C PHE B 346 -17.94 -7.68 -1.26
N ALA B 347 -19.18 -7.94 -0.84
CA ALA B 347 -20.34 -7.11 -1.17
C ALA B 347 -20.70 -6.00 -0.14
N ASN B 348 -19.75 -5.66 0.75
CA ASN B 348 -19.95 -4.62 1.78
C ASN B 348 -21.08 -4.87 2.78
N GLN B 349 -21.44 -6.13 3.00
CA GLN B 349 -22.43 -6.49 4.01
C GLN B 349 -21.70 -6.90 5.28
N ARG B 350 -22.24 -6.51 6.43
CA ARG B 350 -21.69 -6.89 7.72
C ARG B 350 -21.71 -8.41 7.81
N THR B 351 -20.68 -8.99 8.38
CA THR B 351 -20.56 -10.43 8.40
C THR B 351 -20.99 -10.96 9.77
N GLN B 352 -21.32 -12.24 9.83
CA GLN B 352 -21.65 -12.88 11.10
C GLN B 352 -20.51 -12.75 12.10
N GLN B 353 -19.27 -12.92 11.63
CA GLN B 353 -18.11 -12.83 12.51
C GLN B 353 -17.95 -11.42 13.12
N TYR B 354 -18.27 -10.38 12.34
CA TYR B 354 -18.37 -9.00 12.88
C TYR B 354 -19.35 -8.89 14.04
N TYR B 355 -20.58 -9.37 13.84
CA TYR B 355 -21.62 -9.24 14.89
C TYR B 355 -21.20 -9.95 16.16
N ASP B 356 -20.66 -11.15 16.01
CA ASP B 356 -20.20 -11.95 17.16
C ASP B 356 -19.04 -11.28 17.90
N ALA B 357 -18.04 -10.81 17.15
CA ALA B 357 -16.91 -10.12 17.77
C ALA B 357 -17.33 -8.79 18.40
N ASP B 358 -18.13 -8.02 17.67
CA ASP B 358 -18.60 -6.71 18.17
C ASP B 358 -19.38 -6.84 19.47
N SER B 359 -20.36 -7.74 19.49
CA SER B 359 -21.21 -7.91 20.67
C SER B 359 -20.46 -8.50 21.86
N ASN B 360 -19.43 -9.32 21.63
CA ASN B 360 -18.65 -9.91 22.74
C ASN B 360 -17.38 -9.13 23.15
N GLY B 361 -17.05 -8.06 22.41
CA GLY B 361 -15.86 -7.26 22.72
C GLY B 361 -14.53 -7.94 22.38
N TYR B 362 -14.47 -8.64 21.25
CA TYR B 362 -13.26 -9.38 20.85
C TYR B 362 -12.25 -8.64 19.93
N PHE B 363 -12.43 -7.35 19.68
CA PHE B 363 -11.50 -6.64 18.81
C PHE B 363 -10.34 -6.14 19.64
N TYR B 364 -9.17 -6.00 19.01
CA TYR B 364 -7.98 -5.54 19.72
C TYR B 364 -8.20 -4.09 20.15
N PRO B 365 -7.89 -3.75 21.43
CA PRO B 365 -8.12 -2.38 21.89
C PRO B 365 -7.30 -1.32 21.14
N GLY B 366 -7.94 -0.24 20.74
CA GLY B 366 -7.28 0.78 19.92
C GLY B 366 -7.21 0.50 18.41
N HIS B 367 -7.57 -0.71 17.97
CA HIS B 367 -7.54 -1.06 16.54
C HIS B 367 -8.98 -0.94 16.02
N ASN B 368 -9.23 0.02 15.17
CA ASN B 368 -10.49 0.17 14.46
C ASN B 368 -10.43 -0.61 13.15
N GLU B 369 -11.59 -0.83 12.54
CA GLU B 369 -11.62 -1.52 11.26
C GLU B 369 -10.98 -0.65 10.20
N TYR B 370 -10.49 -1.31 9.16
CA TYR B 370 -9.81 -0.62 8.11
C TYR B 370 -10.00 -1.39 6.83
N THR B 371 -10.02 -0.66 5.73
CA THR B 371 -10.14 -1.25 4.42
C THR B 371 -8.78 -1.84 4.08
N ASP B 372 -8.78 -3.05 3.54
CA ASP B 372 -7.57 -3.82 3.26
C ASP B 372 -7.71 -4.59 1.93
N TYR B 373 -6.60 -5.10 1.43
CA TYR B 373 -6.49 -5.76 0.13
C TYR B 373 -5.63 -6.99 0.27
N PHE B 374 -5.98 -8.05 -0.46
CA PHE B 374 -5.19 -9.28 -0.46
C PHE B 374 -5.06 -10.00 -1.80
N ILE B 375 -5.69 -9.51 -2.86
CA ILE B 375 -5.70 -10.18 -4.16
C ILE B 375 -4.82 -9.35 -5.10
N PRO B 376 -3.55 -9.76 -5.30
CA PRO B 376 -2.65 -8.97 -6.15
C PRO B 376 -2.93 -9.09 -7.65
N VAL B 377 -2.72 -7.99 -8.38
CA VAL B 377 -2.82 -7.97 -9.84
C VAL B 377 -1.49 -7.44 -10.38
N THR B 378 -1.00 -7.98 -11.49
CA THR B 378 0.24 -7.50 -12.12
C THR B 378 -0.10 -6.58 -13.28
N VAL B 379 0.48 -5.37 -13.27
CA VAL B 379 0.21 -4.34 -14.26
C VAL B 379 1.48 -3.65 -14.71
N ARG B 380 1.37 -2.92 -15.82
CA ARG B 380 2.47 -2.13 -16.32
C ARG B 380 1.97 -0.93 -17.15
N SER B 381 2.58 0.22 -16.89
CA SER B 381 2.20 1.49 -17.50
C SER B 381 2.36 1.51 -19.03
N PHE B 382 1.38 2.09 -19.74
CA PHE B 382 1.54 2.31 -21.19
C PHE B 382 2.17 3.66 -21.44
N ASP B 383 2.77 3.82 -22.62
CA ASP B 383 3.39 5.06 -23.04
C ASP B 383 2.46 5.81 -24.01
N PRO B 384 1.81 6.90 -23.53
CA PRO B 384 0.95 7.68 -24.41
C PRO B 384 1.74 8.62 -25.34
N TYR B 385 3.04 8.76 -25.13
CA TYR B 385 3.84 9.69 -25.96
C TYR B 385 3.97 9.27 -27.43
N GLN B 386 3.78 7.98 -27.72
CA GLN B 386 3.96 7.46 -29.09
C GLN B 386 2.64 7.42 -29.84
N GLN B 387 2.65 7.89 -31.07
CA GLN B 387 1.44 7.89 -31.89
C GLN B 387 0.88 6.47 -32.03
N ALA B 388 1.75 5.50 -32.28
CA ALA B 388 1.30 4.13 -32.55
C ALA B 388 0.64 3.55 -31.30
N SER B 389 1.17 3.95 -30.14
CA SER B 389 0.63 3.53 -28.84
C SER B 389 -0.77 4.13 -28.61
N ARG B 390 -0.91 5.40 -28.93
CA ARG B 390 -2.20 6.11 -28.86
C ARG B 390 -3.24 5.48 -29.78
N ASP B 391 -2.83 5.18 -31.02
CA ASP B 391 -3.72 4.52 -31.99
C ASP B 391 -4.22 3.19 -31.45
N TRP B 392 -3.32 2.44 -30.82
CA TRP B 392 -3.65 1.14 -30.22
C TRP B 392 -4.62 1.30 -29.04
N TRP B 393 -4.29 2.23 -28.15
CA TRP B 393 -5.12 2.52 -26.97
C TRP B 393 -6.55 2.89 -27.38
N TRP B 394 -6.68 3.79 -28.36
CA TRP B 394 -8.02 4.18 -28.87
C TRP B 394 -8.73 3.00 -29.52
N GLN B 395 -8.04 2.29 -30.41
CA GLN B 395 -8.66 1.14 -31.11
C GLN B 395 -9.35 0.18 -30.14
N HIS B 396 -8.66 -0.12 -29.03
CA HIS B 396 -9.19 -1.02 -28.02
C HIS B 396 -10.29 -0.40 -27.14
N SER B 397 -10.50 0.91 -27.23
CA SER B 397 -11.56 1.60 -26.50
C SER B 397 -12.89 1.71 -27.29
N ILE B 398 -12.87 1.45 -28.60
CA ILE B 398 -14.04 1.71 -29.47
C ILE B 398 -15.28 0.97 -29.00
N ASP B 399 -15.10 -0.31 -28.66
CA ASP B 399 -16.23 -1.14 -28.23
C ASP B 399 -16.91 -0.58 -26.98
N ALA B 400 -16.08 -0.15 -26.02
CA ALA B 400 -16.59 0.44 -24.78
C ALA B 400 -17.37 1.74 -25.09
N PHE B 401 -16.86 2.52 -26.05
CA PHE B 401 -17.50 3.78 -26.44
C PHE B 401 -18.87 3.54 -27.09
N ASP B 402 -18.92 2.60 -28.04
CA ASP B 402 -20.16 2.16 -28.69
C ASP B 402 -21.21 1.68 -27.71
N LYS B 403 -20.78 1.02 -26.65
CA LYS B 403 -21.70 0.49 -25.66
C LYS B 403 -21.92 1.41 -24.43
N GLY B 404 -21.44 2.65 -24.53
CA GLY B 404 -21.94 3.76 -23.69
C GLY B 404 -20.94 4.57 -22.90
N ILE B 405 -19.66 4.17 -22.84
CA ILE B 405 -18.65 5.04 -22.22
C ILE B 405 -18.34 6.20 -23.17
N VAL B 406 -18.95 7.36 -22.91
CA VAL B 406 -18.79 8.56 -23.76
C VAL B 406 -17.98 9.66 -23.09
N GLY B 407 -17.49 9.39 -21.88
CA GLY B 407 -16.59 10.28 -21.17
C GLY B 407 -15.49 9.48 -20.51
N TRP B 408 -14.26 9.99 -20.60
CA TRP B 408 -13.07 9.28 -20.20
C TRP B 408 -12.50 9.88 -18.94
N TRP B 409 -12.64 9.12 -17.85
CA TRP B 409 -12.12 9.51 -16.55
C TRP B 409 -10.72 8.90 -16.46
N ASN B 410 -9.73 9.65 -16.94
CA ASN B 410 -8.34 9.17 -17.02
C ASN B 410 -7.59 9.42 -15.72
N ASP B 411 -7.54 8.38 -14.89
CA ASP B 411 -6.93 8.44 -13.58
C ASP B 411 -5.47 8.00 -13.65
N GLU B 412 -4.66 8.47 -12.71
CA GLU B 412 -3.29 8.00 -12.49
C GLU B 412 -2.39 8.13 -13.72
N THR B 413 -2.53 9.26 -14.42
CA THR B 413 -1.60 9.63 -15.49
C THR B 413 -0.43 10.47 -14.92
N ASP B 414 -0.21 10.36 -13.62
CA ASP B 414 0.67 11.24 -12.86
C ASP B 414 1.81 10.50 -12.16
N LYS B 415 1.47 9.53 -11.30
CA LYS B 415 2.47 8.83 -10.52
C LYS B 415 1.87 7.57 -9.92
N VAL B 416 2.65 6.49 -9.98
CA VAL B 416 2.31 5.20 -9.38
C VAL B 416 2.96 5.18 -8.00
N ASP B 417 2.21 4.69 -7.00
CA ASP B 417 2.71 4.47 -5.64
C ASP B 417 2.13 3.12 -5.18
N SER B 418 2.87 2.06 -5.51
CA SER B 418 2.44 0.71 -5.21
C SER B 418 3.63 -0.13 -4.72
N GLY B 419 3.70 -0.35 -3.41
CA GLY B 419 4.80 -1.09 -2.79
C GLY B 419 6.15 -0.44 -3.09
N SER B 420 7.08 -1.24 -3.61
CA SER B 420 8.37 -0.71 -4.04
C SER B 420 8.24 0.18 -5.29
N ALA B 421 7.14 0.06 -6.03
CA ALA B 421 6.93 0.82 -7.29
C ALA B 421 6.54 2.30 -7.09
N GLN B 422 7.53 3.20 -7.28
CA GLN B 422 7.34 4.66 -7.30
C GLN B 422 7.75 5.24 -8.68
N TYR B 423 6.84 5.17 -9.64
CA TYR B 423 7.10 5.55 -11.03
C TYR B 423 6.35 6.83 -11.39
N TRP B 424 7.08 7.83 -11.87
CA TRP B 424 6.46 9.06 -12.35
C TRP B 424 6.15 8.96 -13.85
N PHE B 425 4.98 9.45 -14.23
CA PHE B 425 4.66 9.75 -15.60
C PHE B 425 5.23 11.14 -15.92
N GLY B 426 5.64 11.36 -17.16
CA GLY B 426 6.19 12.65 -17.59
C GLY B 426 5.14 13.75 -17.67
N ASN B 427 5.59 14.99 -17.81
CA ASN B 427 4.68 16.14 -17.81
C ASN B 427 3.65 16.16 -18.94
N PHE B 428 3.93 15.48 -20.06
CA PHE B 428 3.00 15.43 -21.18
C PHE B 428 2.09 14.21 -21.20
N SER B 429 2.13 13.43 -20.12
CA SER B 429 1.37 12.20 -20.03
C SER B 429 -0.13 12.46 -20.02
N THR B 430 -0.56 13.48 -19.31
CA THR B 430 -2.00 13.83 -19.29
C THR B 430 -2.46 14.30 -20.67
N GLY B 431 -1.69 15.22 -21.25
CA GLY B 431 -1.98 15.71 -22.60
C GLY B 431 -2.04 14.61 -23.64
N PHE B 432 -1.06 13.71 -23.61
CA PHE B 432 -0.99 12.63 -24.60
C PHE B 432 -2.04 11.54 -24.37
N THR B 433 -2.34 11.22 -23.13
CA THR B 433 -3.43 10.28 -22.86
C THR B 433 -4.76 10.87 -23.38
N SER B 434 -4.97 12.15 -23.08
CA SER B 434 -6.11 12.90 -23.56
C SER B 434 -6.14 12.93 -25.10
N GLN B 435 -5.00 13.16 -25.72
CA GLN B 435 -4.88 13.14 -27.18
C GLN B 435 -5.31 11.82 -27.81
N ALA B 436 -4.95 10.70 -27.18
CA ALA B 436 -5.31 9.39 -27.70
C ALA B 436 -6.82 9.28 -27.87
N MET B 437 -7.55 9.74 -26.86
CA MET B 437 -9.00 9.65 -26.87
C MET B 437 -9.60 10.71 -27.77
N TYR B 438 -9.03 11.92 -27.74
CA TYR B 438 -9.52 13.04 -28.53
C TYR B 438 -9.40 12.79 -30.03
N ASP B 439 -8.18 12.52 -30.49
CA ASP B 439 -7.90 12.16 -31.90
C ASP B 439 -8.72 10.95 -32.35
N GLY B 440 -8.73 9.91 -31.52
CA GLY B 440 -9.44 8.69 -31.84
C GLY B 440 -10.94 8.88 -32.00
N GLN B 441 -11.56 9.44 -30.96
CA GLN B 441 -13.00 9.67 -31.00
C GLN B 441 -13.44 10.60 -32.15
N ARG B 442 -12.67 11.65 -32.41
CA ARG B 442 -13.02 12.60 -33.47
C ARG B 442 -12.94 11.92 -34.84
N ASP B 443 -11.89 11.13 -35.03
CA ASP B 443 -11.76 10.33 -36.25
C ASP B 443 -12.90 9.33 -36.37
N TYR B 444 -13.14 8.55 -35.33
CA TYR B 444 -14.15 7.49 -35.35
C TYR B 444 -15.58 7.99 -35.59
N THR B 445 -15.94 9.12 -34.97
CA THR B 445 -17.30 9.64 -35.13
C THR B 445 -17.40 10.72 -36.21
N ASN B 446 -16.34 10.93 -36.99
CA ASN B 446 -16.27 11.99 -38.02
C ASN B 446 -16.65 13.35 -37.43
N ASP B 447 -16.05 13.68 -36.28
CA ASP B 447 -16.25 14.95 -35.59
C ASP B 447 -17.70 15.15 -35.08
N GLY B 448 -18.43 14.06 -34.92
CA GLY B 448 -19.86 14.09 -34.61
C GLY B 448 -20.20 13.96 -33.13
N VAL B 449 -19.24 13.53 -32.30
CA VAL B 449 -19.50 13.40 -30.85
C VAL B 449 -18.38 14.09 -30.12
N ARG B 450 -18.74 15.16 -29.42
CA ARG B 450 -17.78 15.91 -28.62
C ARG B 450 -17.13 15.03 -27.59
N VAL B 451 -15.85 15.29 -27.37
CA VAL B 451 -15.07 14.56 -26.39
C VAL B 451 -15.20 15.20 -25.00
N TRP B 452 -15.33 14.35 -23.97
CA TRP B 452 -15.24 14.77 -22.59
C TRP B 452 -14.27 13.88 -21.85
N GLN B 453 -13.36 14.50 -21.10
CA GLN B 453 -12.42 13.75 -20.26
C GLN B 453 -12.13 14.51 -18.98
N THR B 454 -11.62 13.79 -17.98
CA THR B 454 -11.02 14.40 -16.81
C THR B 454 -9.72 13.67 -16.46
N ALA B 455 -8.80 14.42 -15.88
CA ALA B 455 -7.54 13.90 -15.39
C ALA B 455 -7.20 14.58 -14.07
N ARG B 456 -6.27 14.00 -13.33
CA ARG B 456 -5.85 14.62 -12.07
C ARG B 456 -4.46 15.27 -12.08
N SER B 457 -4.05 15.73 -13.25
CA SER B 457 -2.91 16.63 -13.37
C SER B 457 -3.09 17.51 -14.61
N TYR B 458 -2.39 18.61 -14.65
CA TYR B 458 -2.43 19.52 -15.79
C TYR B 458 -1.04 20.11 -16.04
N TYR B 459 -0.68 20.20 -17.32
CA TYR B 459 0.52 20.90 -17.79
C TYR B 459 0.12 21.67 -19.07
N PRO B 460 0.76 22.81 -19.36
CA PRO B 460 0.30 23.59 -20.52
C PRO B 460 0.21 22.79 -21.82
N GLY B 461 -0.86 23.02 -22.57
CA GLY B 461 -1.12 22.30 -23.81
C GLY B 461 -2.08 21.14 -23.72
N ALA B 462 -2.26 20.57 -22.52
CA ALA B 462 -3.19 19.45 -22.35
C ALA B 462 -4.64 19.81 -22.69
N GLN B 463 -4.97 21.09 -22.54
CA GLN B 463 -6.32 21.58 -22.83
C GLN B 463 -6.76 21.46 -24.29
N ARG B 464 -5.81 21.32 -25.21
CA ARG B 464 -6.12 21.09 -26.63
C ARG B 464 -6.89 19.79 -26.90
N TYR B 465 -6.86 18.85 -25.95
CA TYR B 465 -7.40 17.52 -26.17
C TYR B 465 -8.64 17.22 -25.36
N ALA B 466 -9.33 18.28 -24.93
CA ALA B 466 -10.64 18.20 -24.29
C ALA B 466 -10.58 17.44 -22.98
N THR B 467 -9.82 17.98 -22.03
CA THR B 467 -9.80 17.41 -20.68
C THR B 467 -9.98 18.48 -19.60
N THR B 468 -10.71 18.07 -18.56
CA THR B 468 -10.88 18.85 -17.36
C THR B 468 -9.84 18.34 -16.36
N LEU B 469 -9.83 18.96 -15.19
CA LEU B 469 -8.92 18.63 -14.11
C LEU B 469 -9.77 18.43 -12.86
N TRP B 470 -9.56 17.33 -12.13
CA TRP B 470 -10.13 17.19 -10.79
C TRP B 470 -9.04 17.14 -9.72
N SER B 471 -9.38 17.52 -8.48
CA SER B 471 -8.37 17.80 -7.45
C SER B 471 -7.83 16.59 -6.66
N GLY B 472 -8.14 15.39 -7.14
CA GLY B 472 -7.59 14.16 -6.56
C GLY B 472 -8.32 13.68 -5.30
N ASP B 473 -7.63 12.84 -4.53
CA ASP B 473 -8.21 12.10 -3.41
C ASP B 473 -8.26 12.95 -2.12
N ILE B 474 -9.05 14.00 -2.16
CA ILE B 474 -9.13 14.98 -1.08
C ILE B 474 -9.88 14.39 0.14
N GLY B 475 -9.70 15.02 1.27
CA GLY B 475 -10.22 14.52 2.53
C GLY B 475 -11.67 14.89 2.77
N THR B 476 -12.43 13.94 3.34
CA THR B 476 -13.78 14.21 3.81
C THR B 476 -13.69 14.94 5.16
N GLN B 477 -13.52 16.25 5.10
CA GLN B 477 -13.40 17.10 6.27
C GLN B 477 -13.54 18.55 5.84
N PHE B 478 -13.82 19.43 6.80
CA PHE B 478 -13.97 20.85 6.51
C PHE B 478 -12.66 21.52 6.09
N TYR B 479 -11.55 21.10 6.70
CA TYR B 479 -10.24 21.66 6.40
C TYR B 479 -9.16 20.69 6.80
N LYS B 480 -7.97 20.95 6.29
CA LYS B 480 -6.82 20.09 6.54
C LYS B 480 -6.50 20.08 8.04
N GLY B 481 -6.49 18.90 8.63
CA GLY B 481 -6.24 18.75 10.06
C GLY B 481 -7.47 18.82 10.94
N GLU B 482 -8.65 19.05 10.39
CA GLU B 482 -9.88 18.96 11.18
C GLU B 482 -10.05 17.53 11.75
N LEU B 483 -10.06 16.53 10.87
CA LEU B 483 -10.09 15.14 11.30
C LEU B 483 -8.73 14.46 11.11
N PHE B 484 -7.99 14.82 10.07
CA PHE B 484 -6.65 14.27 9.85
C PHE B 484 -5.82 15.24 9.04
N ASN B 485 -4.49 15.13 9.16
CA ASN B 485 -3.55 16.13 8.61
C ASN B 485 -3.03 15.83 7.21
N TRP B 486 -3.26 14.62 6.71
CA TRP B 486 -2.55 14.13 5.53
C TRP B 486 -3.27 14.41 4.17
N ALA B 487 -4.45 15.04 4.21
CA ALA B 487 -5.07 15.55 2.99
C ALA B 487 -5.88 16.78 3.30
N PRO B 488 -5.98 17.73 2.35
CA PRO B 488 -6.82 18.90 2.52
C PRO B 488 -8.30 18.51 2.46
N GLY B 489 -9.13 19.39 2.98
CA GLY B 489 -10.59 19.22 2.98
C GLY B 489 -11.27 20.22 2.06
N MET B 490 -12.50 20.57 2.42
CA MET B 490 -13.34 21.42 1.58
C MET B 490 -12.80 22.85 1.48
N GLN B 491 -12.39 23.43 2.60
CA GLN B 491 -12.05 24.85 2.67
C GLN B 491 -10.82 25.19 1.84
N GLU B 492 -9.96 24.22 1.58
CA GLU B 492 -8.76 24.46 0.75
C GLU B 492 -9.08 24.47 -0.73
N GLN B 493 -10.19 23.86 -1.12
CA GLN B 493 -10.48 23.63 -2.53
C GLN B 493 -10.60 24.87 -3.44
N PRO B 494 -11.22 25.98 -2.96
CA PRO B 494 -11.22 27.18 -3.79
C PRO B 494 -9.81 27.67 -4.21
N ARG B 495 -8.83 27.48 -3.35
CA ARG B 495 -7.45 27.92 -3.62
C ARG B 495 -6.82 27.06 -4.71
N ILE B 496 -7.20 25.78 -4.72
CA ILE B 496 -6.74 24.84 -5.73
C ILE B 496 -7.41 25.18 -7.08
N MET B 497 -8.72 25.40 -7.06
CA MET B 497 -9.49 25.74 -8.27
C MET B 497 -8.94 27.01 -8.93
N LEU B 498 -8.76 28.02 -8.10
CA LEU B 498 -8.29 29.31 -8.57
C LEU B 498 -6.80 29.30 -8.99
N SER B 499 -5.97 28.50 -8.33
CA SER B 499 -4.59 28.26 -8.80
C SER B 499 -4.57 27.59 -10.20
N SER B 500 -5.51 26.67 -10.44
CA SER B 500 -5.65 26.03 -11.75
C SER B 500 -6.08 27.04 -12.81
N ALA B 501 -7.02 27.91 -12.47
CA ALA B 501 -7.45 28.98 -13.37
C ALA B 501 -6.27 29.90 -13.76
N ASN B 502 -5.40 30.20 -12.80
CA ASN B 502 -4.20 31.02 -13.04
C ASN B 502 -3.14 30.36 -13.95
N LEU B 503 -3.25 29.04 -14.14
CA LEU B 503 -2.42 28.28 -15.07
C LEU B 503 -3.14 27.97 -16.40
N GLY B 504 -4.32 28.55 -16.62
CA GLY B 504 -5.06 28.35 -17.87
C GLY B 504 -5.88 27.07 -18.00
N GLN B 505 -6.16 26.42 -16.86
CA GLN B 505 -7.05 25.27 -16.80
C GLN B 505 -8.21 25.62 -15.86
N PRO B 506 -9.20 26.38 -16.36
CA PRO B 506 -10.35 26.71 -15.54
C PRO B 506 -11.46 25.66 -15.57
N LYS B 507 -11.29 24.55 -16.30
CA LYS B 507 -12.28 23.48 -16.32
C LYS B 507 -11.91 22.48 -15.23
N TRP B 508 -12.31 22.85 -14.01
CA TRP B 508 -11.82 22.25 -12.81
C TRP B 508 -13.00 21.70 -12.01
N GLY B 509 -12.76 20.59 -11.32
CA GLY B 509 -13.72 20.00 -10.39
C GLY B 509 -13.06 19.31 -9.20
N MET B 510 -13.90 18.86 -8.28
CA MET B 510 -13.46 18.23 -7.02
C MET B 510 -14.41 17.13 -6.66
N ASP B 511 -13.96 16.21 -5.80
CA ASP B 511 -14.81 15.16 -5.26
C ASP B 511 -15.68 15.80 -4.17
N THR B 512 -16.84 16.28 -4.55
CA THR B 512 -17.75 16.91 -3.58
C THR B 512 -18.22 15.82 -2.59
N GLY B 513 -18.04 16.08 -1.30
CA GLY B 513 -18.22 15.08 -0.24
C GLY B 513 -16.91 14.51 0.27
N GLY B 514 -15.84 14.64 -0.52
CA GLY B 514 -14.55 14.11 -0.16
C GLY B 514 -14.38 12.63 -0.51
N PHE B 515 -13.12 12.23 -0.67
CA PHE B 515 -12.77 10.87 -1.03
C PHE B 515 -12.25 10.09 0.16
N ASN B 516 -11.28 10.68 0.87
CA ASN B 516 -10.54 9.97 1.90
C ASN B 516 -11.06 10.26 3.30
N SER B 517 -11.14 9.21 4.10
CA SER B 517 -11.43 9.28 5.52
C SER B 517 -10.49 8.37 6.30
N LEU B 518 -10.43 8.61 7.61
CA LEU B 518 -9.72 7.69 8.53
C LEU B 518 -10.33 6.32 8.42
N GLY B 519 -9.47 5.31 8.25
CA GLY B 519 -9.90 3.93 8.10
C GLY B 519 -10.09 3.52 6.66
N GLY B 520 -9.91 4.46 5.73
CA GLY B 520 -10.13 4.18 4.32
C GLY B 520 -11.59 4.23 3.93
N ALA B 521 -11.94 3.42 2.94
CA ALA B 521 -13.30 3.37 2.43
C ALA B 521 -14.35 3.07 3.51
N SER B 522 -13.97 2.26 4.50
CA SER B 522 -14.85 1.90 5.61
C SER B 522 -15.07 3.06 6.59
N GLY B 523 -14.23 4.09 6.49
CA GLY B 523 -14.39 5.31 7.25
C GLY B 523 -15.60 6.17 6.90
N PRO B 524 -15.83 7.22 7.70
CA PRO B 524 -17.10 7.95 7.65
C PRO B 524 -17.30 8.76 6.39
N ASN B 525 -18.56 8.85 5.98
CA ASN B 525 -19.01 9.79 4.97
C ASN B 525 -18.98 11.22 5.52
N PRO B 526 -19.16 12.22 4.64
CA PRO B 526 -19.28 13.56 5.19
C PRO B 526 -20.52 13.67 6.11
N SER B 527 -20.42 14.52 7.12
CA SER B 527 -21.61 14.90 7.90
C SER B 527 -22.62 15.57 6.96
N PRO B 528 -23.91 15.52 7.32
CA PRO B 528 -24.90 16.25 6.53
C PRO B 528 -24.54 17.72 6.30
N GLU B 529 -23.99 18.39 7.31
CA GLU B 529 -23.57 19.78 7.14
C GLU B 529 -22.46 19.91 6.11
N LEU B 530 -21.42 19.08 6.25
CA LEU B 530 -20.29 19.12 5.33
C LEU B 530 -20.78 18.86 3.92
N TYR B 531 -21.60 17.83 3.76
CA TYR B 531 -22.16 17.47 2.47
C TYR B 531 -22.96 18.60 1.83
N THR B 532 -23.85 19.21 2.61
CA THR B 532 -24.73 20.27 2.10
C THR B 532 -23.95 21.48 1.64
N ARG B 533 -23.05 21.96 2.50
CA ARG B 533 -22.18 23.07 2.13
C ARG B 533 -21.28 22.77 0.92
N TRP B 534 -20.83 21.53 0.81
CA TRP B 534 -19.96 21.12 -0.28
C TRP B 534 -20.74 21.12 -1.59
N MET B 535 -21.99 20.66 -1.55
CA MET B 535 -22.86 20.70 -2.73
C MET B 535 -23.16 22.12 -3.22
N GLN B 536 -23.41 23.04 -2.27
CA GLN B 536 -23.67 24.43 -2.61
C GLN B 536 -22.44 25.08 -3.27
N PHE B 537 -21.27 24.75 -2.71
CA PHE B 537 -19.98 25.14 -3.23
C PHE B 537 -19.81 24.56 -4.64
N GLY B 538 -19.91 23.24 -4.75
CA GLY B 538 -19.76 22.53 -6.02
C GLY B 538 -20.62 23.06 -7.16
N ALA B 539 -21.85 23.48 -6.84
CA ALA B 539 -22.78 23.99 -7.83
C ALA B 539 -22.28 25.28 -8.53
N PHE B 540 -21.37 26.00 -7.89
CA PHE B 540 -20.76 27.18 -8.49
C PHE B 540 -19.29 26.98 -8.90
N THR B 541 -18.95 25.73 -9.24
CA THR B 541 -17.66 25.35 -9.79
C THR B 541 -17.90 24.74 -11.18
N PRO B 542 -16.85 24.64 -12.01
CA PRO B 542 -17.12 24.23 -13.42
C PRO B 542 -17.56 22.79 -13.67
N VAL B 543 -16.90 21.82 -13.02
CA VAL B 543 -17.20 20.41 -13.18
C VAL B 543 -17.82 19.93 -11.88
N PHE B 544 -19.15 19.89 -11.88
CA PHE B 544 -19.94 19.67 -10.69
C PHE B 544 -20.20 18.18 -10.55
N ARG B 545 -19.49 17.57 -9.60
CA ARG B 545 -19.49 16.12 -9.44
C ARG B 545 -19.31 15.71 -7.98
N VAL B 546 -20.11 14.73 -7.55
CA VAL B 546 -19.84 14.04 -6.30
C VAL B 546 -18.99 12.81 -6.62
N HIS B 547 -18.15 12.43 -5.67
CA HIS B 547 -17.42 11.16 -5.68
C HIS B 547 -17.14 10.79 -4.24
N GLY B 548 -16.85 9.53 -4.03
CA GLY B 548 -16.39 9.03 -2.74
C GLY B 548 -15.61 7.74 -2.93
N ASN B 549 -15.13 7.21 -1.81
CA ASN B 549 -14.32 5.99 -1.78
C ASN B 549 -15.17 4.76 -2.05
N TYR B 550 -14.50 3.61 -2.12
CA TYR B 550 -15.15 2.35 -2.46
C TYR B 550 -16.39 2.08 -1.61
N ASN B 551 -17.51 1.84 -2.28
CA ASN B 551 -18.82 1.57 -1.66
C ASN B 551 -19.40 2.70 -0.79
N GLN B 552 -18.87 3.92 -0.92
CA GLN B 552 -19.44 5.11 -0.26
C GLN B 552 -20.48 5.67 -1.20
N GLN B 553 -21.54 6.25 -0.64
CA GLN B 553 -22.65 6.78 -1.42
C GLN B 553 -22.72 8.28 -1.26
N ARG B 554 -23.07 8.95 -2.34
CA ARG B 554 -23.10 10.43 -2.35
C ARG B 554 -24.43 10.99 -2.83
N GLN B 555 -25.50 10.17 -2.82
CA GLN B 555 -26.79 10.70 -3.25
C GLN B 555 -27.33 11.59 -2.13
N PRO B 556 -27.86 12.78 -2.47
CA PRO B 556 -28.20 13.78 -1.44
C PRO B 556 -29.27 13.36 -0.44
N TRP B 557 -30.21 12.52 -0.85
CA TRP B 557 -31.29 12.06 0.06
C TRP B 557 -30.82 11.21 1.24
N LEU B 558 -29.62 10.63 1.15
CA LEU B 558 -29.07 9.82 2.25
C LEU B 558 -28.65 10.68 3.45
N TYR B 559 -28.44 11.97 3.23
CA TYR B 559 -27.90 12.87 4.24
C TYR B 559 -28.99 13.66 5.00
N GLY B 560 -30.26 13.27 4.83
CA GLY B 560 -31.37 13.90 5.53
C GLY B 560 -32.02 15.00 4.71
N ALA B 561 -33.15 15.51 5.22
CA ALA B 561 -33.99 16.37 4.39
C ALA B 561 -33.36 17.73 4.09
N THR B 562 -32.56 18.29 4.99
CA THR B 562 -31.92 19.56 4.69
C THR B 562 -30.92 19.37 3.54
N ALA B 563 -30.07 18.35 3.66
CA ALA B 563 -29.11 18.06 2.62
C ALA B 563 -29.81 17.79 1.29
N GLU B 564 -30.89 17.02 1.33
CA GLU B 564 -31.69 16.75 0.14
C GLU B 564 -32.27 18.02 -0.50
N GLU B 565 -32.95 18.83 0.32
CA GLU B 565 -33.66 20.00 -0.19
C GLU B 565 -32.72 21.14 -0.56
N ALA B 566 -31.70 21.37 0.25
CA ALA B 566 -30.72 22.42 -0.07
C ALA B 566 -29.90 22.06 -1.32
N SER B 567 -29.51 20.79 -1.45
CA SER B 567 -28.80 20.32 -2.65
C SER B 567 -29.67 20.50 -3.87
N LYS B 568 -30.91 20.04 -3.77
CA LYS B 568 -31.88 20.18 -4.87
C LYS B 568 -32.02 21.64 -5.30
N ALA B 569 -32.19 22.52 -4.32
CA ALA B 569 -32.41 23.93 -4.56
C ALA B 569 -31.26 24.59 -5.34
N VAL B 570 -30.04 24.37 -4.89
CA VAL B 570 -28.88 24.98 -5.56
C VAL B 570 -28.65 24.35 -6.94
N MET B 571 -28.99 23.08 -7.08
CA MET B 571 -28.94 22.41 -8.38
C MET B 571 -29.93 23.03 -9.34
N HIS B 572 -31.12 23.39 -8.84
CA HIS B 572 -32.06 24.15 -9.65
C HIS B 572 -31.51 25.51 -10.07
N THR B 573 -30.81 26.20 -9.17
CA THR B 573 -30.16 27.46 -9.56
C THR B 573 -29.16 27.22 -10.71
N ARG B 574 -28.30 26.23 -10.56
CA ARG B 574 -27.28 25.93 -11.60
C ARG B 574 -27.93 25.63 -12.95
N TYR B 575 -28.90 24.72 -12.97
CA TYR B 575 -29.56 24.33 -14.21
C TYR B 575 -30.37 25.47 -14.84
N SER B 576 -30.94 26.36 -14.03
CA SER B 576 -31.59 27.57 -14.57
C SER B 576 -30.59 28.47 -15.32
N LEU B 577 -29.34 28.45 -14.89
CA LEU B 577 -28.27 29.22 -15.50
C LEU B 577 -27.55 28.53 -16.68
N LEU B 578 -28.07 27.42 -17.18
CA LEU B 578 -27.46 26.76 -18.34
C LEU B 578 -27.08 27.69 -19.51
N PRO B 579 -27.99 28.58 -19.95
CA PRO B 579 -27.60 29.43 -21.09
C PRO B 579 -26.52 30.47 -20.74
N TYR B 580 -26.49 30.93 -19.49
CA TYR B 580 -25.43 31.80 -19.00
C TYR B 580 -24.09 31.04 -18.99
N MET B 581 -24.07 29.86 -18.38
CA MET B 581 -22.85 29.03 -18.27
C MET B 581 -22.32 28.64 -19.64
N TYR B 582 -23.23 28.29 -20.55
CA TYR B 582 -22.84 27.74 -21.83
C TYR B 582 -22.08 28.75 -22.69
N ALA B 583 -22.41 30.03 -22.58
CA ALA B 583 -21.63 31.07 -23.23
C ALA B 583 -20.17 31.07 -22.81
N TYR B 584 -19.89 30.70 -21.56
CA TYR B 584 -18.49 30.64 -21.09
C TYR B 584 -17.75 29.38 -21.55
N GLU B 585 -18.50 28.31 -21.79
CA GLU B 585 -17.96 27.13 -22.45
C GLU B 585 -17.48 27.50 -23.86
N ARG B 586 -18.34 28.22 -24.60
CA ARG B 586 -17.95 28.79 -25.89
C ARG B 586 -16.72 29.70 -25.76
N GLU B 587 -16.71 30.57 -24.76
CA GLU B 587 -15.58 31.47 -24.56
C GLU B 587 -14.25 30.70 -24.44
N ALA B 588 -14.25 29.58 -23.71
CA ALA B 588 -13.00 28.82 -23.53
C ALA B 588 -12.44 28.25 -24.86
N SER B 589 -13.30 28.02 -25.84
CA SER B 589 -12.84 27.67 -27.22
C SER B 589 -12.26 28.84 -28.03
N GLU B 590 -12.41 30.06 -27.53
CA GLU B 590 -11.92 31.26 -28.23
C GLU B 590 -10.73 31.88 -27.54
N THR B 591 -10.77 31.98 -26.22
CA THR B 591 -9.71 32.60 -25.44
C THR B 591 -9.14 31.72 -24.31
N GLY B 592 -9.71 30.54 -24.10
CA GLY B 592 -9.32 29.71 -22.95
C GLY B 592 -9.89 30.13 -21.61
N LEU B 593 -10.53 31.31 -21.53
CA LEU B 593 -11.16 31.77 -20.29
C LEU B 593 -12.46 31.01 -20.08
N GLY B 594 -12.74 30.61 -18.85
CA GLY B 594 -13.82 29.69 -18.57
C GLY B 594 -14.90 30.25 -17.68
N LEU B 595 -15.54 29.37 -16.92
CA LEU B 595 -16.73 29.72 -16.14
C LEU B 595 -16.40 30.37 -14.80
N ILE B 596 -15.18 30.16 -14.32
CA ILE B 596 -14.75 30.81 -13.08
C ILE B 596 -13.49 31.60 -13.29
N LYS B 597 -13.29 32.58 -12.41
CA LYS B 597 -12.08 33.35 -12.36
C LYS B 597 -11.94 33.97 -10.98
N PRO B 598 -10.69 34.16 -10.51
CA PRO B 598 -10.53 34.90 -9.28
C PRO B 598 -10.86 36.38 -9.47
N LEU B 599 -11.14 37.08 -8.37
CA LEU B 599 -11.47 38.50 -8.42
C LEU B 599 -10.32 39.36 -9.02
N LEU B 600 -9.07 38.91 -8.84
CA LEU B 600 -7.90 39.63 -9.34
C LEU B 600 -7.83 39.73 -10.88
N PHE B 601 -8.53 38.83 -11.60
CA PHE B 601 -8.69 38.98 -13.06
C PHE B 601 -9.40 40.29 -13.41
N ASP B 602 -10.43 40.64 -12.64
CA ASP B 602 -11.21 41.84 -12.86
C ASP B 602 -10.61 43.04 -12.15
N TYR B 603 -9.89 42.82 -11.05
CA TYR B 603 -9.37 43.90 -10.21
C TYR B 603 -7.88 43.70 -9.98
N PRO B 604 -7.08 43.87 -11.06
CA PRO B 604 -5.65 43.54 -10.98
C PRO B 604 -4.84 44.41 -10.00
N ASN B 605 -5.33 45.61 -9.70
CA ASN B 605 -4.63 46.54 -8.78
C ASN B 605 -5.19 46.62 -7.37
N ASP B 606 -6.19 45.79 -7.06
CA ASP B 606 -6.81 45.82 -5.74
C ASP B 606 -6.03 44.90 -4.78
N PRO B 607 -5.32 45.46 -3.77
CA PRO B 607 -4.61 44.61 -2.80
C PRO B 607 -5.51 43.61 -2.05
N GLN B 608 -6.78 43.96 -1.84
CA GLN B 608 -7.76 43.06 -1.21
C GLN B 608 -8.14 41.86 -2.08
N ALA B 609 -7.98 42.01 -3.40
CA ALA B 609 -8.20 40.89 -4.36
C ALA B 609 -6.97 40.04 -4.68
N ALA B 610 -5.79 40.54 -4.33
CA ALA B 610 -4.53 40.00 -4.80
C ALA B 610 -4.32 38.51 -4.43
N ASP B 611 -4.75 38.10 -3.24
CA ASP B 611 -4.68 36.72 -2.79
C ASP B 611 -6.04 36.15 -2.33
N TYR B 612 -7.12 36.72 -2.85
CA TYR B 612 -8.46 36.41 -2.35
C TYR B 612 -9.07 35.20 -3.04
N THR B 613 -9.46 34.23 -2.22
CA THR B 613 -10.03 32.97 -2.69
C THR B 613 -11.36 32.58 -1.99
N GLU B 614 -11.83 33.34 -1.00
CA GLU B 614 -13.10 32.98 -0.31
C GLU B 614 -14.37 33.33 -1.13
N ALA B 615 -14.20 34.15 -2.16
CA ALA B 615 -15.22 34.40 -3.16
C ALA B 615 -14.57 34.38 -4.53
N TRP B 616 -15.38 34.09 -5.56
CA TRP B 616 -14.89 34.15 -6.93
C TRP B 616 -16.01 34.51 -7.87
N MET B 617 -15.67 34.77 -9.13
CA MET B 617 -16.67 35.11 -10.16
C MET B 617 -17.14 33.82 -10.83
N PHE B 618 -18.44 33.72 -11.05
CA PHE B 618 -19.07 32.62 -11.74
C PHE B 618 -19.62 33.30 -12.99
N GLY B 619 -18.93 33.11 -14.10
CA GLY B 619 -19.09 33.99 -15.28
C GLY B 619 -18.71 35.42 -14.93
N ASP B 620 -19.14 36.39 -15.75
CA ASP B 620 -18.69 37.78 -15.56
C ASP B 620 -19.53 38.53 -14.54
N TRP B 621 -20.74 38.05 -14.25
CA TRP B 621 -21.74 38.89 -13.60
C TRP B 621 -22.22 38.43 -12.22
N LEU B 622 -21.69 37.32 -11.72
CA LEU B 622 -22.06 36.80 -10.40
C LEU B 622 -20.81 36.57 -9.54
N LEU B 623 -20.83 37.11 -8.33
CA LEU B 623 -19.79 36.85 -7.34
C LEU B 623 -20.40 35.92 -6.30
N VAL B 624 -19.74 34.79 -6.06
CA VAL B 624 -20.25 33.77 -5.11
C VAL B 624 -19.25 33.54 -4.00
N SER B 625 -19.76 33.33 -2.79
CA SER B 625 -18.94 33.10 -1.64
C SER B 625 -19.65 32.06 -0.76
N PRO B 626 -19.52 30.78 -1.13
CA PRO B 626 -20.20 29.71 -0.39
C PRO B 626 -19.82 29.68 1.09
N VAL B 627 -20.78 29.30 1.92
CA VAL B 627 -20.53 29.08 3.34
C VAL B 627 -19.78 27.75 3.50
N LEU B 628 -18.52 27.83 3.92
CA LEU B 628 -17.66 26.66 4.08
C LEU B 628 -17.28 26.34 5.53
N GLY B 629 -17.67 27.17 6.48
CA GLY B 629 -17.36 26.93 7.89
C GLY B 629 -18.42 26.10 8.58
N GLU B 630 -18.00 25.21 9.46
CA GLU B 630 -18.91 24.47 10.32
C GLU B 630 -19.57 25.42 11.30
N ALA B 631 -20.89 25.32 11.43
CA ALA B 631 -21.65 26.09 12.42
C ALA B 631 -21.51 27.59 12.20
N GLN B 632 -21.37 27.99 10.95
CA GLN B 632 -21.13 29.38 10.64
C GLN B 632 -22.44 30.17 10.67
N HIS B 633 -22.47 31.23 11.48
CA HIS B 633 -23.66 32.09 11.63
C HIS B 633 -23.58 33.36 10.82
N SER B 634 -22.39 33.68 10.33
CA SER B 634 -22.20 34.85 9.50
C SER B 634 -20.86 34.74 8.81
N LYS B 635 -20.70 35.53 7.77
CA LYS B 635 -19.54 35.49 6.89
C LYS B 635 -19.06 36.89 6.63
N GLN B 636 -17.73 37.04 6.49
CA GLN B 636 -17.13 38.26 6.00
C GLN B 636 -16.85 38.06 4.53
N ILE B 637 -17.32 38.98 3.68
CA ILE B 637 -17.21 38.83 2.24
C ILE B 637 -16.64 40.12 1.66
N TYR B 638 -15.51 40.02 0.96
CA TYR B 638 -14.98 41.17 0.23
C TYR B 638 -15.71 41.37 -1.09
N LEU B 639 -16.32 42.53 -1.24
CA LEU B 639 -16.92 42.95 -2.49
C LEU B 639 -16.00 44.02 -3.07
N PRO B 640 -15.47 43.78 -4.28
CA PRO B 640 -14.61 44.80 -4.90
C PRO B 640 -15.43 45.96 -5.44
N ALA B 641 -14.76 46.98 -5.98
CA ALA B 641 -15.44 48.24 -6.28
C ALA B 641 -16.58 48.05 -7.28
N GLY B 642 -17.67 48.78 -7.06
CA GLY B 642 -18.90 48.70 -7.85
C GLY B 642 -20.11 48.58 -6.97
N THR B 643 -21.26 48.33 -7.58
CA THR B 643 -22.51 48.12 -6.83
C THR B 643 -22.87 46.66 -7.01
N TRP B 644 -23.26 46.01 -5.90
CA TRP B 644 -23.58 44.58 -5.88
C TRP B 644 -24.98 44.39 -5.31
N ILE B 645 -25.76 43.50 -5.92
CA ILE B 645 -27.12 43.19 -5.50
C ILE B 645 -27.18 41.76 -5.01
N ASP B 646 -27.69 41.57 -3.79
CA ASP B 646 -27.82 40.25 -3.23
C ASP B 646 -28.83 39.49 -4.07
N TYR B 647 -28.37 38.43 -4.72
CA TYR B 647 -29.17 37.61 -5.65
C TYR B 647 -30.43 37.03 -5.03
N HIS B 648 -30.34 36.60 -3.77
CA HIS B 648 -31.48 35.95 -3.08
C HIS B 648 -32.28 36.89 -2.15
N ARG B 649 -31.65 37.94 -1.62
CA ARG B 649 -32.30 38.83 -0.64
C ARG B 649 -32.67 40.20 -1.18
N GLY B 650 -32.03 40.64 -2.24
CA GLY B 650 -32.47 41.84 -2.93
C GLY B 650 -31.77 43.13 -2.58
N GLN B 651 -31.09 43.22 -1.44
CA GLN B 651 -30.50 44.50 -1.02
C GLN B 651 -29.23 44.79 -1.82
N THR B 652 -28.89 46.06 -1.91
CA THR B 652 -27.67 46.49 -2.59
C THR B 652 -26.59 46.80 -1.59
N TYR B 653 -25.35 46.70 -2.07
CA TYR B 653 -24.15 46.96 -1.28
C TYR B 653 -23.21 47.73 -2.16
N SER B 654 -22.53 48.73 -1.59
CA SER B 654 -21.45 49.40 -2.29
C SER B 654 -20.20 48.54 -2.12
N GLY B 655 -19.41 48.44 -3.18
CA GLY B 655 -18.19 47.65 -3.15
C GLY B 655 -17.02 48.38 -2.53
N GLY B 656 -15.86 47.76 -2.64
CA GLY B 656 -14.66 48.26 -2.01
C GLY B 656 -14.63 48.03 -0.52
N GLN B 657 -15.37 47.06 -0.01
CA GLN B 657 -15.42 46.82 1.44
C GLN B 657 -15.70 45.37 1.74
N THR B 658 -15.34 44.95 2.94
CA THR B 658 -15.67 43.62 3.42
C THR B 658 -16.97 43.76 4.18
N ILE B 659 -18.01 43.04 3.75
CA ILE B 659 -19.33 43.10 4.39
C ILE B 659 -19.53 42.00 5.44
N HIS B 660 -20.34 42.29 6.44
CA HIS B 660 -20.85 41.27 7.37
C HIS B 660 -22.14 40.71 6.77
N TYR B 661 -22.22 39.38 6.62
CA TYR B 661 -23.32 38.75 5.91
C TYR B 661 -23.96 37.68 6.82
N PRO B 662 -25.15 37.95 7.36
CA PRO B 662 -25.73 36.94 8.27
C PRO B 662 -26.19 35.70 7.50
N VAL B 663 -26.01 34.53 8.10
CA VAL B 663 -26.51 33.29 7.52
C VAL B 663 -27.23 32.46 8.56
N ASN B 664 -28.23 31.72 8.09
CA ASN B 664 -29.03 30.89 8.99
C ASN B 664 -28.38 29.51 9.13
N ALA B 665 -27.67 29.31 10.24
CA ALA B 665 -27.05 28.02 10.53
C ALA B 665 -28.06 26.91 10.83
N ASP B 666 -29.30 27.27 11.15
CA ASP B 666 -30.33 26.27 11.36
C ASP B 666 -30.83 25.65 10.05
N THR B 667 -31.00 26.46 9.01
CA THR B 667 -31.63 25.96 7.79
C THR B 667 -30.67 25.46 6.71
N TRP B 668 -29.43 26.00 6.71
CA TRP B 668 -28.45 25.79 5.63
C TRP B 668 -28.94 26.16 4.23
N THR B 669 -29.86 27.11 4.14
CA THR B 669 -30.47 27.48 2.86
C THR B 669 -29.70 28.57 2.11
N ASP B 670 -28.74 29.22 2.76
CA ASP B 670 -28.01 30.35 2.16
C ASP B 670 -26.80 29.93 1.32
N VAL B 671 -26.75 30.45 0.10
CA VAL B 671 -25.56 30.45 -0.74
C VAL B 671 -25.29 31.91 -1.10
N PRO B 672 -24.34 32.56 -0.41
CA PRO B 672 -24.14 33.99 -0.63
C PRO B 672 -23.71 34.25 -2.07
N LEU B 673 -24.56 35.00 -2.79
CA LEU B 673 -24.43 35.18 -4.23
C LEU B 673 -24.84 36.61 -4.56
N PHE B 674 -23.98 37.29 -5.31
CA PHE B 674 -24.15 38.72 -5.60
C PHE B 674 -24.07 39.03 -7.07
N VAL B 675 -25.01 39.86 -7.53
CA VAL B 675 -25.11 40.31 -8.90
C VAL B 675 -24.29 41.59 -9.07
N LYS B 676 -23.36 41.57 -10.02
CA LYS B 676 -22.51 42.71 -10.33
C LYS B 676 -23.36 43.69 -11.14
N GLN B 677 -23.46 44.94 -10.72
CA GLN B 677 -24.32 45.87 -11.48
C GLN B 677 -23.79 45.98 -12.91
N GLY B 678 -24.71 46.02 -13.87
CA GLY B 678 -24.38 45.83 -15.29
C GLY B 678 -24.75 44.44 -15.81
N ALA B 679 -25.11 43.53 -14.91
CA ALA B 679 -25.32 42.13 -15.25
C ALA B 679 -26.42 41.95 -16.29
N ILE B 680 -26.16 41.02 -17.20
CA ILE B 680 -27.13 40.55 -18.19
C ILE B 680 -27.00 39.03 -18.11
N ILE B 681 -28.02 38.38 -17.54
CA ILE B 681 -27.93 36.96 -17.19
C ILE B 681 -29.04 36.16 -17.85
N PRO B 682 -28.74 35.51 -18.97
CA PRO B 682 -29.72 34.58 -19.54
C PRO B 682 -29.98 33.40 -18.61
N ASN B 683 -31.24 33.01 -18.49
CA ASN B 683 -31.61 31.87 -17.70
C ASN B 683 -32.88 31.21 -18.22
N GLN B 684 -33.17 30.01 -17.75
CA GLN B 684 -34.30 29.25 -18.26
C GLN B 684 -34.95 28.39 -17.20
N GLN B 685 -36.10 27.83 -17.58
CA GLN B 685 -36.77 26.81 -16.77
C GLN B 685 -35.81 25.68 -16.39
N VAL B 686 -36.00 25.08 -15.22
CA VAL B 686 -35.16 23.98 -14.77
C VAL B 686 -35.55 22.67 -15.49
N LEU B 687 -34.56 22.05 -16.10
CA LEU B 687 -34.70 20.72 -16.72
C LEU B 687 -34.01 19.70 -15.84
N ASP B 688 -34.46 18.44 -15.91
CA ASP B 688 -33.80 17.34 -15.21
C ASP B 688 -32.43 17.01 -15.80
N TYR B 689 -32.26 17.32 -17.09
CA TYR B 689 -31.00 17.10 -17.79
C TYR B 689 -30.99 17.98 -19.03
N VAL B 690 -29.80 18.25 -19.58
CA VAL B 690 -29.62 19.43 -20.44
C VAL B 690 -30.42 19.47 -21.76
N ASP B 691 -30.75 18.31 -22.31
CA ASP B 691 -31.50 18.29 -23.58
C ASP B 691 -32.85 17.61 -23.39
N GLN B 692 -33.43 17.76 -22.21
CA GLN B 692 -34.69 17.10 -21.88
C GLN B 692 -35.81 17.58 -22.78
N GLN B 693 -35.81 18.87 -23.11
CA GLN B 693 -36.74 19.43 -24.09
C GLN B 693 -36.14 20.68 -24.70
N SER B 694 -36.74 21.13 -25.79
CA SER B 694 -36.37 22.41 -26.41
C SER B 694 -36.82 23.55 -25.52
N VAL B 695 -35.96 24.54 -25.33
CA VAL B 695 -36.32 25.69 -24.54
C VAL B 695 -36.60 26.80 -25.55
N THR B 696 -37.86 27.22 -25.60
CA THR B 696 -38.31 28.24 -26.54
C THR B 696 -38.37 29.65 -25.95
N THR B 697 -38.48 29.75 -24.62
CA THR B 697 -38.38 31.03 -23.94
C THR B 697 -37.14 31.05 -23.04
N VAL B 698 -36.31 32.08 -23.22
CA VAL B 698 -35.12 32.33 -22.42
C VAL B 698 -35.30 33.67 -21.69
N ASN B 699 -35.23 33.66 -20.36
CA ASN B 699 -35.27 34.89 -19.58
C ASN B 699 -33.92 35.57 -19.62
N VAL B 700 -33.90 36.90 -19.60
CA VAL B 700 -32.65 37.65 -19.52
C VAL B 700 -32.81 38.67 -18.41
N ASP B 701 -32.20 38.38 -17.26
CA ASP B 701 -32.24 39.31 -16.13
C ASP B 701 -31.18 40.39 -16.33
N ILE B 702 -31.62 41.64 -16.28
CA ILE B 702 -30.78 42.79 -16.63
C ILE B 702 -30.78 43.78 -15.47
N PHE B 703 -29.58 44.13 -15.00
CA PHE B 703 -29.38 45.04 -13.90
C PHE B 703 -28.56 46.21 -14.43
N PRO B 704 -29.23 47.21 -15.06
CA PRO B 704 -28.52 48.25 -15.84
C PRO B 704 -27.55 49.08 -15.02
N SER B 705 -26.37 49.33 -15.57
CA SER B 705 -25.44 50.30 -15.01
C SER B 705 -25.37 51.53 -15.93
N ALA B 706 -24.78 52.61 -15.43
CA ALA B 706 -24.62 53.82 -16.22
C ALA B 706 -23.71 53.63 -17.44
N SER B 707 -22.84 52.63 -17.45
CA SER B 707 -22.03 52.31 -18.63
C SER B 707 -22.72 51.19 -19.37
N GLU B 708 -22.56 51.17 -20.68
CA GLU B 708 -23.10 50.07 -21.46
C GLU B 708 -22.42 48.76 -21.07
N THR B 709 -23.22 47.71 -20.86
CA THR B 709 -22.71 46.37 -20.68
C THR B 709 -23.38 45.47 -21.71
N SER B 710 -22.80 44.30 -21.96
CA SER B 710 -23.36 43.38 -22.95
C SER B 710 -23.07 41.93 -22.63
N PHE B 711 -23.88 41.04 -23.19
CA PHE B 711 -23.72 39.59 -23.08
C PHE B 711 -24.16 39.02 -24.42
N THR B 712 -23.35 38.13 -25.00
CA THR B 712 -23.69 37.51 -26.28
C THR B 712 -24.27 36.12 -26.02
N TYR B 713 -25.57 36.00 -26.26
CA TYR B 713 -26.30 34.74 -26.08
C TYR B 713 -25.86 33.80 -27.19
N TYR B 714 -25.70 32.52 -26.87
CA TYR B 714 -25.06 31.54 -27.72
C TYR B 714 -25.82 30.20 -27.68
N GLU B 715 -26.11 29.63 -28.87
CA GLU B 715 -26.65 28.27 -29.01
C GLU B 715 -25.88 27.52 -30.12
N ASP B 716 -25.83 26.20 -29.98
CA ASP B 716 -25.37 25.29 -31.03
C ASP B 716 -25.95 23.92 -30.70
N ASP B 717 -25.55 22.85 -31.40
CA ASP B 717 -26.15 21.53 -31.15
C ASP B 717 -25.78 20.90 -29.80
N GLY B 718 -24.76 21.42 -29.13
CA GLY B 718 -24.38 20.91 -27.80
C GLY B 718 -23.62 19.60 -27.81
N SER B 719 -23.32 19.06 -29.00
CA SER B 719 -22.92 17.67 -29.11
C SER B 719 -21.88 17.29 -30.18
N SER B 720 -21.68 18.12 -31.20
CA SER B 720 -20.74 17.84 -32.30
C SER B 720 -19.72 18.97 -32.36
N TYR B 721 -18.74 18.82 -33.25
CA TYR B 721 -17.82 19.90 -33.56
C TYR B 721 -18.28 20.78 -34.76
N ASP B 722 -19.57 20.74 -35.10
CA ASP B 722 -20.14 21.59 -36.19
C ASP B 722 -19.91 23.06 -35.94
N TYR B 723 -19.88 23.47 -34.66
CA TYR B 723 -19.58 24.86 -34.33
C TYR B 723 -18.25 25.33 -34.90
N GLU B 724 -17.29 24.43 -35.10
CA GLU B 724 -15.98 24.84 -35.66
C GLU B 724 -16.06 25.36 -37.11
N SER B 725 -17.07 24.93 -37.86
CA SER B 725 -17.30 25.44 -39.22
C SER B 725 -18.52 26.39 -39.30
N GLY B 726 -18.80 27.12 -38.21
CA GLY B 726 -19.84 28.17 -38.21
C GLY B 726 -21.25 27.78 -37.83
N SER B 727 -21.48 26.51 -37.49
CA SER B 727 -22.82 26.04 -37.14
C SER B 727 -23.11 26.33 -35.68
N SER B 728 -23.42 27.60 -35.45
CA SER B 728 -23.83 28.09 -34.15
C SER B 728 -24.69 29.32 -34.36
N PHE B 729 -25.29 29.78 -33.26
CA PHE B 729 -26.15 30.96 -33.26
C PHE B 729 -25.67 31.87 -32.14
N GLU B 730 -25.46 33.15 -32.44
CA GLU B 730 -25.28 34.15 -31.39
C GLU B 730 -26.14 35.38 -31.58
N GLN B 731 -26.42 36.04 -30.46
CA GLN B 731 -27.19 37.27 -30.45
C GLN B 731 -26.72 38.14 -29.30
N ARG B 732 -26.19 39.32 -29.64
CA ARG B 732 -25.66 40.25 -28.65
C ARG B 732 -26.80 41.04 -27.97
N LEU B 733 -26.80 41.01 -26.64
CA LEU B 733 -27.74 41.76 -25.80
C LEU B 733 -26.92 42.82 -25.08
N ALA B 734 -27.35 44.07 -25.13
CA ALA B 734 -26.64 45.17 -24.51
C ALA B 734 -27.61 46.01 -23.75
N ALA B 735 -27.14 46.66 -22.69
CA ALA B 735 -28.01 47.43 -21.82
C ALA B 735 -27.28 48.62 -21.22
N GLN B 736 -28.02 49.71 -20.99
CA GLN B 736 -27.49 50.90 -20.31
C GLN B 736 -28.59 51.63 -19.55
N ASP B 737 -28.23 52.13 -18.36
CA ASP B 737 -29.10 52.96 -17.58
C ASP B 737 -28.83 54.41 -17.97
N LEU B 738 -29.84 55.08 -18.54
CA LEU B 738 -29.69 56.45 -19.04
C LEU B 738 -30.31 57.43 -18.03
N SER B 739 -30.32 58.73 -18.37
CA SER B 739 -30.80 59.76 -17.43
C SER B 739 -32.19 59.47 -16.85
N SER B 740 -33.15 59.12 -17.70
CA SER B 740 -34.52 58.82 -17.25
C SER B 740 -35.15 57.62 -17.95
N SER B 741 -34.31 56.71 -18.43
CA SER B 741 -34.80 55.48 -19.07
C SER B 741 -33.73 54.41 -19.03
N VAL B 742 -34.13 53.20 -19.42
CA VAL B 742 -33.22 52.11 -19.70
C VAL B 742 -33.34 51.77 -21.18
N ARG B 743 -32.20 51.58 -21.82
CA ARG B 743 -32.10 51.19 -23.22
C ARG B 743 -31.48 49.80 -23.26
N VAL B 744 -32.17 48.86 -23.93
CA VAL B 744 -31.67 47.50 -24.14
C VAL B 744 -31.64 47.22 -25.63
N GLU B 745 -30.48 46.84 -26.14
CA GLU B 745 -30.36 46.47 -27.55
C GLU B 745 -30.28 44.96 -27.69
N VAL B 746 -31.16 44.40 -28.52
CA VAL B 746 -31.08 43.01 -28.94
C VAL B 746 -30.59 43.01 -30.38
N GLY B 747 -29.34 42.60 -30.57
CA GLY B 747 -28.71 42.56 -31.89
C GLY B 747 -29.41 41.62 -32.83
N ALA B 748 -29.11 41.76 -34.11
CA ALA B 748 -29.56 40.79 -35.09
C ALA B 748 -28.84 39.47 -34.80
N GLY B 749 -29.53 38.36 -34.97
CA GLY B 749 -28.91 37.05 -34.81
C GLY B 749 -27.83 36.85 -35.86
N SER B 750 -26.86 35.97 -35.57
CA SER B 750 -25.88 35.57 -36.57
C SER B 750 -25.49 34.11 -36.45
N GLY B 751 -24.97 33.58 -37.56
CA GLY B 751 -24.55 32.18 -37.65
C GLY B 751 -25.66 31.32 -38.22
N SER B 752 -25.29 30.15 -38.71
CA SER B 752 -26.17 29.31 -39.53
C SER B 752 -27.07 28.37 -38.74
N TYR B 753 -26.80 28.16 -37.47
CA TYR B 753 -27.56 27.21 -36.68
C TYR B 753 -28.91 27.82 -36.30
N THR B 754 -30.00 27.06 -36.50
CA THR B 754 -31.33 27.53 -36.16
C THR B 754 -31.57 27.25 -34.68
N PRO B 755 -31.64 28.32 -33.85
CA PRO B 755 -31.71 28.08 -32.40
C PRO B 755 -33.10 27.64 -31.99
N ASP B 756 -33.20 26.98 -30.83
CA ASP B 756 -34.47 26.64 -30.23
C ASP B 756 -35.22 27.86 -29.66
N VAL B 757 -34.49 28.86 -29.16
CA VAL B 757 -35.16 30.03 -28.58
C VAL B 757 -36.05 30.78 -29.59
N GLN B 758 -37.33 30.97 -29.24
CA GLN B 758 -38.28 31.76 -30.03
C GLN B 758 -38.48 33.19 -29.48
N HIS B 759 -38.46 33.35 -28.16
CA HIS B 759 -38.66 34.66 -27.52
C HIS B 759 -37.69 34.86 -26.37
N TYR B 760 -37.18 36.08 -26.19
CA TYR B 760 -36.58 36.46 -24.90
C TYR B 760 -37.63 37.16 -24.04
N VAL B 761 -37.62 36.85 -22.73
CA VAL B 761 -38.31 37.68 -21.74
C VAL B 761 -37.24 38.44 -20.97
N LEU B 762 -37.14 39.73 -21.27
CA LEU B 762 -36.21 40.62 -20.62
C LEU B 762 -36.83 40.96 -19.27
N LYS B 763 -36.04 40.90 -18.20
CA LYS B 763 -36.49 41.31 -16.88
C LYS B 763 -35.55 42.40 -16.46
N ILE B 764 -36.01 43.64 -16.63
CA ILE B 764 -35.17 44.81 -16.48
C ILE B 764 -35.40 45.36 -15.07
N HIS B 765 -34.42 45.19 -14.21
CA HIS B 765 -34.57 45.49 -12.79
C HIS B 765 -34.21 46.93 -12.52
N GLY B 766 -34.77 47.50 -11.45
CA GLY B 766 -34.48 48.87 -11.07
C GLY B 766 -35.40 49.95 -11.63
N ARG B 767 -36.33 49.58 -12.50
CA ARG B 767 -37.34 50.52 -13.04
C ARG B 767 -38.59 49.74 -13.42
N ALA B 768 -39.75 50.23 -12.96
CA ALA B 768 -41.05 49.76 -13.46
C ALA B 768 -41.52 50.84 -14.41
N GLY B 769 -41.25 50.68 -15.69
CA GLY B 769 -41.56 51.71 -16.68
C GLY B 769 -43.05 51.98 -16.80
N SER B 770 -43.40 53.21 -17.17
CA SER B 770 -44.77 53.53 -17.53
C SER B 770 -44.98 53.47 -19.06
N ALA B 771 -43.89 53.33 -19.82
CA ALA B 771 -43.98 53.19 -21.27
C ALA B 771 -42.78 52.38 -21.77
N VAL B 772 -43.02 51.50 -22.73
CA VAL B 772 -41.97 50.71 -23.36
C VAL B 772 -42.16 50.72 -24.86
N THR B 773 -41.09 51.07 -25.58
CA THR B 773 -41.07 50.96 -27.03
C THR B 773 -39.96 50.02 -27.51
N ALA B 774 -40.21 49.39 -28.65
CA ALA B 774 -39.21 48.69 -29.45
C ALA B 774 -39.12 49.41 -30.80
N GLY B 775 -37.93 49.89 -31.15
CA GLY B 775 -37.73 50.69 -32.36
C GLY B 775 -38.60 51.95 -32.45
N GLY B 776 -38.88 52.57 -31.31
CA GLY B 776 -39.78 53.72 -31.25
C GLY B 776 -41.27 53.41 -31.29
N SER B 777 -41.66 52.16 -31.53
CA SER B 777 -43.05 51.76 -31.53
C SER B 777 -43.42 51.19 -30.17
N ALA B 778 -44.57 51.58 -29.63
CA ALA B 778 -45.10 51.05 -28.39
C ALA B 778 -45.31 49.56 -28.48
N LEU B 779 -44.81 48.83 -27.49
CA LEU B 779 -45.15 47.43 -27.32
C LEU B 779 -46.47 47.32 -26.57
N THR B 780 -47.25 46.29 -26.89
CA THR B 780 -48.52 46.04 -26.24
C THR B 780 -48.34 45.79 -24.74
N GLY B 781 -49.04 46.55 -23.90
CA GLY B 781 -48.97 46.39 -22.45
C GLY B 781 -49.87 45.28 -21.94
N TYR B 782 -49.37 44.48 -20.99
CA TYR B 782 -50.12 43.40 -20.34
C TYR B 782 -50.12 43.66 -18.86
N GLY B 783 -51.08 43.05 -18.16
CA GLY B 783 -51.33 43.35 -16.73
C GLY B 783 -50.29 42.83 -15.75
N ASP B 784 -49.67 41.71 -16.10
CA ASP B 784 -48.65 41.07 -15.28
C ASP B 784 -47.82 40.13 -16.14
N LEU B 785 -46.81 39.50 -15.54
CA LEU B 785 -45.91 38.61 -16.29
C LEU B 785 -46.65 37.43 -16.96
N GLN B 786 -47.59 36.82 -16.24
CA GLN B 786 -48.30 35.63 -16.76
C GLN B 786 -49.13 35.94 -18.01
N ALA B 787 -49.76 37.11 -18.02
CA ALA B 787 -50.49 37.57 -19.19
C ALA B 787 -49.56 37.77 -20.38
N LEU B 788 -48.39 38.36 -20.12
CA LEU B 788 -47.35 38.54 -21.14
C LEU B 788 -46.85 37.21 -21.69
N GLN B 789 -46.60 36.25 -20.80
CA GLN B 789 -46.16 34.91 -21.20
C GLN B 789 -47.22 34.18 -22.04
N ALA B 790 -48.49 34.32 -21.64
CA ALA B 790 -49.62 33.72 -22.36
C ALA B 790 -49.84 34.30 -23.77
N ALA B 791 -49.50 35.57 -23.98
CA ALA B 791 -49.77 36.24 -25.27
C ALA B 791 -48.82 35.76 -26.36
N SER B 792 -49.35 35.57 -27.56
CA SER B 792 -48.49 35.44 -28.74
C SER B 792 -48.03 36.85 -29.11
N GLY B 793 -46.81 36.95 -29.62
CA GLY B 793 -46.27 38.22 -30.05
C GLY B 793 -45.71 39.00 -28.88
N SER B 794 -45.05 40.10 -29.21
CA SER B 794 -44.31 40.88 -28.23
C SER B 794 -45.21 41.66 -27.27
N GLY B 795 -44.59 42.18 -26.23
CA GLY B 795 -45.32 42.92 -25.22
C GLY B 795 -44.44 43.28 -24.05
N TRP B 796 -45.06 43.94 -23.09
CA TRP B 796 -44.40 44.29 -21.85
C TRP B 796 -45.38 44.28 -20.70
N ALA B 797 -44.82 44.21 -19.50
CA ALA B 797 -45.58 44.31 -18.27
C ALA B 797 -44.63 44.84 -17.23
N SER B 798 -45.14 45.20 -16.06
CA SER B 798 -44.26 45.66 -14.99
C SER B 798 -44.69 45.00 -13.72
N GLY B 799 -43.83 45.11 -12.71
CA GLY B 799 -44.12 44.45 -11.47
C GLY B 799 -43.12 44.80 -10.40
N ARG B 800 -43.17 43.99 -9.36
CA ARG B 800 -42.26 44.06 -8.25
C ARG B 800 -41.68 42.66 -8.05
N ASP B 801 -40.41 42.60 -7.68
CA ASP B 801 -39.78 41.34 -7.28
C ASP B 801 -38.84 41.61 -6.10
N ILE B 802 -38.04 40.63 -5.73
CA ILE B 802 -37.12 40.76 -4.56
C ILE B 802 -36.19 41.98 -4.67
N TYR B 803 -35.81 42.36 -5.91
CA TYR B 803 -34.86 43.45 -6.15
C TYR B 803 -35.55 44.81 -6.12
N GLY B 804 -36.86 44.82 -6.32
CA GLY B 804 -37.67 46.03 -6.33
C GLY B 804 -38.49 46.10 -7.61
N ASP B 805 -38.49 47.27 -8.25
CA ASP B 805 -39.27 47.50 -9.47
C ASP B 805 -38.68 46.73 -10.63
N VAL B 806 -39.54 46.20 -11.48
CA VAL B 806 -39.09 45.44 -12.63
C VAL B 806 -40.02 45.68 -13.81
N THR B 807 -39.41 45.74 -15.00
CA THR B 807 -40.16 45.80 -16.28
C THR B 807 -39.85 44.56 -17.10
N TYR B 808 -40.89 43.88 -17.57
CA TYR B 808 -40.75 42.67 -18.35
C TYR B 808 -41.01 43.03 -19.79
N VAL B 809 -40.16 42.56 -20.70
CA VAL B 809 -40.33 42.83 -22.14
C VAL B 809 -40.11 41.54 -22.90
N LYS B 810 -41.16 41.06 -23.58
CA LYS B 810 -41.08 39.83 -24.35
C LYS B 810 -40.91 40.19 -25.83
N LEU B 811 -39.85 39.70 -26.47
CA LEU B 811 -39.49 40.03 -27.85
C LEU B 811 -39.09 38.78 -28.61
N PRO B 812 -39.33 38.74 -29.96
CA PRO B 812 -38.86 37.57 -30.69
C PRO B 812 -37.36 37.48 -30.73
N ALA B 813 -36.82 36.27 -30.54
CA ALA B 813 -35.40 36.01 -30.64
C ALA B 813 -35.06 35.73 -32.09
N ALA B 814 -33.78 35.84 -32.44
CA ALA B 814 -33.27 35.43 -33.75
C ALA B 814 -33.96 36.10 -34.93
N SER B 815 -34.36 37.36 -34.77
CA SER B 815 -34.81 38.12 -35.92
C SER B 815 -33.54 38.53 -36.69
N GLY B 816 -33.70 38.75 -37.98
CA GLY B 816 -32.60 39.26 -38.81
C GLY B 816 -32.27 40.72 -38.58
N SER B 817 -33.00 41.39 -37.68
CA SER B 817 -32.80 42.81 -37.46
C SER B 817 -32.61 43.12 -35.98
N ALA B 818 -31.74 44.07 -35.71
CA ALA B 818 -31.56 44.60 -34.36
C ALA B 818 -32.84 45.28 -33.86
N THR B 819 -33.02 45.30 -32.53
CA THR B 819 -34.14 45.99 -31.90
C THR B 819 -33.61 46.78 -30.71
N VAL B 820 -33.99 48.06 -30.62
CA VAL B 820 -33.65 48.87 -29.48
C VAL B 820 -34.92 49.03 -28.62
N VAL B 821 -34.87 48.52 -27.40
CA VAL B 821 -35.95 48.65 -26.43
C VAL B 821 -35.63 49.83 -25.53
N GLU B 822 -36.64 50.68 -25.28
CA GLU B 822 -36.50 51.80 -24.38
C GLU B 822 -37.60 51.74 -23.32
N VAL B 823 -37.20 51.67 -22.05
CA VAL B 823 -38.13 51.61 -20.93
C VAL B 823 -38.09 52.98 -20.29
N SER B 824 -39.20 53.72 -20.31
CA SER B 824 -39.23 55.06 -19.73
C SER B 824 -40.30 55.20 -18.64
N GLY B 825 -40.12 56.22 -17.82
CA GLY B 825 -41.10 56.56 -16.80
C GLY B 825 -40.94 55.67 -15.60
N SER B 826 -41.73 55.95 -14.57
CA SER B 826 -41.79 55.14 -13.38
C SER B 826 -43.22 55.06 -12.86
N ALA B 827 -43.77 53.85 -12.81
CA ALA B 827 -45.09 53.57 -12.27
C ALA B 827 -44.99 52.28 -11.45
N PRO B 828 -44.49 52.39 -10.21
CA PRO B 828 -44.29 51.21 -9.36
C PRO B 828 -45.58 50.42 -9.14
N SER B 829 -45.45 49.10 -9.05
CA SER B 829 -46.58 48.21 -8.84
C SER B 829 -47.17 48.42 -7.46
N ALA B 830 -48.49 48.28 -7.40
CA ALA B 830 -49.23 48.30 -6.12
C ALA B 830 -49.26 46.92 -5.44
N ALA B 831 -48.77 45.88 -6.11
CA ALA B 831 -48.85 44.51 -5.60
C ALA B 831 -48.17 44.36 -4.23
N THR B 832 -48.84 43.64 -3.32
CA THR B 832 -48.28 43.33 -2.01
C THR B 832 -47.67 41.93 -1.95
N HIS B 833 -47.94 41.08 -2.95
CA HIS B 833 -47.49 39.69 -3.01
C HIS B 833 -46.85 39.32 -4.33
N ALA B 834 -45.87 38.42 -4.26
CA ALA B 834 -45.33 37.73 -5.41
C ALA B 834 -46.21 36.52 -5.66
N ILE B 835 -46.50 36.23 -6.92
CA ILE B 835 -47.29 35.04 -7.27
C ILE B 835 -46.40 33.95 -7.87
N TYR B 836 -46.51 32.73 -7.35
CA TYR B 836 -45.82 31.57 -7.90
C TYR B 836 -46.84 30.56 -8.39
N GLU B 837 -46.96 30.48 -9.71
CA GLU B 837 -47.80 29.46 -10.33
C GLU B 837 -47.15 28.07 -10.10
N VAL B 838 -47.84 27.17 -9.40
CA VAL B 838 -47.21 25.91 -8.97
C VAL B 838 -46.99 24.92 -10.11
N GLU B 839 -47.76 25.03 -11.20
CA GLU B 839 -47.45 24.30 -12.44
C GLU B 839 -46.05 24.57 -13.01
N ASP B 840 -45.45 25.72 -12.69
CA ASP B 840 -44.07 26.02 -13.07
C ASP B 840 -43.05 25.56 -12.04
N ALA B 841 -43.48 25.01 -10.91
CA ALA B 841 -42.57 24.72 -9.80
C ALA B 841 -42.10 23.26 -9.86
N SER B 842 -41.39 22.79 -8.84
CA SER B 842 -40.77 21.47 -8.89
C SER B 842 -41.72 20.39 -8.41
N ARG B 843 -42.05 19.46 -9.28
CA ARG B 843 -42.95 18.36 -8.96
C ARG B 843 -42.16 17.10 -8.66
N SER B 844 -42.48 16.46 -7.53
CA SER B 844 -41.80 15.26 -7.11
C SER B 844 -42.79 14.22 -6.60
N GLY B 845 -42.26 13.03 -6.36
CA GLY B 845 -43.01 11.94 -5.74
C GLY B 845 -42.13 10.79 -5.33
N ALA B 846 -42.75 9.69 -4.91
CA ALA B 846 -42.02 8.52 -4.46
C ALA B 846 -41.28 7.78 -5.59
N THR B 847 -41.80 7.82 -6.81
CA THR B 847 -41.14 7.18 -7.94
C THR B 847 -41.23 8.12 -9.13
N PRO B 848 -40.44 7.85 -10.19
CA PRO B 848 -40.47 8.71 -11.37
C PRO B 848 -41.85 8.82 -12.06
N THR B 849 -42.70 7.81 -11.92
CA THR B 849 -44.02 7.83 -12.55
C THR B 849 -45.15 8.22 -11.56
N THR B 850 -44.81 8.52 -10.31
CA THR B 850 -45.81 8.97 -9.34
C THR B 850 -45.53 10.39 -8.80
N ARG B 851 -44.95 11.25 -9.64
CA ARG B 851 -44.74 12.64 -9.26
C ARG B 851 -46.05 13.40 -9.41
N ALA B 852 -46.19 14.49 -8.65
CA ALA B 852 -47.25 15.45 -8.90
C ALA B 852 -47.27 15.85 -10.38
N GLY B 853 -48.47 16.12 -10.90
CA GLY B 853 -48.66 16.37 -12.33
C GLY B 853 -49.12 17.78 -12.63
N ILE B 854 -49.09 18.13 -13.91
CA ILE B 854 -49.69 19.37 -14.41
C ILE B 854 -50.98 19.03 -15.16
N ASN B 855 -51.97 19.92 -15.04
CA ASN B 855 -53.23 19.71 -15.75
C ASN B 855 -53.99 21.01 -15.98
N THR B 856 -54.96 20.91 -16.88
CA THR B 856 -55.81 22.03 -17.28
C THR B 856 -57.27 21.60 -17.48
N ASN B 857 -57.66 20.47 -16.90
CA ASN B 857 -58.94 19.83 -17.19
C ASN B 857 -60.08 20.25 -16.22
N HIS B 858 -59.88 21.34 -15.48
CA HIS B 858 -60.95 22.02 -14.77
C HIS B 858 -60.72 23.48 -15.02
N SER B 859 -61.80 24.25 -15.09
CA SER B 859 -61.65 25.68 -15.38
C SER B 859 -61.40 26.45 -14.09
N GLY B 860 -61.03 27.72 -14.25
CA GLY B 860 -60.96 28.68 -13.15
C GLY B 860 -59.57 28.93 -12.58
N TYR B 861 -58.56 28.35 -13.21
CA TYR B 861 -57.17 28.44 -12.73
C TYR B 861 -56.48 29.68 -13.28
N SER B 862 -55.46 30.09 -12.55
CA SER B 862 -54.55 31.15 -12.95
C SER B 862 -53.37 30.57 -13.73
N GLY B 863 -52.76 31.40 -14.56
CA GLY B 863 -51.59 30.98 -15.35
C GLY B 863 -51.90 29.94 -16.39
N SER B 864 -50.93 29.08 -16.69
CA SER B 864 -51.05 28.03 -17.72
C SER B 864 -51.71 26.74 -17.21
N GLY B 865 -51.92 26.60 -15.90
CA GLY B 865 -52.57 25.41 -15.38
C GLY B 865 -52.56 25.32 -13.86
N PHE B 866 -52.59 24.07 -13.38
CA PHE B 866 -52.53 23.76 -11.95
C PHE B 866 -51.84 22.41 -11.73
N VAL B 867 -51.58 22.09 -10.48
CA VAL B 867 -50.94 20.85 -10.11
C VAL B 867 -51.97 19.89 -9.54
N ASP B 868 -51.98 18.68 -10.10
CA ASP B 868 -52.80 17.56 -9.63
C ASP B 868 -51.91 16.33 -9.32
N LYS B 869 -52.52 15.15 -9.26
CA LYS B 869 -51.86 13.92 -8.82
C LYS B 869 -51.24 14.11 -7.44
N LEU B 870 -51.89 14.91 -6.60
CA LEU B 870 -51.51 15.01 -5.19
C LEU B 870 -52.39 14.04 -4.40
N ASP B 871 -52.78 12.96 -5.07
CA ASP B 871 -53.57 11.89 -4.51
C ASP B 871 -52.85 10.53 -4.57
N VAL B 872 -51.53 10.54 -4.79
CA VAL B 872 -50.69 9.35 -4.63
C VAL B 872 -49.69 9.70 -3.54
N PRO B 873 -49.58 8.87 -2.49
CA PRO B 873 -48.70 9.22 -1.36
C PRO B 873 -47.30 9.62 -1.78
N GLY B 874 -46.76 10.65 -1.14
CA GLY B 874 -45.44 11.19 -1.46
C GLY B 874 -45.38 12.26 -2.53
N ALA B 875 -46.47 12.47 -3.26
CA ALA B 875 -46.50 13.48 -4.31
C ALA B 875 -46.37 14.86 -3.68
N ALA B 876 -45.62 15.74 -4.34
CA ALA B 876 -45.30 17.06 -3.78
C ALA B 876 -44.97 18.08 -4.84
N VAL B 877 -45.15 19.35 -4.48
CA VAL B 877 -44.72 20.46 -5.33
C VAL B 877 -43.97 21.43 -4.42
N THR B 878 -42.84 21.92 -4.94
CA THR B 878 -41.89 22.72 -4.18
C THR B 878 -41.66 24.04 -4.89
N VAL B 879 -41.88 25.15 -4.18
CA VAL B 879 -41.66 26.50 -4.69
C VAL B 879 -40.42 27.07 -4.04
N TYR B 880 -39.55 27.68 -4.85
CA TYR B 880 -38.41 28.44 -4.32
C TYR B 880 -38.77 29.92 -4.28
N ALA B 881 -38.92 30.45 -3.05
CA ALA B 881 -39.38 31.82 -2.87
C ALA B 881 -38.39 32.59 -2.05
N ASN B 882 -37.98 33.74 -2.57
CA ASN B 882 -37.06 34.63 -1.91
C ASN B 882 -37.79 35.58 -0.99
N ALA B 883 -37.14 35.85 0.16
CA ALA B 883 -37.62 36.75 1.17
C ALA B 883 -36.49 37.72 1.52
N PRO B 884 -36.80 39.02 1.70
CA PRO B 884 -35.74 40.02 1.95
C PRO B 884 -35.10 39.92 3.34
N VAL B 885 -35.91 39.50 4.31
CA VAL B 885 -35.51 39.35 5.70
C VAL B 885 -36.20 38.10 6.26
N SER B 886 -35.73 37.63 7.39
CA SER B 886 -36.38 36.54 8.06
C SER B 886 -37.64 37.08 8.74
N GLY B 887 -38.68 36.25 8.86
CA GLY B 887 -39.87 36.67 9.58
C GLY B 887 -41.10 35.87 9.26
N ASP B 888 -42.25 36.41 9.65
CA ASP B 888 -43.57 35.81 9.44
C ASP B 888 -44.15 36.29 8.12
N TYR B 889 -44.38 35.36 7.20
CA TYR B 889 -45.01 35.64 5.93
C TYR B 889 -46.31 34.84 5.81
N PRO B 890 -47.49 35.51 5.86
CA PRO B 890 -48.78 34.83 5.57
C PRO B 890 -48.86 34.50 4.09
N VAL B 891 -48.67 33.23 3.77
CA VAL B 891 -48.60 32.79 2.39
C VAL B 891 -49.96 32.19 2.01
N GLU B 892 -50.54 32.69 0.92
CA GLU B 892 -51.83 32.19 0.42
C GLU B 892 -51.62 31.02 -0.51
N LEU B 893 -52.39 29.95 -0.30
CA LEU B 893 -52.42 28.80 -1.21
C LEU B 893 -53.77 28.81 -1.92
N ARG B 894 -53.74 28.90 -3.25
CA ARG B 894 -54.95 28.81 -4.08
C ARG B 894 -55.16 27.35 -4.50
N TYR B 895 -56.32 26.77 -4.17
CA TYR B 895 -56.55 25.35 -4.33
C TYR B 895 -58.01 25.03 -4.73
N ALA B 896 -58.23 23.79 -5.20
CA ALA B 896 -59.57 23.27 -5.49
C ALA B 896 -59.76 21.97 -4.73
N ASN B 897 -60.98 21.76 -4.23
CA ASN B 897 -61.34 20.56 -3.50
C ASN B 897 -62.81 20.26 -3.77
N GLY B 898 -63.04 19.58 -4.87
CA GLY B 898 -64.37 19.13 -5.27
C GLY B 898 -64.83 17.83 -4.63
N SER B 899 -64.17 17.37 -3.57
CA SER B 899 -64.52 16.09 -2.93
C SER B 899 -65.76 16.14 -2.05
N GLY B 900 -66.20 17.33 -1.64
CA GLY B 900 -67.32 17.49 -0.70
C GLY B 900 -66.97 17.48 0.77
N SER B 901 -65.70 17.29 1.11
CA SER B 901 -65.28 17.36 2.51
C SER B 901 -63.82 17.76 2.59
N ALA B 902 -63.41 18.16 3.79
CA ALA B 902 -62.06 18.68 4.01
C ALA B 902 -60.98 17.65 3.67
N LYS B 903 -59.89 18.12 3.08
CA LYS B 903 -58.74 17.29 2.74
C LYS B 903 -57.47 17.95 3.26
N THR B 904 -56.50 17.14 3.64
CA THR B 904 -55.29 17.63 4.31
C THR B 904 -54.00 17.43 3.46
N LEU B 905 -53.07 18.35 3.66
CA LEU B 905 -51.81 18.37 2.95
C LEU B 905 -50.79 18.97 3.93
N SER B 906 -49.53 18.52 3.84
CA SER B 906 -48.47 19.06 4.70
C SER B 906 -47.84 20.25 4.00
N VAL B 907 -47.53 21.31 4.75
CA VAL B 907 -46.63 22.36 4.26
C VAL B 907 -45.29 22.24 4.99
N TYR B 908 -44.23 22.07 4.18
CA TYR B 908 -42.84 22.04 4.68
C TYR B 908 -42.15 23.33 4.30
N VAL B 909 -41.39 23.91 5.22
CA VAL B 909 -40.61 25.10 4.92
C VAL B 909 -39.17 24.84 5.32
N ASN B 910 -38.25 24.92 4.37
CA ASN B 910 -36.84 24.66 4.63
C ASN B 910 -36.64 23.32 5.35
N ALA B 911 -37.31 22.32 4.81
CA ALA B 911 -37.26 20.91 5.26
C ALA B 911 -37.83 20.62 6.65
N ALA B 912 -38.58 21.54 7.24
CA ALA B 912 -39.29 21.32 8.51
C ALA B 912 -40.80 21.31 8.22
N ARG B 913 -41.51 20.33 8.78
CA ARG B 913 -42.98 20.26 8.67
C ARG B 913 -43.59 21.34 9.58
N VAL B 914 -44.15 22.37 8.96
CA VAL B 914 -44.65 23.55 9.64
C VAL B 914 -46.11 23.34 10.05
N GLN B 915 -46.94 22.79 9.15
CA GLN B 915 -48.33 22.58 9.49
C GLN B 915 -49.01 21.57 8.57
N GLN B 916 -50.03 20.89 9.09
CA GLN B 916 -50.97 20.15 8.26
C GLN B 916 -52.06 21.13 7.92
N LEU B 917 -52.25 21.40 6.63
CA LEU B 917 -53.30 22.30 6.17
C LEU B 917 -54.60 21.53 6.14
N SER B 918 -55.69 22.12 6.61
CA SER B 918 -57.03 21.55 6.37
C SER B 918 -57.73 22.39 5.31
N LEU B 919 -57.93 21.79 4.16
CA LEU B 919 -58.38 22.50 2.98
C LEU B 919 -59.86 22.18 2.74
N ALA B 920 -60.70 23.17 2.98
CA ALA B 920 -62.16 23.00 2.96
C ALA B 920 -62.68 22.65 1.58
N ASP B 921 -63.82 21.97 1.56
CA ASP B 921 -64.62 21.80 0.36
C ASP B 921 -64.73 23.11 -0.43
N THR B 922 -64.49 23.08 -1.75
CA THR B 922 -64.71 24.24 -2.60
C THR B 922 -65.95 24.11 -3.50
N GLY B 923 -66.69 23.01 -3.36
CA GLY B 923 -67.95 22.83 -4.07
C GLY B 923 -67.86 22.10 -5.39
N ALA B 924 -66.77 22.30 -6.11
CA ALA B 924 -66.54 21.64 -7.39
C ALA B 924 -65.06 21.76 -7.73
N TRP B 925 -64.57 20.94 -8.65
CA TRP B 925 -63.16 21.01 -9.07
C TRP B 925 -62.84 22.28 -9.88
N SER B 926 -63.87 22.92 -10.43
CA SER B 926 -63.72 24.19 -11.14
C SER B 926 -63.84 25.43 -10.24
N GLN B 927 -63.96 25.24 -8.93
CA GLN B 927 -64.15 26.33 -7.99
C GLN B 927 -62.96 26.33 -7.03
N TRP B 928 -62.31 27.48 -6.93
CA TRP B 928 -61.02 27.58 -6.24
C TRP B 928 -61.13 28.43 -4.99
N GLY B 929 -60.54 27.95 -3.89
CA GLY B 929 -60.48 28.67 -2.63
C GLY B 929 -59.06 29.09 -2.29
N THR B 930 -58.94 29.84 -1.20
CA THR B 930 -57.64 30.29 -0.70
C THR B 930 -57.52 29.91 0.77
N GLN B 931 -56.35 29.43 1.16
CA GLN B 931 -56.02 29.19 2.56
C GLN B 931 -54.69 29.88 2.84
N THR B 932 -54.68 30.79 3.80
CA THR B 932 -53.50 31.53 4.20
C THR B 932 -52.92 30.95 5.48
N THR B 933 -51.60 30.72 5.48
CA THR B 933 -50.89 30.13 6.61
C THR B 933 -49.64 30.96 6.83
N THR B 934 -49.36 31.32 8.08
CA THR B 934 -48.17 32.10 8.40
C THR B 934 -46.95 31.18 8.39
N LEU B 935 -46.00 31.45 7.51
CA LEU B 935 -44.82 30.60 7.36
C LEU B 935 -43.57 31.29 7.91
N PRO B 936 -42.70 30.55 8.59
CA PRO B 936 -41.46 31.15 9.09
C PRO B 936 -40.41 31.13 7.99
N LEU B 937 -40.32 32.21 7.23
CA LEU B 937 -39.29 32.28 6.19
C LEU B 937 -38.00 32.90 6.75
N THR B 938 -36.88 32.47 6.14
CA THR B 938 -35.55 33.01 6.48
C THR B 938 -35.14 33.98 5.35
N ALA B 939 -34.21 34.89 5.66
CA ALA B 939 -33.75 35.84 4.66
C ALA B 939 -33.11 35.06 3.48
N GLY B 940 -33.54 35.38 2.27
CA GLY B 940 -33.00 34.74 1.08
C GLY B 940 -33.95 33.68 0.59
N GLN B 941 -33.38 32.64 -0.01
CA GLN B 941 -34.16 31.59 -0.63
C GLN B 941 -34.86 30.76 0.43
N ASN B 942 -36.12 30.42 0.15
CA ASN B 942 -36.88 29.52 1.01
C ASN B 942 -37.44 28.39 0.17
N ILE B 943 -37.55 27.21 0.80
CA ILE B 943 -38.00 26.00 0.11
C ILE B 943 -39.37 25.67 0.72
N ILE B 944 -40.44 25.93 -0.05
CA ILE B 944 -41.82 25.78 0.44
C ILE B 944 -42.44 24.62 -0.33
N THR B 945 -42.76 23.55 0.38
CA THR B 945 -43.25 22.32 -0.24
C THR B 945 -44.64 21.97 0.30
N TYR B 946 -45.56 21.68 -0.62
CA TYR B 946 -46.89 21.16 -0.32
C TYR B 946 -46.89 19.70 -0.75
N LYS B 947 -47.17 18.82 0.20
CA LYS B 947 -46.96 17.40 0.03
C LYS B 947 -48.10 16.57 0.59
N TYR B 948 -48.46 15.53 -0.14
CA TYR B 948 -49.28 14.44 0.37
C TYR B 948 -48.38 13.49 1.15
N ASP B 949 -48.30 13.75 2.45
CA ASP B 949 -47.48 12.98 3.39
C ASP B 949 -48.40 11.99 4.11
N SER B 950 -48.58 10.83 3.47
CA SER B 950 -49.50 9.81 3.97
C SER B 950 -49.10 9.30 5.35
N ASP B 951 -47.80 9.13 5.56
CA ASP B 951 -47.31 8.68 6.87
C ASP B 951 -47.65 9.66 7.99
N ALA B 952 -47.76 10.94 7.65
CA ALA B 952 -48.17 11.95 8.62
C ALA B 952 -49.68 12.05 8.83
N GLY B 953 -50.47 11.25 8.11
CA GLY B 953 -51.92 11.28 8.25
C GLY B 953 -52.63 12.22 7.30
N ASP B 954 -51.91 12.79 6.31
CA ASP B 954 -52.54 13.64 5.29
C ASP B 954 -53.41 12.76 4.41
N THR B 955 -54.50 13.32 3.89
CA THR B 955 -55.35 12.62 2.92
C THR B 955 -54.91 12.78 1.47
N GLY B 956 -54.22 13.89 1.17
CA GLY B 956 -54.03 14.32 -0.22
C GLY B 956 -55.35 14.68 -0.89
N GLY B 957 -55.35 14.73 -2.22
CA GLY B 957 -56.59 14.82 -3.00
C GLY B 957 -57.16 16.20 -3.24
N VAL B 958 -56.29 17.20 -3.42
CA VAL B 958 -56.66 18.54 -3.87
C VAL B 958 -55.81 18.95 -5.07
N ASN B 959 -56.22 20.00 -5.77
CA ASN B 959 -55.41 20.56 -6.84
C ASN B 959 -54.94 21.92 -6.40
N LEU B 960 -53.71 22.29 -6.78
CA LEU B 960 -53.10 23.55 -6.36
C LEU B 960 -52.83 24.43 -7.57
N ASP B 961 -53.17 25.71 -7.43
CA ASP B 961 -53.10 26.65 -8.54
C ASP B 961 -51.85 27.53 -8.45
N TYR B 962 -51.63 28.10 -7.27
CA TYR B 962 -50.51 29.00 -7.04
C TYR B 962 -50.36 29.30 -5.56
N ILE B 963 -49.25 29.96 -5.21
CA ILE B 963 -49.12 30.61 -3.92
C ILE B 963 -48.82 32.09 -4.11
N ARG B 964 -49.20 32.85 -3.11
CA ARG B 964 -48.90 34.27 -3.07
C ARG B 964 -48.11 34.54 -1.80
N VAL B 965 -46.90 35.09 -1.99
CA VAL B 965 -46.00 35.37 -0.90
C VAL B 965 -45.84 36.88 -0.78
N PRO B 966 -46.16 37.44 0.39
CA PRO B 966 -45.99 38.88 0.56
C PRO B 966 -44.53 39.34 0.40
N PHE B 967 -44.36 40.51 -0.20
CA PHE B 967 -43.01 41.09 -0.36
C PHE B 967 -42.39 41.48 0.96
N ALA B 968 -43.21 41.77 1.97
CA ALA B 968 -42.70 42.10 3.28
C ALA B 968 -43.41 41.23 4.31
N PRO B 969 -42.72 40.86 5.38
CA PRO B 969 -43.37 40.09 6.44
C PRO B 969 -44.22 40.98 7.35
N THR B 970 -45.11 40.37 8.12
CA THR B 970 -45.89 41.11 9.11
C THR B 970 -44.98 41.55 10.26
N GLN B 971 -43.96 40.75 10.55
CA GLN B 971 -42.91 41.09 11.48
C GLN B 971 -41.64 40.33 11.14
N ALA B 972 -40.51 40.98 11.35
CA ALA B 972 -39.21 40.46 10.97
C ALA B 972 -38.46 40.01 12.22
N GLU B 973 -37.51 39.11 12.01
CA GLU B 973 -36.62 38.66 13.05
C GLU B 973 -35.19 38.63 12.54
N TYR B 974 -34.26 38.91 13.45
CA TYR B 974 -32.84 38.90 13.17
C TYR B 974 -32.19 38.12 14.30
N ALA B 975 -31.50 37.04 13.98
CA ALA B 975 -30.82 36.23 14.96
C ALA B 975 -29.62 36.96 15.57
N ALA B 976 -29.51 36.95 16.90
CA ALA B 976 -28.38 37.61 17.58
C ALA B 976 -27.10 36.91 17.16
N GLU B 977 -27.15 35.58 17.05
CA GLU B 977 -25.97 34.79 16.67
C GLU B 977 -25.38 35.14 15.30
N SER B 978 -26.21 35.67 14.40
CA SER B 978 -25.81 36.10 13.06
C SER B 978 -25.50 37.58 12.93
N ALA B 979 -25.60 38.33 14.03
CA ALA B 979 -25.29 39.76 14.03
C ALA B 979 -23.79 39.97 14.05
N LYS B 980 -23.35 41.21 13.85
CA LYS B 980 -21.93 41.55 13.91
C LYS B 980 -21.53 41.64 15.39
N LEU B 981 -20.62 40.79 15.80
CA LEU B 981 -20.20 40.69 17.18
C LEU B 981 -18.84 41.31 17.36
N TRP B 982 -18.70 42.10 18.41
CA TRP B 982 -17.47 42.88 18.63
C TRP B 982 -17.22 42.90 20.12
N GLY B 983 -15.97 43.19 20.49
CA GLY B 983 -15.60 43.44 21.88
C GLY B 983 -15.72 42.26 22.81
N GLY B 984 -15.70 41.04 22.26
CA GLY B 984 -15.73 39.83 23.05
C GLY B 984 -17.05 39.08 23.01
N ALA B 985 -18.09 39.71 22.49
CA ALA B 985 -19.38 39.03 22.30
C ALA B 985 -19.14 37.82 21.40
N GLY B 986 -19.75 36.70 21.74
CA GLY B 986 -19.59 35.46 20.98
C GLY B 986 -20.86 34.67 20.98
N THR B 987 -20.90 33.58 20.21
CA THR B 987 -22.08 32.70 20.17
C THR B 987 -21.88 31.56 21.11
N SER B 988 -22.99 30.93 21.49
CA SER B 988 -22.94 29.83 22.46
C SER B 988 -24.20 28.99 22.37
N GLN B 989 -24.09 27.74 22.84
CA GLN B 989 -25.24 26.85 23.02
C GLN B 989 -25.27 26.28 24.45
N ASP B 990 -24.62 26.96 25.40
CA ASP B 990 -24.41 26.38 26.74
C ASP B 990 -25.50 26.74 27.79
N HIS B 991 -26.62 27.29 27.33
CA HIS B 991 -27.84 27.40 28.12
C HIS B 991 -29.01 26.92 27.27
N TRP B 992 -30.15 26.64 27.90
CA TRP B 992 -31.30 26.04 27.24
C TRP B 992 -32.32 27.06 26.76
N PHE B 993 -33.18 26.63 25.86
CA PHE B 993 -34.37 27.37 25.39
C PHE B 993 -34.13 28.61 24.52
N TYR B 994 -32.92 28.73 23.97
CA TYR B 994 -32.68 29.72 22.92
C TYR B 994 -33.43 29.28 21.65
N LYS B 995 -33.70 30.24 20.79
CA LYS B 995 -34.28 30.02 19.45
C LYS B 995 -33.19 30.11 18.39
N GLY B 996 -33.49 29.56 17.22
CA GLY B 996 -32.49 29.36 16.19
C GLY B 996 -31.37 28.44 16.60
N ALA B 997 -30.20 28.65 16.00
CA ALA B 997 -29.09 27.72 16.19
C ALA B 997 -28.22 28.05 17.39
N ALA B 998 -28.32 29.27 17.92
CA ALA B 998 -27.48 29.67 19.06
C ALA B 998 -28.02 30.92 19.71
N PHE B 999 -27.25 31.46 20.66
CA PHE B 999 -27.47 32.80 21.24
C PHE B 999 -26.10 33.47 21.40
N VAL B 1000 -26.11 34.72 21.84
CA VAL B 1000 -24.92 35.50 22.05
C VAL B 1000 -24.70 35.71 23.55
N ASP B 1001 -23.47 35.45 24.00
CA ASP B 1001 -23.07 35.69 25.38
C ASP B 1001 -21.78 36.52 25.41
N ASN B 1002 -21.14 36.61 26.57
CA ASN B 1002 -19.92 37.41 26.75
C ASN B 1002 -20.12 38.88 26.42
N LEU B 1003 -21.24 39.43 26.86
CA LEU B 1003 -21.46 40.89 26.80
C LEU B 1003 -20.98 41.47 28.12
N THR B 1004 -19.73 41.15 28.45
CA THR B 1004 -19.13 41.41 29.76
C THR B 1004 -18.01 42.45 29.66
N GLY B 1005 -17.21 42.40 28.60
CA GLY B 1005 -16.22 43.43 28.35
C GLY B 1005 -16.79 44.77 27.94
N VAL B 1006 -16.03 45.82 28.20
CA VAL B 1006 -16.37 47.15 27.77
C VAL B 1006 -16.13 47.18 26.26
N GLY B 1007 -17.16 47.56 25.52
CA GLY B 1007 -17.16 47.51 24.06
C GLY B 1007 -17.88 46.30 23.50
N ALA B 1008 -18.28 45.35 24.34
CA ALA B 1008 -18.90 44.13 23.86
C ALA B 1008 -20.24 44.50 23.22
N GLU B 1009 -20.49 43.97 22.01
CA GLU B 1009 -21.54 44.50 21.16
C GLU B 1009 -22.13 43.45 20.23
N ALA B 1010 -23.44 43.48 20.03
CA ALA B 1010 -24.08 42.76 18.93
C ALA B 1010 -24.81 43.80 18.10
N SER B 1011 -24.45 43.89 16.82
CA SER B 1011 -24.99 44.90 15.94
C SER B 1011 -25.81 44.28 14.80
N PHE B 1012 -27.08 44.64 14.74
CA PHE B 1012 -28.03 44.11 13.79
C PHE B 1012 -28.17 45.05 12.59
N ASP B 1013 -28.23 44.48 11.39
CA ASP B 1013 -28.56 45.20 10.19
C ASP B 1013 -30.05 44.96 9.90
N VAL B 1014 -30.84 46.00 10.14
CA VAL B 1014 -32.31 45.92 10.11
C VAL B 1014 -32.84 46.75 8.93
N TYR B 1015 -33.77 46.17 8.19
CA TYR B 1015 -34.37 46.81 7.01
C TYR B 1015 -35.77 47.36 7.30
N ALA B 1016 -36.03 48.57 6.82
CA ALA B 1016 -37.36 49.20 6.90
C ALA B 1016 -37.81 49.69 5.52
N PRO B 1017 -39.12 49.59 5.21
CA PRO B 1017 -39.62 50.12 3.93
C PRO B 1017 -39.61 51.67 3.86
N SER B 1018 -39.87 52.32 4.98
CA SER B 1018 -39.92 53.78 5.04
C SER B 1018 -39.45 54.29 6.40
N ALA B 1019 -39.15 55.59 6.43
CA ALA B 1019 -38.81 56.26 7.66
C ALA B 1019 -39.98 56.21 8.59
N GLY B 1020 -39.70 56.12 9.88
CA GLY B 1020 -40.74 56.05 10.88
C GLY B 1020 -40.30 55.36 12.13
N THR B 1021 -41.25 55.24 13.05
CA THR B 1021 -41.06 54.60 14.33
C THR B 1021 -41.47 53.14 14.19
N TYR B 1022 -40.59 52.25 14.65
CA TYR B 1022 -40.83 50.82 14.59
C TYR B 1022 -40.72 50.22 15.98
N ASN B 1023 -41.49 49.16 16.21
CA ASN B 1023 -41.41 48.38 17.43
C ASN B 1023 -40.30 47.34 17.33
N LEU B 1024 -39.51 47.24 18.40
CA LEU B 1024 -38.47 46.25 18.56
C LEU B 1024 -38.83 45.38 19.74
N SER B 1025 -38.44 44.11 19.67
CA SER B 1025 -38.50 43.22 20.81
C SER B 1025 -37.24 42.37 20.86
N LEU B 1026 -36.47 42.54 21.92
CA LEU B 1026 -35.19 41.88 22.08
C LEU B 1026 -35.36 40.75 23.06
N ARG B 1027 -35.12 39.52 22.58
CA ARG B 1027 -35.21 38.33 23.41
C ARG B 1027 -33.89 38.12 24.11
N TYR B 1028 -33.92 38.05 25.44
CA TYR B 1028 -32.71 38.05 26.27
C TYR B 1028 -32.85 37.17 27.51
N ALA B 1029 -31.73 36.79 28.09
CA ALA B 1029 -31.70 36.10 29.38
C ALA B 1029 -30.84 36.90 30.35
N ASN B 1030 -31.24 36.89 31.61
CA ASN B 1030 -30.52 37.55 32.69
C ASN B 1030 -30.69 36.69 33.94
N GLY B 1031 -29.75 35.77 34.15
CA GLY B 1031 -29.72 34.88 35.30
C GLY B 1031 -28.87 35.37 36.46
N THR B 1032 -28.53 36.66 36.49
CA THR B 1032 -27.72 37.23 37.58
C THR B 1032 -28.54 37.45 38.86
N GLY B 1033 -29.86 37.60 38.72
CA GLY B 1033 -30.75 37.85 39.86
C GLY B 1033 -31.03 39.31 40.10
N SER B 1034 -30.42 40.19 39.31
CA SER B 1034 -30.77 41.59 39.37
C SER B 1034 -30.67 42.24 38.00
N THR B 1035 -31.24 43.43 37.94
CA THR B 1035 -31.36 44.21 36.73
C THR B 1035 -30.00 44.55 36.13
N LYS B 1036 -29.88 44.40 34.81
CA LYS B 1036 -28.66 44.73 34.10
C LYS B 1036 -28.97 45.70 32.98
N THR B 1037 -27.95 46.39 32.48
CA THR B 1037 -28.13 47.37 31.42
C THR B 1037 -27.20 47.15 30.24
N LEU B 1038 -27.66 47.59 29.07
CA LEU B 1038 -26.83 47.77 27.89
C LEU B 1038 -27.21 49.11 27.28
N SER B 1039 -26.40 49.58 26.33
CA SER B 1039 -26.75 50.74 25.51
C SER B 1039 -27.29 50.30 24.15
N ALA B 1040 -28.38 50.93 23.70
CA ALA B 1040 -28.87 50.79 22.33
C ALA B 1040 -28.43 51.98 21.50
N ILE B 1041 -27.80 51.72 20.35
CA ILE B 1041 -27.35 52.74 19.42
C ILE B 1041 -27.98 52.45 18.07
N VAL B 1042 -28.79 53.39 17.60
CA VAL B 1042 -29.51 53.27 16.33
C VAL B 1042 -28.86 54.20 15.29
N ASN B 1043 -28.37 53.62 14.19
CA ASN B 1043 -27.69 54.36 13.12
C ASN B 1043 -26.60 55.32 13.66
N GLY B 1044 -25.83 54.86 14.64
CA GLY B 1044 -24.76 55.68 15.24
C GLY B 1044 -25.22 56.92 16.03
N GLY B 1045 -26.50 57.00 16.37
CA GLY B 1045 -27.04 58.09 17.18
C GLY B 1045 -26.59 57.96 18.62
N ALA B 1046 -27.10 58.84 19.48
CA ALA B 1046 -26.75 58.82 20.91
C ALA B 1046 -27.30 57.56 21.54
N ALA B 1047 -26.53 56.98 22.46
CA ALA B 1047 -26.95 55.76 23.16
C ALA B 1047 -28.14 56.02 24.09
N SER B 1048 -29.08 55.08 24.11
CA SER B 1048 -30.13 55.06 25.10
C SER B 1048 -29.94 53.81 25.96
N THR B 1049 -30.40 53.87 27.20
CA THR B 1049 -30.18 52.77 28.14
C THR B 1049 -31.28 51.72 27.99
N VAL B 1050 -30.85 50.46 27.96
CA VAL B 1050 -31.74 49.33 27.84
C VAL B 1050 -31.63 48.65 29.19
N THR B 1051 -32.72 48.71 29.96
CA THR B 1051 -32.77 48.14 31.31
C THR B 1051 -33.42 46.76 31.27
N LEU B 1052 -32.67 45.75 31.67
CA LEU B 1052 -33.05 44.35 31.49
C LEU B 1052 -33.19 43.64 32.84
N THR B 1053 -34.43 43.36 33.19
CA THR B 1053 -34.76 42.69 34.44
C THR B 1053 -34.38 41.21 34.43
N SER B 1054 -34.12 40.67 35.62
CA SER B 1054 -33.80 39.26 35.81
C SER B 1054 -35.00 38.57 36.43
N PRO B 1055 -35.44 37.42 35.88
CA PRO B 1055 -36.48 36.63 36.54
C PRO B 1055 -35.95 35.59 37.53
N GLY B 1056 -34.69 35.73 37.97
CA GLY B 1056 -34.11 34.85 38.98
C GLY B 1056 -32.71 34.39 38.61
N MET B 1057 -32.24 33.38 39.34
CA MET B 1057 -30.91 32.80 39.16
C MET B 1057 -31.02 31.62 38.21
N ASN B 1058 -31.45 31.90 36.98
CA ASN B 1058 -31.72 30.86 36.00
C ASN B 1058 -31.48 31.38 34.60
N TRP B 1059 -30.42 30.87 33.97
CA TRP B 1059 -30.03 31.28 32.62
C TRP B 1059 -30.83 30.55 31.50
N ASN B 1060 -31.73 29.63 31.87
CA ASN B 1060 -32.61 28.93 30.93
C ASN B 1060 -33.99 29.58 30.74
N LEU B 1061 -34.18 30.79 31.27
CA LEU B 1061 -35.40 31.58 31.08
C LEU B 1061 -35.09 32.80 30.22
N TRP B 1062 -35.94 33.04 29.24
CA TRP B 1062 -35.78 34.18 28.33
C TRP B 1062 -36.95 35.13 28.49
N ASN B 1063 -36.72 36.41 28.18
CA ASN B 1063 -37.77 37.43 28.22
C ASN B 1063 -37.63 38.33 27.01
N GLU B 1064 -38.65 39.14 26.78
CA GLU B 1064 -38.63 40.15 25.74
C GLU B 1064 -38.43 41.50 26.34
N HIS B 1065 -37.55 42.30 25.77
CA HIS B 1065 -37.49 43.71 26.10
C HIS B 1065 -38.05 44.47 24.91
N THR B 1066 -39.13 45.21 25.13
CA THR B 1066 -39.80 45.98 24.09
C THR B 1066 -39.36 47.43 24.13
N MET B 1067 -39.19 48.02 22.96
CA MET B 1067 -38.82 49.43 22.84
C MET B 1067 -39.20 49.86 21.42
N THR B 1068 -38.97 51.13 21.12
CA THR B 1068 -39.19 51.63 19.78
C THR B 1068 -37.91 52.26 19.30
N ALA B 1069 -37.84 52.42 18.00
CA ALA B 1069 -36.70 53.05 17.37
C ALA B 1069 -37.18 53.78 16.13
N THR B 1070 -36.53 54.90 15.85
CA THR B 1070 -36.76 55.64 14.63
C THR B 1070 -35.78 55.12 13.59
N LEU B 1071 -36.31 54.58 12.50
CA LEU B 1071 -35.50 54.04 11.42
C LEU B 1071 -35.67 54.87 10.17
N THR B 1072 -34.68 54.77 9.27
CA THR B 1072 -34.78 55.30 7.91
C THR B 1072 -35.15 54.18 6.94
N ALA B 1073 -35.58 54.54 5.72
CA ALA B 1073 -35.85 53.54 4.66
C ALA B 1073 -34.55 52.82 4.31
N GLY B 1074 -34.62 51.51 4.09
CA GLY B 1074 -33.43 50.71 3.76
C GLY B 1074 -32.70 50.16 4.98
N ARG B 1075 -31.38 50.08 4.88
CA ARG B 1075 -30.57 49.43 5.87
C ARG B 1075 -30.38 50.34 7.07
N ASN B 1076 -30.55 49.78 8.27
CA ASN B 1076 -30.32 50.50 9.52
C ASN B 1076 -29.40 49.67 10.37
N THR B 1077 -28.66 50.29 11.29
CA THR B 1077 -27.89 49.52 12.27
C THR B 1077 -28.52 49.73 13.64
N ILE B 1078 -28.77 48.64 14.34
CA ILE B 1078 -29.23 48.69 15.73
C ILE B 1078 -28.25 47.86 16.55
N SER B 1079 -27.48 48.54 17.41
CA SER B 1079 -26.46 47.92 18.24
C SER B 1079 -26.83 47.88 19.70
N PHE B 1080 -26.55 46.74 20.33
CA PHE B 1080 -26.64 46.60 21.76
C PHE B 1080 -25.25 46.38 22.33
N ARG B 1081 -24.81 47.30 23.19
CA ARG B 1081 -23.41 47.38 23.60
C ARG B 1081 -23.24 47.62 25.10
N ARG B 1082 -22.23 46.97 25.69
CA ARG B 1082 -21.83 47.30 27.05
C ARG B 1082 -20.82 48.45 27.05
N ASN B 1083 -21.31 49.68 27.17
CA ASN B 1083 -20.45 50.84 27.45
C ASN B 1083 -19.91 50.75 28.88
N SER B 1084 -18.91 51.55 29.19
CA SER B 1084 -18.25 51.48 30.51
C SER B 1084 -19.26 51.67 31.64
N GLY B 1085 -20.24 52.54 31.44
CA GLY B 1085 -21.32 52.76 32.42
C GLY B 1085 -22.34 51.65 32.57
N ASN B 1086 -22.40 50.72 31.61
CA ASN B 1086 -23.39 49.64 31.63
C ASN B 1086 -22.86 48.47 32.40
N SER B 1087 -23.77 47.63 32.89
CA SER B 1087 -23.41 46.43 33.64
C SER B 1087 -23.25 45.18 32.75
N GLY B 1088 -23.94 45.11 31.61
CA GLY B 1088 -23.81 43.94 30.72
C GLY B 1088 -24.23 42.64 31.38
N ASN B 1089 -23.51 41.56 31.11
CA ASN B 1089 -23.81 40.23 31.68
C ASN B 1089 -25.24 39.75 31.45
N VAL B 1090 -25.68 39.90 30.21
CA VAL B 1090 -26.92 39.30 29.74
C VAL B 1090 -26.60 38.55 28.46
N ASN B 1091 -27.50 37.66 28.06
CA ASN B 1091 -27.39 36.90 26.82
C ASN B 1091 -28.49 37.37 25.86
N LEU B 1092 -28.18 37.49 24.58
CA LEU B 1092 -29.13 37.97 23.59
C LEU B 1092 -29.38 36.87 22.57
N ASP B 1093 -30.64 36.75 22.16
CA ASP B 1093 -31.07 35.63 21.30
C ASP B 1093 -31.54 36.06 19.92
N ARG B 1094 -32.33 37.13 19.87
CA ARG B 1094 -33.06 37.52 18.67
C ARG B 1094 -33.65 38.92 18.85
N LEU B 1095 -33.62 39.69 17.76
CA LEU B 1095 -34.32 40.96 17.67
C LEU B 1095 -35.50 40.83 16.72
N ALA B 1096 -36.69 41.18 17.19
CA ALA B 1096 -37.90 41.22 16.36
C ALA B 1096 -38.21 42.67 16.04
N VAL B 1097 -38.67 42.92 14.81
CA VAL B 1097 -38.97 44.27 14.35
C VAL B 1097 -40.30 44.28 13.63
N SER B 1098 -41.14 45.26 13.96
CA SER B 1098 -42.41 45.44 13.31
C SER B 1098 -42.92 46.87 13.38
N ALA B 1099 -43.75 47.24 12.39
CA ALA B 1099 -44.51 48.49 12.42
C ALA B 1099 -45.74 48.37 13.35
N SER B 1100 -46.19 47.15 13.62
CA SER B 1100 -47.30 46.85 14.53
C SER B 1100 -46.77 46.26 15.82
N ALA B 1101 -47.67 45.94 16.75
CA ALA B 1101 -47.28 45.27 17.97
C ALA B 1101 -46.70 43.89 17.62
N ILE B 1102 -45.57 43.55 18.24
CA ILE B 1102 -44.91 42.27 17.99
C ILE B 1102 -45.63 41.13 18.74
N THR B 1103 -45.86 40.04 18.03
CA THR B 1103 -46.50 38.85 18.57
C THR B 1103 -45.56 37.65 18.39
N THR B 1104 -45.98 36.47 18.87
CA THR B 1104 -45.15 35.29 18.77
C THR B 1104 -44.76 34.99 17.32
N LEU B 1105 -43.48 34.72 17.09
CA LEU B 1105 -42.97 34.45 15.74
C LEU B 1105 -43.23 33.00 15.37
N ALA B 1106 -43.58 32.78 14.11
CA ALA B 1106 -43.83 31.44 13.60
C ALA B 1106 -42.63 30.51 13.75
N SER B 1107 -41.40 31.05 13.71
CA SER B 1107 -40.20 30.23 13.84
C SER B 1107 -39.87 29.77 15.28
N GLU B 1108 -40.56 30.35 16.27
CA GLU B 1108 -40.24 30.17 17.68
C GLU B 1108 -41.34 29.39 18.46
N ARG B 1109 -42.25 28.73 17.75
CA ARG B 1109 -43.40 28.06 18.34
C ARG B 1109 -43.06 26.80 19.13
N ASN B 1110 -41.91 26.17 18.86
CA ASN B 1110 -41.52 24.95 19.57
C ASN B 1110 -41.20 25.25 21.05
N LEU B 1111 -41.92 24.59 21.97
CA LEU B 1111 -41.71 24.80 23.39
C LEU B 1111 -40.65 23.87 23.98
N LEU B 1112 -40.20 22.88 23.20
CA LEU B 1112 -39.14 21.97 23.63
C LEU B 1112 -37.77 22.61 23.45
N ASP B 1113 -36.85 22.27 24.34
CA ASP B 1113 -35.43 22.59 24.17
C ASP B 1113 -34.75 21.48 23.40
N ASN B 1114 -33.94 21.85 22.41
CA ASN B 1114 -33.16 20.87 21.63
C ASN B 1114 -34.01 19.73 21.07
N GLY B 1115 -35.21 20.06 20.58
CA GLY B 1115 -36.16 19.04 20.11
C GLY B 1115 -35.73 18.37 18.82
N ASP B 1116 -34.83 19.05 18.09
CA ASP B 1116 -34.25 18.54 16.85
C ASP B 1116 -32.89 17.86 17.04
N PHE B 1117 -32.41 17.81 18.31
CA PHE B 1117 -31.13 17.22 18.70
C PHE B 1117 -29.92 17.82 17.97
N GLU B 1118 -30.05 19.09 17.61
CA GLU B 1118 -29.03 19.77 16.78
C GLU B 1118 -27.91 20.39 17.57
N ARG B 1119 -28.09 20.50 18.89
CA ARG B 1119 -27.07 21.11 19.71
C ARG B 1119 -25.78 20.26 19.69
N ASP B 1120 -24.64 20.95 19.65
CA ASP B 1120 -23.36 20.30 19.84
C ASP B 1120 -23.45 19.43 21.10
N THR B 1121 -23.20 18.14 20.94
CA THR B 1121 -23.40 17.18 22.03
C THR B 1121 -22.44 17.35 23.21
N THR B 1122 -21.43 18.21 23.07
CA THR B 1122 -20.66 18.71 24.22
C THR B 1122 -21.55 19.42 25.24
N TYR B 1123 -22.66 20.01 24.80
CA TYR B 1123 -23.58 20.72 25.68
C TYR B 1123 -24.87 19.96 25.87
N ASN B 1124 -25.37 19.97 27.11
CA ASN B 1124 -26.59 19.26 27.46
C ASN B 1124 -27.85 20.07 27.10
N SER B 1125 -29.01 19.49 27.41
CA SER B 1125 -30.29 20.07 27.08
C SER B 1125 -31.32 19.65 28.14
N ASN B 1126 -32.55 20.12 27.98
CA ASN B 1126 -33.65 19.76 28.90
C ASN B 1126 -34.12 18.29 28.72
N TRP B 1127 -33.58 17.57 27.73
CA TRP B 1127 -33.82 16.10 27.63
C TRP B 1127 -33.15 15.38 28.78
N THR B 1128 -33.86 14.42 29.37
CA THR B 1128 -33.28 13.49 30.34
C THR B 1128 -33.45 12.10 29.80
N GLN B 1129 -32.68 11.16 30.33
CA GLN B 1129 -32.77 9.79 29.86
C GLN B 1129 -32.97 8.82 31.01
N TRP B 1130 -33.54 7.67 30.70
CA TRP B 1130 -33.69 6.62 31.69
C TRP B 1130 -33.42 5.28 31.04
N GLN B 1131 -32.78 4.39 31.80
CA GLN B 1131 -32.69 2.98 31.43
C GLN B 1131 -32.66 2.15 32.71
N PRO B 1132 -32.90 0.83 32.62
CA PRO B 1132 -32.90 0.05 33.86
C PRO B 1132 -31.60 0.13 34.64
N SER B 1133 -31.70 -0.01 35.96
CA SER B 1133 -30.54 -0.09 36.83
C SER B 1133 -29.54 -1.15 36.31
N GLY B 1134 -28.26 -0.78 36.28
CA GLY B 1134 -27.22 -1.68 35.79
C GLY B 1134 -27.15 -1.93 34.29
N GLN B 1135 -27.98 -1.25 33.49
CA GLN B 1135 -27.94 -1.41 32.04
C GLN B 1135 -27.19 -0.19 31.49
N PRO B 1136 -26.25 -0.41 30.57
CA PRO B 1136 -25.67 0.76 29.89
C PRO B 1136 -26.72 1.50 29.03
N SER B 1137 -26.58 2.82 28.94
CA SER B 1137 -27.44 3.63 28.07
C SER B 1137 -27.43 3.07 26.66
N ALA B 1138 -28.61 2.96 26.05
CA ALA B 1138 -28.72 2.61 24.63
C ALA B 1138 -28.93 3.87 23.78
N PHE B 1139 -28.78 5.05 24.39
CA PHE B 1139 -29.18 6.32 23.77
C PHE B 1139 -27.96 7.17 23.44
N GLY B 1140 -27.97 7.75 22.25
CA GLY B 1140 -26.99 8.79 21.90
C GLY B 1140 -27.53 9.72 20.85
N ILE B 1141 -26.74 10.70 20.47
CA ILE B 1141 -27.09 11.62 19.39
C ILE B 1141 -25.87 11.70 18.48
N ASP B 1142 -26.08 11.47 17.17
CA ASP B 1142 -25.05 11.74 16.16
C ASP B 1142 -25.68 11.88 14.76
N SER B 1143 -24.87 11.88 13.70
CA SER B 1143 -25.36 12.17 12.36
C SER B 1143 -25.68 10.95 11.52
N GLY B 1144 -25.19 9.78 11.91
CA GLY B 1144 -25.35 8.55 11.10
C GLY B 1144 -24.47 8.46 9.85
N ASN B 1145 -23.49 9.35 9.74
CA ASN B 1145 -22.63 9.41 8.53
C ASN B 1145 -21.49 8.37 8.59
N ALA B 1146 -21.21 7.81 9.77
CA ALA B 1146 -20.27 6.69 9.92
C ALA B 1146 -20.78 5.36 9.31
N LEU B 1147 -22.07 5.26 9.03
CA LEU B 1147 -22.66 4.02 8.49
C LEU B 1147 -22.64 4.05 6.98
N HIS B 1148 -22.64 2.86 6.38
CA HIS B 1148 -22.58 2.68 4.93
C HIS B 1148 -23.70 1.75 4.49
N PRO B 1149 -24.75 2.28 3.81
CA PRO B 1149 -24.99 3.70 3.48
C PRO B 1149 -25.34 4.53 4.73
N PRO B 1150 -25.26 5.87 4.64
CA PRO B 1150 -25.64 6.72 5.80
C PRO B 1150 -27.08 6.48 6.29
N GLU B 1151 -27.28 6.47 7.61
CA GLU B 1151 -28.63 6.51 8.22
C GLU B 1151 -28.80 7.89 8.84
N GLY B 1152 -29.15 8.85 8.00
CA GLY B 1152 -29.06 10.27 8.36
C GLY B 1152 -30.14 10.80 9.30
N PRO B 1153 -30.11 12.10 9.58
CA PRO B 1153 -31.18 12.75 10.35
C PRO B 1153 -32.40 12.98 9.48
N ALA B 1154 -33.52 13.31 10.12
CA ALA B 1154 -34.71 13.75 9.39
C ALA B 1154 -34.47 15.17 8.84
N ARG B 1155 -33.84 16.02 9.65
CA ARG B 1155 -33.51 17.39 9.26
C ARG B 1155 -32.17 17.81 9.86
N ARG B 1156 -31.49 18.67 9.12
CA ARG B 1156 -30.23 19.25 9.53
C ARG B 1156 -29.15 18.17 9.79
N ASN B 1157 -28.46 18.18 10.92
CA ASN B 1157 -27.23 17.41 11.07
C ASN B 1157 -27.30 16.18 11.97
N GLN B 1158 -28.23 16.15 12.92
CA GLN B 1158 -28.19 15.19 14.00
C GLN B 1158 -29.58 14.59 14.30
N ARG B 1159 -29.57 13.38 14.86
CA ARG B 1159 -30.78 12.76 15.36
C ARG B 1159 -30.44 11.85 16.52
N ALA B 1160 -31.38 11.69 17.44
CA ALA B 1160 -31.21 10.77 18.57
C ALA B 1160 -31.35 9.35 18.05
N TYR B 1161 -30.67 8.41 18.70
CA TYR B 1161 -30.85 6.99 18.42
C TYR B 1161 -30.97 6.19 19.72
N PHE B 1162 -31.75 5.11 19.67
CA PHE B 1162 -31.70 4.05 20.67
C PHE B 1162 -31.17 2.83 19.95
N HIS B 1163 -30.13 2.22 20.52
CA HIS B 1163 -29.60 0.98 19.97
C HIS B 1163 -28.77 0.21 20.97
N SER B 1164 -28.92 -1.11 20.93
CA SER B 1164 -28.07 -2.03 21.68
C SER B 1164 -28.09 -3.39 20.99
N ASP B 1165 -26.99 -4.11 21.16
CA ASP B 1165 -26.86 -5.49 20.68
C ASP B 1165 -27.51 -6.47 21.66
N ASN B 1166 -27.69 -6.05 22.90
CA ASN B 1166 -28.37 -6.83 23.93
C ASN B 1166 -29.82 -6.35 24.12
N ALA B 1167 -30.64 -7.18 24.79
CA ALA B 1167 -31.97 -6.74 25.23
C ALA B 1167 -31.84 -5.45 25.97
N TYR B 1168 -32.72 -4.50 25.68
CA TYR B 1168 -32.67 -3.21 26.37
C TYR B 1168 -34.03 -2.53 26.54
N GLN B 1169 -34.08 -1.67 27.53
CA GLN B 1169 -35.11 -0.68 27.66
C GLN B 1169 -34.39 0.65 27.70
N GLN B 1170 -35.03 1.67 27.14
CA GLN B 1170 -34.48 3.00 27.06
C GLN B 1170 -35.60 4.00 26.88
N SER B 1171 -35.45 5.15 27.51
CA SER B 1171 -36.34 6.28 27.24
C SER B 1171 -35.58 7.57 27.25
N ILE B 1172 -36.14 8.56 26.57
CA ILE B 1172 -35.81 9.94 26.84
C ILE B 1172 -37.08 10.71 27.12
N HIS B 1173 -36.96 11.71 28.00
CA HIS B 1173 -38.09 12.55 28.39
C HIS B 1173 -37.67 14.01 28.46
N GLN B 1174 -38.64 14.88 28.26
CA GLN B 1174 -38.47 16.27 28.50
C GLN B 1174 -39.76 16.88 29.07
N VAL B 1175 -39.62 17.62 30.17
CA VAL B 1175 -40.76 18.29 30.80
C VAL B 1175 -40.63 19.79 30.63
N VAL B 1176 -41.71 20.41 30.17
CA VAL B 1176 -41.78 21.87 30.06
C VAL B 1176 -43.07 22.46 30.67
N ASP B 1177 -42.92 23.60 31.35
CA ASP B 1177 -44.06 24.42 31.77
C ASP B 1177 -44.54 25.15 30.53
N VAL B 1178 -45.82 25.00 30.20
CA VAL B 1178 -46.40 25.64 29.02
C VAL B 1178 -46.67 27.12 29.28
N PRO B 1179 -46.69 27.94 28.20
CA PRO B 1179 -46.95 29.37 28.35
C PRO B 1179 -48.38 29.70 28.79
N VAL B 1180 -49.37 28.93 28.32
CA VAL B 1180 -50.79 29.16 28.56
C VAL B 1180 -51.40 27.85 29.07
N ASN B 1181 -51.73 27.81 30.37
CA ASN B 1181 -52.44 26.66 30.96
C ASN B 1181 -53.91 26.69 30.52
N ASN B 1182 -54.61 25.56 30.65
CA ASN B 1182 -56.02 25.42 30.24
C ASN B 1182 -56.17 25.64 28.74
N ALA B 1183 -55.31 24.97 28.00
CA ALA B 1183 -55.19 25.15 26.56
C ALA B 1183 -54.64 23.87 25.93
N THR B 1184 -54.88 23.74 24.63
CA THR B 1184 -54.58 22.53 23.92
C THR B 1184 -53.21 22.62 23.21
N TYR B 1185 -52.43 21.55 23.35
CA TYR B 1185 -51.09 21.43 22.75
C TYR B 1185 -50.99 20.19 21.84
N ARG B 1186 -49.87 20.10 21.14
CA ARG B 1186 -49.71 19.11 20.08
C ARG B 1186 -48.24 18.69 20.04
N LEU B 1187 -48.00 17.38 20.05
CA LEU B 1187 -46.67 16.81 19.91
C LEU B 1187 -46.54 16.24 18.51
N GLU B 1188 -45.43 16.58 17.86
CA GLU B 1188 -45.07 16.02 16.55
C GLU B 1188 -43.60 15.60 16.56
N ALA B 1189 -43.30 14.50 15.88
CA ALA B 1189 -41.93 14.03 15.76
C ALA B 1189 -41.75 13.20 14.50
N LYS B 1190 -40.49 13.11 14.07
CA LYS B 1190 -40.08 12.14 13.06
C LYS B 1190 -39.45 10.94 13.78
N VAL B 1191 -39.86 9.75 13.35
CA VAL B 1191 -39.34 8.50 13.92
C VAL B 1191 -39.05 7.52 12.80
N ARG B 1192 -37.96 6.77 12.95
CA ARG B 1192 -37.57 5.71 12.03
C ARG B 1192 -37.12 4.50 12.83
N MET B 1193 -37.66 3.34 12.51
CA MET B 1193 -37.32 2.11 13.21
C MET B 1193 -36.84 1.04 12.23
N LYS B 1194 -35.78 0.33 12.64
CA LYS B 1194 -35.19 -0.75 11.86
C LYS B 1194 -34.80 -1.92 12.77
N ASN B 1195 -34.46 -3.05 12.13
CA ASN B 1195 -33.93 -4.24 12.81
C ASN B 1195 -35.02 -4.94 13.64
N THR B 1196 -34.69 -5.59 14.74
CA THR B 1196 -35.67 -6.47 15.42
C THR B 1196 -36.89 -5.69 15.94
N THR B 1197 -38.09 -6.18 15.63
CA THR B 1197 -39.32 -5.61 16.14
C THR B 1197 -39.27 -5.62 17.67
N PRO B 1198 -39.44 -4.45 18.31
CA PRO B 1198 -39.35 -4.46 19.76
C PRO B 1198 -40.66 -4.93 20.41
N THR B 1199 -40.61 -5.15 21.73
CA THR B 1199 -41.79 -5.52 22.52
C THR B 1199 -42.75 -4.33 22.61
N THR B 1200 -42.18 -3.14 22.88
CA THR B 1200 -42.91 -1.90 22.97
C THR B 1200 -42.03 -0.78 22.40
N ALA B 1201 -42.64 0.12 21.64
CA ALA B 1201 -41.97 1.32 21.18
C ALA B 1201 -43.06 2.35 20.92
N ARG B 1202 -42.92 3.51 21.54
CA ARG B 1202 -43.96 4.52 21.46
C ARG B 1202 -43.47 5.91 21.83
N ALA B 1203 -44.18 6.92 21.32
CA ALA B 1203 -44.08 8.29 21.81
C ALA B 1203 -45.09 8.40 22.96
N GLU B 1204 -44.79 9.24 23.95
CA GLU B 1204 -45.57 9.37 25.19
C GLU B 1204 -45.84 10.84 25.51
N VAL B 1205 -47.07 11.17 25.90
CA VAL B 1205 -47.38 12.45 26.52
C VAL B 1205 -48.05 12.18 27.87
N GLN B 1206 -47.51 12.78 28.93
CA GLN B 1206 -48.08 12.62 30.27
C GLN B 1206 -47.84 13.85 31.17
N GLY B 1207 -48.50 13.87 32.33
CA GLY B 1207 -48.33 14.94 33.33
C GLY B 1207 -49.01 16.24 32.99
N HIS B 1208 -49.84 16.21 31.98
CA HIS B 1208 -50.57 17.36 31.49
C HIS B 1208 -51.88 17.58 32.27
N GLY B 1209 -52.26 16.63 33.13
CA GLY B 1209 -53.51 16.71 33.88
C GLY B 1209 -54.43 15.55 33.58
N GLY B 1210 -54.26 14.92 32.43
CA GLY B 1210 -55.01 13.73 32.05
C GLY B 1210 -54.16 12.47 32.14
N SER B 1211 -54.74 11.36 31.69
CA SER B 1211 -54.05 10.07 31.68
C SER B 1211 -53.08 10.04 30.47
N PRO B 1212 -52.04 9.20 30.54
CA PRO B 1212 -51.01 9.20 29.48
C PRO B 1212 -51.55 8.91 28.09
N ILE B 1213 -51.01 9.62 27.09
CA ILE B 1213 -51.36 9.40 25.69
C ILE B 1213 -50.13 8.81 25.00
N TYR B 1214 -50.36 7.74 24.23
CA TYR B 1214 -49.32 6.99 23.58
C TYR B 1214 -49.55 6.94 22.09
N ALA B 1215 -48.46 7.02 21.32
CA ALA B 1215 -48.46 6.73 19.88
C ALA B 1215 -47.41 5.67 19.60
N ASN B 1216 -47.87 4.48 19.22
CA ASN B 1216 -46.98 3.35 18.98
C ASN B 1216 -46.19 3.59 17.70
N ILE B 1217 -44.92 3.17 17.71
CA ILE B 1217 -44.02 3.31 16.59
C ILE B 1217 -43.85 1.94 15.98
N SER B 1218 -44.22 1.77 14.71
CA SER B 1218 -44.13 0.45 14.10
C SER B 1218 -42.92 0.34 13.20
N ASN B 1219 -42.43 -0.89 13.07
CA ASN B 1219 -41.13 -1.19 12.50
C ASN B 1219 -41.20 -1.10 10.97
N ASP B 1220 -40.73 0.01 10.41
CA ASP B 1220 -40.87 0.24 8.96
C ASP B 1220 -39.57 0.39 8.16
N GLY B 1221 -38.52 0.95 8.76
CA GLY B 1221 -37.24 1.17 8.06
C GLY B 1221 -37.06 2.61 7.60
N VAL B 1222 -38.15 3.37 7.57
CA VAL B 1222 -38.19 4.72 6.97
C VAL B 1222 -38.65 5.75 8.00
N TRP B 1223 -38.35 7.03 7.72
CA TRP B 1223 -38.82 8.13 8.54
C TRP B 1223 -40.34 8.24 8.43
N LYS B 1224 -41.02 8.27 9.58
CA LYS B 1224 -42.47 8.50 9.66
C LYS B 1224 -42.72 9.67 10.59
N THR B 1225 -43.82 10.38 10.37
CA THR B 1225 -44.23 11.42 11.28
C THR B 1225 -45.18 10.82 12.32
N ILE B 1226 -44.96 11.17 13.58
CA ILE B 1226 -45.83 10.75 14.67
C ILE B 1226 -46.45 12.01 15.30
N VAL B 1227 -47.76 11.99 15.49
CA VAL B 1227 -48.51 13.11 16.02
C VAL B 1227 -49.35 12.66 17.22
N ILE B 1228 -49.26 13.39 18.32
CA ILE B 1228 -50.23 13.31 19.43
C ILE B 1228 -50.82 14.72 19.56
N ASP B 1229 -52.05 14.88 19.06
CA ASP B 1229 -52.79 16.14 19.06
C ASP B 1229 -53.77 16.15 20.26
N ASN B 1230 -54.43 17.29 20.47
CA ASN B 1230 -55.49 17.43 21.48
C ASN B 1230 -55.00 17.13 22.88
N ILE B 1231 -53.81 17.63 23.21
CA ILE B 1231 -53.26 17.48 24.54
C ILE B 1231 -53.90 18.61 25.34
N ASN B 1232 -54.89 18.29 26.17
CA ASN B 1232 -55.59 19.32 26.93
C ASN B 1232 -54.83 19.50 28.23
N VAL B 1233 -54.06 20.58 28.32
CA VAL B 1233 -53.17 20.79 29.45
C VAL B 1233 -53.88 21.60 30.52
N THR B 1234 -53.97 21.03 31.72
CA THR B 1234 -54.54 21.70 32.90
C THR B 1234 -53.59 21.77 34.10
N SER B 1235 -52.51 20.99 34.08
CA SER B 1235 -51.52 20.99 35.14
C SER B 1235 -50.49 22.11 35.01
N GLY B 1236 -50.50 22.83 33.89
CA GLY B 1236 -49.46 23.85 33.64
C GLY B 1236 -48.16 23.32 33.03
N SER B 1237 -48.08 22.01 32.78
CA SER B 1237 -46.89 21.43 32.15
C SER B 1237 -47.15 20.11 31.42
N VAL B 1238 -46.21 19.74 30.54
CA VAL B 1238 -46.31 18.55 29.71
C VAL B 1238 -44.98 17.79 29.75
N ASP B 1239 -45.04 16.48 29.89
CA ASP B 1239 -43.89 15.58 29.80
C ASP B 1239 -44.01 14.84 28.49
N VAL B 1240 -43.04 15.03 27.59
CA VAL B 1240 -43.01 14.29 26.32
C VAL B 1240 -41.87 13.30 26.38
N GLY B 1241 -42.03 12.17 25.73
CA GLY B 1241 -40.99 11.16 25.73
C GLY B 1241 -41.13 10.09 24.69
N PHE B 1242 -40.08 9.26 24.64
CA PHE B 1242 -40.00 8.11 23.74
C PHE B 1242 -39.41 6.95 24.52
N TYR B 1243 -39.98 5.78 24.30
CA TYR B 1243 -39.67 4.57 25.07
C TYR B 1243 -39.59 3.36 24.17
N VAL B 1244 -38.56 2.55 24.36
CA VAL B 1244 -38.42 1.26 23.68
C VAL B 1244 -38.10 0.17 24.71
N ASP B 1245 -38.74 -0.98 24.54
CA ASP B 1245 -38.43 -2.20 25.27
C ASP B 1245 -38.12 -3.19 24.16
N SER B 1246 -36.86 -3.63 24.05
CA SER B 1246 -36.43 -4.45 22.88
C SER B 1246 -35.73 -5.73 23.32
N PRO B 1247 -35.97 -6.84 22.60
CA PRO B 1247 -35.23 -8.08 22.88
C PRO B 1247 -33.76 -8.01 22.40
N GLY B 1248 -33.40 -6.96 21.64
CA GLY B 1248 -32.03 -6.72 21.20
C GLY B 1248 -32.03 -6.24 19.77
N TYR B 1249 -31.00 -5.46 19.41
CA TYR B 1249 -30.78 -4.98 18.03
C TYR B 1249 -31.78 -3.98 17.42
N THR B 1250 -32.90 -3.69 18.10
CA THR B 1250 -33.83 -2.67 17.61
C THR B 1250 -33.10 -1.33 17.55
N THR B 1251 -33.24 -0.62 16.43
CA THR B 1251 -32.75 0.74 16.31
C THR B 1251 -33.92 1.68 16.06
N LEU B 1252 -34.06 2.66 16.94
CA LEU B 1252 -35.02 3.75 16.79
C LEU B 1252 -34.23 5.03 16.56
N HIS B 1253 -34.62 5.79 15.54
CA HIS B 1253 -34.13 7.15 15.36
C HIS B 1253 -35.27 8.12 15.63
N ILE B 1254 -34.95 9.18 16.33
CA ILE B 1254 -35.89 10.21 16.70
C ILE B 1254 -35.31 11.57 16.30
N ASP B 1255 -36.15 12.38 15.69
CA ASP B 1255 -35.76 13.70 15.25
C ASP B 1255 -36.93 14.70 15.16
N GLU B 1256 -36.58 15.98 15.16
CA GLU B 1256 -37.52 17.05 14.86
C GLU B 1256 -38.77 17.00 15.76
N VAL B 1257 -38.53 16.85 17.06
CA VAL B 1257 -39.61 16.76 18.05
C VAL B 1257 -40.09 18.17 18.33
N THR B 1258 -41.40 18.42 18.24
CA THR B 1258 -41.94 19.73 18.53
C THR B 1258 -43.17 19.62 19.41
N LEU B 1259 -43.28 20.53 20.38
CA LEU B 1259 -44.47 20.71 21.20
C LEU B 1259 -44.95 22.13 20.94
N THR B 1260 -46.15 22.25 20.42
CA THR B 1260 -46.71 23.56 20.07
C THR B 1260 -48.16 23.72 20.55
N ARG B 1261 -48.52 24.97 20.79
CA ARG B 1261 -49.90 25.38 21.02
C ARG B 1261 -50.70 24.95 19.79
N ALA B 1262 -51.86 24.32 20.01
CA ALA B 1262 -52.59 23.66 18.93
C ALA B 1262 -53.14 24.69 17.93
N PRO B 1263 -52.81 24.55 16.62
CA PRO B 1263 -53.41 25.48 15.64
C PRO B 1263 -54.92 25.27 15.49
#